data_440D
# 
_entry.id   440D 
# 
_audit_conform.dict_name       mmcif_pdbx.dic 
_audit_conform.dict_version    5.387 
_audit_conform.dict_location   http://mmcif.pdb.org/dictionaries/ascii/mmcif_pdbx.dic 
# 
loop_
_database_2.database_id 
_database_2.database_code 
_database_2.pdbx_database_accession 
_database_2.pdbx_DOI 
PDB   440D         pdb_0000440d 10.2210/pdb440d/pdb 
RCSB  AD0003       ?            ?                   
WWPDB D_1000179233 ?            ?                   
# 
loop_
_pdbx_audit_revision_history.ordinal 
_pdbx_audit_revision_history.data_content_type 
_pdbx_audit_revision_history.major_revision 
_pdbx_audit_revision_history.minor_revision 
_pdbx_audit_revision_history.revision_date 
1 'Structure model' 1 0 1999-01-15 
2 'Structure model' 1 1 2008-05-22 
3 'Structure model' 1 2 2011-07-13 
4 'Structure model' 1 3 2014-11-19 
5 'Structure model' 1 4 2024-02-28 
# 
_pdbx_audit_revision_details.ordinal             1 
_pdbx_audit_revision_details.revision_ordinal    1 
_pdbx_audit_revision_details.data_content_type   'Structure model' 
_pdbx_audit_revision_details.provider            repository 
_pdbx_audit_revision_details.type                'Initial release' 
_pdbx_audit_revision_details.description         ? 
_pdbx_audit_revision_details.details             ? 
# 
loop_
_pdbx_audit_revision_group.ordinal 
_pdbx_audit_revision_group.revision_ordinal 
_pdbx_audit_revision_group.data_content_type 
_pdbx_audit_revision_group.group 
1 2 'Structure model' 'Version format compliance' 
2 3 'Structure model' 'Version format compliance' 
3 4 'Structure model' Other                       
4 5 'Structure model' 'Data collection'           
5 5 'Structure model' 'Database references'       
6 5 'Structure model' 'Refinement description'    
# 
loop_
_pdbx_audit_revision_category.ordinal 
_pdbx_audit_revision_category.revision_ordinal 
_pdbx_audit_revision_category.data_content_type 
_pdbx_audit_revision_category.category 
1 5 'Structure model' chem_comp_atom 
2 5 'Structure model' chem_comp_bond 
3 5 'Structure model' database_2     
4 5 'Structure model' software       
# 
loop_
_pdbx_audit_revision_item.ordinal 
_pdbx_audit_revision_item.revision_ordinal 
_pdbx_audit_revision_item.data_content_type 
_pdbx_audit_revision_item.item 
1 5 'Structure model' '_database_2.pdbx_DOI'                
2 5 'Structure model' '_database_2.pdbx_database_accession' 
3 5 'Structure model' '_software.name'                      
# 
_pdbx_database_status.status_code                     REL 
_pdbx_database_status.entry_id                        440D 
_pdbx_database_status.recvd_initial_deposition_date   1999-01-13 
_pdbx_database_status.deposit_site                    NDB 
_pdbx_database_status.process_site                    NDB 
_pdbx_database_status.status_code_sf                  REL 
_pdbx_database_status.status_code_mr                  ? 
_pdbx_database_status.SG_entry                        ? 
_pdbx_database_status.status_code_cs                  ? 
_pdbx_database_status.methods_development_category    ? 
_pdbx_database_status.pdb_format_compatible           Y 
_pdbx_database_status.status_code_nmr_data            ? 
# 
loop_
_audit_author.name 
_audit_author.pdbx_ordinal 
'Gao, Y.-G.'     1 
'Robinson, H.H.' 2 
'Wang, A.H.-J.'  3 
# 
_citation.id                        primary 
_citation.title                     
'High-resolution A-DNA crystal structures of d(AGGGGCCCCT). An A-DNA model of poly(dG) x poly(dC).' 
_citation.journal_abbrev            Eur.J.Biochem. 
_citation.journal_volume            261 
_citation.page_first                413 
_citation.page_last                 420 
_citation.year                      1999 
_citation.journal_id_ASTM           EJBCAI 
_citation.country                   IX 
_citation.journal_id_ISSN           0014-2956 
_citation.journal_id_CSD            0262 
_citation.book_publisher            ? 
_citation.pdbx_database_id_PubMed   10215851 
_citation.pdbx_database_id_DOI      10.1046/j.1432-1327.1999.00270.x 
# 
loop_
_citation_author.citation_id 
_citation_author.name 
_citation_author.ordinal 
_citation_author.identifier_ORCID 
primary 'Gao, Y.G.'    1 ? 
primary 'Robinson, H.' 2 ? 
primary 'Wang, A.H.'   3 ? 
# 
loop_
_entity.id 
_entity.type 
_entity.src_method 
_entity.pdbx_description 
_entity.formula_weight 
_entity.pdbx_number_of_molecules 
_entity.pdbx_ec 
_entity.pdbx_mutation 
_entity.pdbx_fragment 
_entity.details 
1 polymer syn 
;DNA (5'-D(*AP*GP*GP*GP*GP*CP*CP*CP*CP*T)-3')
;
3045.992 2   ? ? ? ? 
2 water   nat water                                          18.015   135 ? ? ? ? 
# 
_entity_poly.entity_id                      1 
_entity_poly.type                           polydeoxyribonucleotide 
_entity_poly.nstd_linkage                   no 
_entity_poly.nstd_monomer                   no 
_entity_poly.pdbx_seq_one_letter_code       '(DA)(DG)(DG)(DG)(DG)(DC)(DC)(DC)(DC)(DT)' 
_entity_poly.pdbx_seq_one_letter_code_can   AGGGGCCCCT 
_entity_poly.pdbx_strand_id                 A,B 
_entity_poly.pdbx_target_identifier         ? 
# 
_pdbx_entity_nonpoly.entity_id   2 
_pdbx_entity_nonpoly.name        water 
_pdbx_entity_nonpoly.comp_id     HOH 
# 
loop_
_entity_poly_seq.entity_id 
_entity_poly_seq.num 
_entity_poly_seq.mon_id 
_entity_poly_seq.hetero 
1 1  DA n 
1 2  DG n 
1 3  DG n 
1 4  DG n 
1 5  DG n 
1 6  DC n 
1 7  DC n 
1 8  DC n 
1 9  DC n 
1 10 DT n 
# 
loop_
_chem_comp.id 
_chem_comp.type 
_chem_comp.mon_nstd_flag 
_chem_comp.name 
_chem_comp.pdbx_synonyms 
_chem_comp.formula 
_chem_comp.formula_weight 
DA  'DNA linking' y "2'-DEOXYADENOSINE-5'-MONOPHOSPHATE" ? 'C10 H14 N5 O6 P' 331.222 
DC  'DNA linking' y "2'-DEOXYCYTIDINE-5'-MONOPHOSPHATE"  ? 'C9 H14 N3 O7 P'  307.197 
DG  'DNA linking' y "2'-DEOXYGUANOSINE-5'-MONOPHOSPHATE" ? 'C10 H14 N5 O7 P' 347.221 
DT  'DNA linking' y "THYMIDINE-5'-MONOPHOSPHATE"         ? 'C10 H15 N2 O8 P' 322.208 
HOH non-polymer   . WATER                                ? 'H2 O'            18.015  
# 
loop_
_pdbx_poly_seq_scheme.asym_id 
_pdbx_poly_seq_scheme.entity_id 
_pdbx_poly_seq_scheme.seq_id 
_pdbx_poly_seq_scheme.mon_id 
_pdbx_poly_seq_scheme.ndb_seq_num 
_pdbx_poly_seq_scheme.pdb_seq_num 
_pdbx_poly_seq_scheme.auth_seq_num 
_pdbx_poly_seq_scheme.pdb_mon_id 
_pdbx_poly_seq_scheme.auth_mon_id 
_pdbx_poly_seq_scheme.pdb_strand_id 
_pdbx_poly_seq_scheme.pdb_ins_code 
_pdbx_poly_seq_scheme.hetero 
A 1 1  DA 1  1  1  DA A A . n 
A 1 2  DG 2  2  2  DG G A . n 
A 1 3  DG 3  3  3  DG G A . n 
A 1 4  DG 4  4  4  DG G A . n 
A 1 5  DG 5  5  5  DG G A . n 
A 1 6  DC 6  6  6  DC C A . n 
A 1 7  DC 7  7  7  DC C A . n 
A 1 8  DC 8  8  8  DC C A . n 
A 1 9  DC 9  9  9  DC C A . n 
A 1 10 DT 10 10 10 DT T A . n 
B 1 1  DA 1  11 11 DA A B . n 
B 1 2  DG 2  12 12 DG G B . n 
B 1 3  DG 3  13 13 DG G B . n 
B 1 4  DG 4  14 14 DG G B . n 
B 1 5  DG 5  15 15 DG G B . n 
B 1 6  DC 6  16 16 DC C B . n 
B 1 7  DC 7  17 17 DC C B . n 
B 1 8  DC 8  18 18 DC C B . n 
B 1 9  DC 9  19 19 DC C B . n 
B 1 10 DT 10 20 20 DT T B . n 
# 
loop_
_pdbx_nonpoly_scheme.asym_id 
_pdbx_nonpoly_scheme.entity_id 
_pdbx_nonpoly_scheme.mon_id 
_pdbx_nonpoly_scheme.ndb_seq_num 
_pdbx_nonpoly_scheme.pdb_seq_num 
_pdbx_nonpoly_scheme.auth_seq_num 
_pdbx_nonpoly_scheme.pdb_mon_id 
_pdbx_nonpoly_scheme.auth_mon_id 
_pdbx_nonpoly_scheme.pdb_strand_id 
_pdbx_nonpoly_scheme.pdb_ins_code 
C 2 HOH 1  101 101 HOH HOH A . 
C 2 HOH 2  102 102 HOH HOH A . 
C 2 HOH 3  103 103 HOH HOH A . 
C 2 HOH 4  104 104 HOH HOH A . 
C 2 HOH 5  105 105 HOH HOH A . 
C 2 HOH 6  108 108 HOH HOH A . 
C 2 HOH 7  109 109 HOH HOH A . 
C 2 HOH 8  111 111 HOH HOH A . 
C 2 HOH 9  119 119 HOH HOH A . 
C 2 HOH 10 120 120 HOH HOH A . 
C 2 HOH 11 123 123 HOH HOH A . 
C 2 HOH 12 124 124 HOH HOH A . 
C 2 HOH 13 126 126 HOH HOH A . 
C 2 HOH 14 132 132 HOH HOH A . 
C 2 HOH 15 133 133 HOH HOH A . 
C 2 HOH 16 135 135 HOH HOH A . 
C 2 HOH 17 136 136 HOH HOH A . 
C 2 HOH 18 138 138 HOH HOH A . 
C 2 HOH 19 139 139 HOH HOH A . 
C 2 HOH 20 140 140 HOH HOH A . 
C 2 HOH 21 143 143 HOH HOH A . 
C 2 HOH 22 147 147 HOH HOH A . 
C 2 HOH 23 150 150 HOH HOH A . 
C 2 HOH 24 153 153 HOH HOH A . 
C 2 HOH 25 155 155 HOH HOH A . 
C 2 HOH 26 158 158 HOH HOH A . 
C 2 HOH 27 161 161 HOH HOH A . 
C 2 HOH 28 163 163 HOH HOH A . 
C 2 HOH 29 164 164 HOH HOH A . 
C 2 HOH 30 167 167 HOH HOH A . 
C 2 HOH 31 169 169 HOH HOH A . 
C 2 HOH 32 171 171 HOH HOH A . 
C 2 HOH 33 181 181 HOH HOH A . 
C 2 HOH 34 182 182 HOH HOH A . 
C 2 HOH 35 183 183 HOH HOH A . 
C 2 HOH 36 184 184 HOH HOH A . 
C 2 HOH 37 185 185 HOH HOH A . 
C 2 HOH 38 188 188 HOH HOH A . 
C 2 HOH 39 189 189 HOH HOH A . 
C 2 HOH 40 192 192 HOH HOH A . 
C 2 HOH 41 193 193 HOH HOH A . 
C 2 HOH 42 194 194 HOH HOH A . 
C 2 HOH 43 195 195 HOH HOH A . 
C 2 HOH 44 196 196 HOH HOH A . 
C 2 HOH 45 199 199 HOH HOH A . 
C 2 HOH 46 200 200 HOH HOH A . 
C 2 HOH 47 203 203 HOH HOH A . 
C 2 HOH 48 204 204 HOH HOH A . 
C 2 HOH 49 211 211 HOH HOH A . 
C 2 HOH 50 215 215 HOH HOH A . 
C 2 HOH 51 218 218 HOH HOH A . 
C 2 HOH 52 219 219 HOH HOH A . 
C 2 HOH 53 220 220 HOH HOH A . 
C 2 HOH 54 222 222 HOH HOH A . 
C 2 HOH 55 224 224 HOH HOH A . 
C 2 HOH 56 225 225 HOH HOH A . 
C 2 HOH 57 227 227 HOH HOH A . 
C 2 HOH 58 228 228 HOH HOH A . 
C 2 HOH 59 229 229 HOH HOH A . 
D 2 HOH 1  106 106 HOH HOH B . 
D 2 HOH 2  107 107 HOH HOH B . 
D 2 HOH 3  110 110 HOH HOH B . 
D 2 HOH 4  112 112 HOH HOH B . 
D 2 HOH 5  113 113 HOH HOH B . 
D 2 HOH 6  114 114 HOH HOH B . 
D 2 HOH 7  115 115 HOH HOH B . 
D 2 HOH 8  116 116 HOH HOH B . 
D 2 HOH 9  117 117 HOH HOH B . 
D 2 HOH 10 118 118 HOH HOH B . 
D 2 HOH 11 121 121 HOH HOH B . 
D 2 HOH 12 122 122 HOH HOH B . 
D 2 HOH 13 125 125 HOH HOH B . 
D 2 HOH 14 127 127 HOH HOH B . 
D 2 HOH 15 128 128 HOH HOH B . 
D 2 HOH 16 129 129 HOH HOH B . 
D 2 HOH 17 130 130 HOH HOH B . 
D 2 HOH 18 131 131 HOH HOH B . 
D 2 HOH 19 134 134 HOH HOH B . 
D 2 HOH 20 137 137 HOH HOH B . 
D 2 HOH 21 141 141 HOH HOH B . 
D 2 HOH 22 142 142 HOH HOH B . 
D 2 HOH 23 144 144 HOH HOH B . 
D 2 HOH 24 145 145 HOH HOH B . 
D 2 HOH 25 146 146 HOH HOH B . 
D 2 HOH 26 148 148 HOH HOH B . 
D 2 HOH 27 149 149 HOH HOH B . 
D 2 HOH 28 151 151 HOH HOH B . 
D 2 HOH 29 152 152 HOH HOH B . 
D 2 HOH 30 154 154 HOH HOH B . 
D 2 HOH 31 156 156 HOH HOH B . 
D 2 HOH 32 157 157 HOH HOH B . 
D 2 HOH 33 159 159 HOH HOH B . 
D 2 HOH 34 160 160 HOH HOH B . 
D 2 HOH 35 162 162 HOH HOH B . 
D 2 HOH 36 165 165 HOH HOH B . 
D 2 HOH 37 166 166 HOH HOH B . 
D 2 HOH 38 168 168 HOH HOH B . 
D 2 HOH 39 170 170 HOH HOH B . 
D 2 HOH 40 172 172 HOH HOH B . 
D 2 HOH 41 173 173 HOH HOH B . 
D 2 HOH 42 174 174 HOH HOH B . 
D 2 HOH 43 175 175 HOH HOH B . 
D 2 HOH 44 176 176 HOH HOH B . 
D 2 HOH 45 177 177 HOH HOH B . 
D 2 HOH 46 178 178 HOH HOH B . 
D 2 HOH 47 179 179 HOH HOH B . 
D 2 HOH 48 180 180 HOH HOH B . 
D 2 HOH 49 186 186 HOH HOH B . 
D 2 HOH 50 187 187 HOH HOH B . 
D 2 HOH 51 190 190 HOH HOH B . 
D 2 HOH 52 191 191 HOH HOH B . 
D 2 HOH 53 197 197 HOH HOH B . 
D 2 HOH 54 198 198 HOH HOH B . 
D 2 HOH 55 201 201 HOH HOH B . 
D 2 HOH 56 202 202 HOH HOH B . 
D 2 HOH 57 205 205 HOH HOH B . 
D 2 HOH 58 206 206 HOH HOH B . 
D 2 HOH 59 207 207 HOH HOH B . 
D 2 HOH 60 208 208 HOH HOH B . 
D 2 HOH 61 209 209 HOH HOH B . 
D 2 HOH 62 210 210 HOH HOH B . 
D 2 HOH 63 212 212 HOH HOH B . 
D 2 HOH 64 213 213 HOH HOH B . 
D 2 HOH 65 214 214 HOH HOH B . 
D 2 HOH 66 216 216 HOH HOH B . 
D 2 HOH 67 217 217 HOH HOH B . 
D 2 HOH 68 221 221 HOH HOH B . 
D 2 HOH 69 223 223 HOH HOH B . 
D 2 HOH 70 226 226 HOH HOH B . 
D 2 HOH 71 230 230 HOH HOH B . 
D 2 HOH 72 231 231 HOH HOH B . 
D 2 HOH 73 232 232 HOH HOH B . 
D 2 HOH 74 233 233 HOH HOH B . 
D 2 HOH 75 234 234 HOH HOH B . 
D 2 HOH 76 235 235 HOH HOH B . 
# 
loop_
_software.name 
_software.classification 
_software.version 
_software.citation_id 
_software.pdbx_ordinal 
X-PLOR    'model building' . ? 1 
SHELXL-97 refinement       . ? 2 
bioteX    'data reduction' . ? 3 
bioteX    'data scaling'   . ? 4 
X-PLOR    phasing          . ? 5 
# 
_cell.entry_id           440D 
_cell.length_a           24.688 
_cell.length_b           45.004 
_cell.length_c           46.767 
_cell.angle_alpha        90.00 
_cell.angle_beta         90.00 
_cell.angle_gamma        90.00 
_cell.Z_PDB              8 
_cell.pdbx_unique_axis   ? 
_cell.length_a_esd       ? 
_cell.length_b_esd       ? 
_cell.length_c_esd       ? 
_cell.angle_alpha_esd    ? 
_cell.angle_beta_esd     ? 
_cell.angle_gamma_esd    ? 
# 
_symmetry.entry_id                         440D 
_symmetry.space_group_name_H-M             'P 21 21 21' 
_symmetry.pdbx_full_space_group_name_H-M   ? 
_symmetry.cell_setting                     orthorhombic 
_symmetry.Int_Tables_number                19 
_symmetry.space_group_name_Hall            ? 
# 
_exptl.entry_id          440D 
_exptl.method            'X-RAY DIFFRACTION' 
_exptl.crystals_number   1 
# 
_exptl_crystal.id                    1 
_exptl_crystal.density_meas          ? 
_exptl_crystal.density_Matthews      2.099 
_exptl_crystal.density_percent_sol   42.32 
_exptl_crystal.description           ? 
_exptl_crystal.F_000                 ? 
_exptl_crystal.preparation           ? 
# 
_exptl_crystal_grow.crystal_id      1 
_exptl_crystal_grow.method          'VAPOR DIFFUSION, SITTING DROP' 
_exptl_crystal_grow.temp            298 
_exptl_crystal_grow.temp_details    ? 
_exptl_crystal_grow.pH              6.5 
_exptl_crystal_grow.pdbx_details    'pH 6.5, VAPOR DIFFUSION, SITTING DROP, temperature 298K' 
_exptl_crystal_grow.pdbx_pH_range   ? 
# 
loop_
_exptl_crystal_grow_comp.crystal_id 
_exptl_crystal_grow_comp.id 
_exptl_crystal_grow_comp.sol_id 
_exptl_crystal_grow_comp.name 
_exptl_crystal_grow_comp.volume 
_exptl_crystal_grow_comp.conc 
_exptl_crystal_grow_comp.details 
1 1 1 'SODIUM CACODYLATE' ? ? ? 
1 2 1 MPD                 ? ? ? 
1 3 1 SPERMINE            ? ? ? 
1 4 2 MPD                 ? ? ? 
# 
_diffrn.id                     1 
_diffrn.ambient_temp           123 
_diffrn.ambient_temp_details   ? 
_diffrn.crystal_id             1 
# 
_diffrn_detector.diffrn_id              1 
_diffrn_detector.detector               'IMAGE PLATE' 
_diffrn_detector.type                   'RIGAKU RAXIS' 
_diffrn_detector.pdbx_collection_date   1997-11-11 
_diffrn_detector.details                ? 
# 
_diffrn_radiation.diffrn_id                        1 
_diffrn_radiation.wavelength_id                    1 
_diffrn_radiation.pdbx_monochromatic_or_laue_m_l   M 
_diffrn_radiation.monochromator                    GRAPHITE 
_diffrn_radiation.pdbx_diffrn_protocol             'SINGLE WAVELENGTH' 
_diffrn_radiation.pdbx_scattering_type             x-ray 
# 
_diffrn_radiation_wavelength.id           1 
_diffrn_radiation_wavelength.wavelength   1.540598 
_diffrn_radiation_wavelength.wt           1.0 
# 
_diffrn_source.diffrn_id                   1 
_diffrn_source.source                      'ROTATING ANODE' 
_diffrn_source.type                        'RIGAKU RU200' 
_diffrn_source.pdbx_synchrotron_site       ? 
_diffrn_source.pdbx_synchrotron_beamline   ? 
_diffrn_source.pdbx_wavelength             1.540598 
_diffrn_source.pdbx_wavelength_list        ? 
# 
_reflns.entry_id                     440D 
_reflns.observed_criterion_sigma_I   1.0 
_reflns.observed_criterion_sigma_F   ? 
_reflns.d_resolution_low             10.0 
_reflns.d_resolution_high            1.10 
_reflns.number_obs                   17722 
_reflns.number_all                   ? 
_reflns.percent_possible_obs         80.5 
_reflns.pdbx_Rmerge_I_obs            0.0509000 
_reflns.pdbx_Rsym_value              ? 
_reflns.pdbx_netI_over_sigmaI        14.3 
_reflns.B_iso_Wilson_estimate        ? 
_reflns.pdbx_redundancy              3.6 
_reflns.R_free_details               ? 
_reflns.pdbx_chi_squared             ? 
_reflns.pdbx_scaling_rejects         ? 
_reflns.pdbx_ordinal                 1 
_reflns.pdbx_diffrn_id               1 
# 
_reflns_shell.d_res_high             1.10 
_reflns_shell.d_res_low              1.14 
_reflns_shell.percent_possible_all   57.0 
_reflns_shell.Rmerge_I_obs           0.2930000 
_reflns_shell.pdbx_Rsym_value        ? 
_reflns_shell.meanI_over_sigI_obs    2.1 
_reflns_shell.pdbx_redundancy        1.7 
_reflns_shell.percent_possible_obs   ? 
_reflns_shell.number_unique_all      ? 
_reflns_shell.number_measured_all    ? 
_reflns_shell.number_measured_obs    ? 
_reflns_shell.number_unique_obs      ? 
_reflns_shell.pdbx_chi_squared       ? 
_reflns_shell.pdbx_ordinal           1 
_reflns_shell.pdbx_diffrn_id         1 
# 
_refine.entry_id                                 440D 
_refine.ls_number_reflns_obs                     17587 
_refine.ls_number_reflns_all                     ? 
_refine.pdbx_ls_sigma_I                          ? 
_refine.pdbx_ls_sigma_F                          2.0 
_refine.pdbx_data_cutoff_high_absF               ? 
_refine.pdbx_data_cutoff_low_absF                ? 
_refine.pdbx_data_cutoff_high_rms_absF           ? 
_refine.ls_d_res_low                             10.0 
_refine.ls_d_res_high                            1.10 
_refine.ls_percent_reflns_obs                    79.9 
_refine.ls_R_factor_obs                          0.2140000 
_refine.ls_R_factor_all                          ? 
_refine.ls_R_factor_R_work                       0.2130000 
_refine.ls_R_factor_R_free                       0.2510000 
_refine.ls_R_factor_R_free_error                 ? 
_refine.ls_R_factor_R_free_error_details         ? 
_refine.ls_percent_reflns_R_free                 5.0 
_refine.ls_number_reflns_R_free                  879 
_refine.ls_number_parameters                     4183 
_refine.ls_number_restraints                     5156 
_refine.occupancy_min                            ? 
_refine.occupancy_max                            ? 
_refine.B_iso_mean                               ? 
_refine.aniso_B[1][1]                            ? 
_refine.aniso_B[2][2]                            ? 
_refine.aniso_B[3][3]                            ? 
_refine.aniso_B[1][2]                            ? 
_refine.aniso_B[1][3]                            ? 
_refine.aniso_B[2][3]                            ? 
_refine.solvent_model_details                    ? 
_refine.solvent_model_param_ksol                 ? 
_refine.solvent_model_param_bsol                 ? 
_refine.pdbx_ls_cross_valid_method               THROUGHOUT 
_refine.details                                  ? 
_refine.pdbx_starting_model                      ? 
_refine.pdbx_method_to_determine_struct          ? 
_refine.pdbx_isotropic_thermal_model             ? 
_refine.pdbx_stereochemistry_target_values       ? 
_refine.pdbx_stereochem_target_val_spec_case     ? 
_refine.pdbx_R_Free_selection_details            RANDOM 
_refine.pdbx_overall_ESU_R                       ? 
_refine.pdbx_overall_ESU_R_Free                  ? 
_refine.overall_SU_ML                            ? 
_refine.overall_SU_B                             ? 
_refine.pdbx_refine_id                           'X-RAY DIFFRACTION' 
_refine.ls_redundancy_reflns_obs                 ? 
_refine.pdbx_overall_phase_error                 ? 
_refine.correlation_coeff_Fo_to_Fc               ? 
_refine.correlation_coeff_Fo_to_Fc_free          ? 
_refine.pdbx_solvent_vdw_probe_radii             ? 
_refine.pdbx_solvent_ion_probe_radii             ? 
_refine.pdbx_solvent_shrinkage_radii             ? 
_refine.overall_SU_R_Cruickshank_DPI             ? 
_refine.overall_SU_R_free                        ? 
_refine.ls_wR_factor_R_free                      ? 
_refine.ls_wR_factor_R_work                      ? 
_refine.overall_FOM_free_R_set                   ? 
_refine.overall_FOM_work_R_set                   ? 
_refine.pdbx_diffrn_id                           1 
_refine.pdbx_TLS_residual_ADP_flag               ? 
_refine.pdbx_overall_SU_R_free_Cruickshank_DPI   ? 
_refine.pdbx_overall_SU_R_Blow_DPI               ? 
_refine.pdbx_overall_SU_R_free_Blow_DPI          ? 
# 
_refine_hist.pdbx_refine_id                   'X-RAY DIFFRACTION' 
_refine_hist.cycle_id                         LAST 
_refine_hist.pdbx_number_atoms_protein        0 
_refine_hist.pdbx_number_atoms_nucleic_acid   404 
_refine_hist.pdbx_number_atoms_ligand         0 
_refine_hist.number_atoms_solvent             135 
_refine_hist.number_atoms_total               539 
_refine_hist.d_res_high                       1.10 
_refine_hist.d_res_low                        10.0 
# 
loop_
_refine_ls_restr.type 
_refine_ls_restr.dev_ideal 
_refine_ls_restr.dev_ideal_target 
_refine_ls_restr.weight 
_refine_ls_restr.number 
_refine_ls_restr.pdbx_refine_id 
_refine_ls_restr.pdbx_restraint_function 
s_bond_d               0.011 ? ? ? 'X-RAY DIFFRACTION' ? 
s_angle_d              0.032 ? ? ? 'X-RAY DIFFRACTION' ? 
s_similar_dist         ?     ? ? ? 'X-RAY DIFFRACTION' ? 
s_from_restr_planes    0.053 ? ? ? 'X-RAY DIFFRACTION' ? 
s_zero_chiral_vol      ?     ? ? ? 'X-RAY DIFFRACTION' ? 
s_non_zero_chiral_vol  ?     ? ? ? 'X-RAY DIFFRACTION' ? 
s_anti_bump_dis_restr  0.010 ? ? ? 'X-RAY DIFFRACTION' ? 
s_rigid_bond_adp_cmpnt ?     ? ? ? 'X-RAY DIFFRACTION' ? 
s_similar_adp_cmpnt    ?     ? ? ? 'X-RAY DIFFRACTION' ? 
s_approx_iso_adps      ?     ? ? ? 'X-RAY DIFFRACTION' ? 
# 
_pdbx_refine.entry_id                                    440D 
_pdbx_refine.R_factor_all_no_cutoff                      ? 
_pdbx_refine.R_factor_obs_no_cutoff                      ? 
_pdbx_refine.free_R_factor_no_cutoff                     ? 
_pdbx_refine.free_R_val_test_set_size_perc_no_cutoff     ? 
_pdbx_refine.free_R_val_test_set_ct_no_cutoff            ? 
_pdbx_refine.R_factor_all_4sig_cutoff                    0.1970000 
_pdbx_refine.R_factor_obs_4sig_cutoff                    0.1960000 
_pdbx_refine.free_R_factor_4sig_cutoff                   0.2360000 
_pdbx_refine.free_R_val_test_set_size_perc_4sig_cutoff   5.0 
_pdbx_refine.free_R_val_test_set_ct_4sig_cutoff          676 
_pdbx_refine.number_reflns_obs_4sig_cutoff               13095 
_pdbx_refine.pdbx_refine_id                              'X-RAY DIFFRACTION' 
_pdbx_refine.free_R_error_no_cutoff                      ? 
# 
_struct.entry_id                  440D 
_struct.title                     'HIGH RESOLUTION A-DNA CRYSTAL STRYCTURES OF D(AGGGGCCCCT): AN A-DNA MODEL OF POLY(DG).POLY(DC)' 
_struct.pdbx_model_details        ? 
_struct.pdbx_CASP_flag            ? 
_struct.pdbx_model_type_details   ? 
# 
_struct_keywords.entry_id        440D 
_struct_keywords.pdbx_keywords   DNA 
_struct_keywords.text            'HIGH RESOLUTION, A-DNA, DUPLEX, DNA' 
# 
loop_
_struct_asym.id 
_struct_asym.pdbx_blank_PDB_chainid_flag 
_struct_asym.pdbx_modified 
_struct_asym.entity_id 
_struct_asym.details 
A N N 1 ? 
B N N 1 ? 
C N N 2 ? 
D N N 2 ? 
# 
_struct_ref.id                         1 
_struct_ref.entity_id                  1 
_struct_ref.db_name                    PDB 
_struct_ref.db_code                    440D 
_struct_ref.pdbx_db_accession          440D 
_struct_ref.pdbx_align_begin           ? 
_struct_ref.pdbx_seq_one_letter_code   ? 
_struct_ref.pdbx_db_isoform            ? 
# 
loop_
_struct_ref_seq.align_id 
_struct_ref_seq.ref_id 
_struct_ref_seq.pdbx_PDB_id_code 
_struct_ref_seq.pdbx_strand_id 
_struct_ref_seq.seq_align_beg 
_struct_ref_seq.pdbx_seq_align_beg_ins_code 
_struct_ref_seq.seq_align_end 
_struct_ref_seq.pdbx_seq_align_end_ins_code 
_struct_ref_seq.pdbx_db_accession 
_struct_ref_seq.db_align_beg 
_struct_ref_seq.pdbx_db_align_beg_ins_code 
_struct_ref_seq.db_align_end 
_struct_ref_seq.pdbx_db_align_end_ins_code 
_struct_ref_seq.pdbx_auth_seq_align_beg 
_struct_ref_seq.pdbx_auth_seq_align_end 
1 1 440D A 1 ? 10 ? 440D 1  ? 10 ? 1  10 
2 1 440D B 1 ? 10 ? 440D 11 ? 20 ? 11 20 
# 
_pdbx_struct_assembly.id                   1 
_pdbx_struct_assembly.details              author_defined_assembly 
_pdbx_struct_assembly.method_details       ? 
_pdbx_struct_assembly.oligomeric_details   dimeric 
_pdbx_struct_assembly.oligomeric_count     2 
# 
_pdbx_struct_assembly_gen.assembly_id       1 
_pdbx_struct_assembly_gen.oper_expression   1 
_pdbx_struct_assembly_gen.asym_id_list      A,B,C,D 
# 
_pdbx_struct_oper_list.id                   1 
_pdbx_struct_oper_list.type                 'identity operation' 
_pdbx_struct_oper_list.name                 1_555 
_pdbx_struct_oper_list.symmetry_operation   x,y,z 
_pdbx_struct_oper_list.matrix[1][1]         1.0000000000 
_pdbx_struct_oper_list.matrix[1][2]         0.0000000000 
_pdbx_struct_oper_list.matrix[1][3]         0.0000000000 
_pdbx_struct_oper_list.vector[1]            0.0000000000 
_pdbx_struct_oper_list.matrix[2][1]         0.0000000000 
_pdbx_struct_oper_list.matrix[2][2]         1.0000000000 
_pdbx_struct_oper_list.matrix[2][3]         0.0000000000 
_pdbx_struct_oper_list.vector[2]            0.0000000000 
_pdbx_struct_oper_list.matrix[3][1]         0.0000000000 
_pdbx_struct_oper_list.matrix[3][2]         0.0000000000 
_pdbx_struct_oper_list.matrix[3][3]         1.0000000000 
_pdbx_struct_oper_list.vector[3]            0.0000000000 
# 
_struct_biol.id        1 
_struct_biol.details   ? 
# 
loop_
_struct_conn.id 
_struct_conn.conn_type_id 
_struct_conn.pdbx_leaving_atom_flag 
_struct_conn.pdbx_PDB_id 
_struct_conn.ptnr1_label_asym_id 
_struct_conn.ptnr1_label_comp_id 
_struct_conn.ptnr1_label_seq_id 
_struct_conn.ptnr1_label_atom_id 
_struct_conn.pdbx_ptnr1_label_alt_id 
_struct_conn.pdbx_ptnr1_PDB_ins_code 
_struct_conn.pdbx_ptnr1_standard_comp_id 
_struct_conn.ptnr1_symmetry 
_struct_conn.ptnr2_label_asym_id 
_struct_conn.ptnr2_label_comp_id 
_struct_conn.ptnr2_label_seq_id 
_struct_conn.ptnr2_label_atom_id 
_struct_conn.pdbx_ptnr2_label_alt_id 
_struct_conn.pdbx_ptnr2_PDB_ins_code 
_struct_conn.ptnr1_auth_asym_id 
_struct_conn.ptnr1_auth_comp_id 
_struct_conn.ptnr1_auth_seq_id 
_struct_conn.ptnr2_auth_asym_id 
_struct_conn.ptnr2_auth_comp_id 
_struct_conn.ptnr2_auth_seq_id 
_struct_conn.ptnr2_symmetry 
_struct_conn.pdbx_ptnr3_label_atom_id 
_struct_conn.pdbx_ptnr3_label_seq_id 
_struct_conn.pdbx_ptnr3_label_comp_id 
_struct_conn.pdbx_ptnr3_label_asym_id 
_struct_conn.pdbx_ptnr3_label_alt_id 
_struct_conn.pdbx_ptnr3_PDB_ins_code 
_struct_conn.details 
_struct_conn.pdbx_dist_value 
_struct_conn.pdbx_value_order 
_struct_conn.pdbx_role 
hydrog1  hydrog ? ? A DA 1  N1 ? ? ? 1_555 B DT 10 N3 ? ? A DA 1  B DT 20 1_555 ? ? ? ? ? ? WATSON-CRICK ? ? ? 
hydrog2  hydrog ? ? A DA 1  N6 ? ? ? 1_555 B DT 10 O4 ? ? A DA 1  B DT 20 1_555 ? ? ? ? ? ? WATSON-CRICK ? ? ? 
hydrog3  hydrog ? ? A DG 2  N1 ? ? ? 1_555 B DC 9  N3 ? ? A DG 2  B DC 19 1_555 ? ? ? ? ? ? WATSON-CRICK ? ? ? 
hydrog4  hydrog ? ? A DG 2  N2 ? ? ? 1_555 B DC 9  O2 ? ? A DG 2  B DC 19 1_555 ? ? ? ? ? ? WATSON-CRICK ? ? ? 
hydrog5  hydrog ? ? A DG 2  O6 ? ? ? 1_555 B DC 9  N4 ? ? A DG 2  B DC 19 1_555 ? ? ? ? ? ? WATSON-CRICK ? ? ? 
hydrog6  hydrog ? ? A DG 3  N1 ? ? ? 1_555 B DC 8  N3 ? ? A DG 3  B DC 18 1_555 ? ? ? ? ? ? WATSON-CRICK ? ? ? 
hydrog7  hydrog ? ? A DG 3  N2 ? ? ? 1_555 B DC 8  O2 ? ? A DG 3  B DC 18 1_555 ? ? ? ? ? ? WATSON-CRICK ? ? ? 
hydrog8  hydrog ? ? A DG 3  O6 ? ? ? 1_555 B DC 8  N4 ? ? A DG 3  B DC 18 1_555 ? ? ? ? ? ? WATSON-CRICK ? ? ? 
hydrog9  hydrog ? ? A DG 4  N1 ? ? ? 1_555 B DC 7  N3 ? ? A DG 4  B DC 17 1_555 ? ? ? ? ? ? WATSON-CRICK ? ? ? 
hydrog10 hydrog ? ? A DG 4  N2 ? ? ? 1_555 B DC 7  O2 ? ? A DG 4  B DC 17 1_555 ? ? ? ? ? ? WATSON-CRICK ? ? ? 
hydrog11 hydrog ? ? A DG 4  O6 ? ? ? 1_555 B DC 7  N4 ? ? A DG 4  B DC 17 1_555 ? ? ? ? ? ? WATSON-CRICK ? ? ? 
hydrog12 hydrog ? ? A DG 5  N1 ? ? ? 1_555 B DC 6  N3 ? ? A DG 5  B DC 16 1_555 ? ? ? ? ? ? WATSON-CRICK ? ? ? 
hydrog13 hydrog ? ? A DG 5  N2 ? ? ? 1_555 B DC 6  O2 ? ? A DG 5  B DC 16 1_555 ? ? ? ? ? ? WATSON-CRICK ? ? ? 
hydrog14 hydrog ? ? A DG 5  O6 ? ? ? 1_555 B DC 6  N4 ? ? A DG 5  B DC 16 1_555 ? ? ? ? ? ? WATSON-CRICK ? ? ? 
hydrog15 hydrog ? ? A DC 6  N3 ? ? ? 1_555 B DG 5  N1 ? ? A DC 6  B DG 15 1_555 ? ? ? ? ? ? WATSON-CRICK ? ? ? 
hydrog16 hydrog ? ? A DC 6  N4 ? ? ? 1_555 B DG 5  O6 ? ? A DC 6  B DG 15 1_555 ? ? ? ? ? ? WATSON-CRICK ? ? ? 
hydrog17 hydrog ? ? A DC 6  O2 ? ? ? 1_555 B DG 5  N2 ? ? A DC 6  B DG 15 1_555 ? ? ? ? ? ? WATSON-CRICK ? ? ? 
hydrog18 hydrog ? ? A DC 7  N3 ? ? ? 1_555 B DG 4  N1 ? ? A DC 7  B DG 14 1_555 ? ? ? ? ? ? WATSON-CRICK ? ? ? 
hydrog19 hydrog ? ? A DC 7  N4 ? ? ? 1_555 B DG 4  O6 ? ? A DC 7  B DG 14 1_555 ? ? ? ? ? ? WATSON-CRICK ? ? ? 
hydrog20 hydrog ? ? A DC 7  O2 ? ? ? 1_555 B DG 4  N2 ? ? A DC 7  B DG 14 1_555 ? ? ? ? ? ? WATSON-CRICK ? ? ? 
hydrog21 hydrog ? ? A DC 8  N3 ? ? ? 1_555 B DG 3  N1 ? ? A DC 8  B DG 13 1_555 ? ? ? ? ? ? WATSON-CRICK ? ? ? 
hydrog22 hydrog ? ? A DC 8  N4 ? ? ? 1_555 B DG 3  O6 ? ? A DC 8  B DG 13 1_555 ? ? ? ? ? ? WATSON-CRICK ? ? ? 
hydrog23 hydrog ? ? A DC 8  O2 ? ? ? 1_555 B DG 3  N2 ? ? A DC 8  B DG 13 1_555 ? ? ? ? ? ? WATSON-CRICK ? ? ? 
hydrog24 hydrog ? ? A DC 9  N3 ? ? ? 1_555 B DG 2  N1 ? ? A DC 9  B DG 12 1_555 ? ? ? ? ? ? WATSON-CRICK ? ? ? 
hydrog25 hydrog ? ? A DC 9  N4 ? ? ? 1_555 B DG 2  O6 ? ? A DC 9  B DG 12 1_555 ? ? ? ? ? ? WATSON-CRICK ? ? ? 
hydrog26 hydrog ? ? A DC 9  O2 ? ? ? 1_555 B DG 2  N2 ? ? A DC 9  B DG 12 1_555 ? ? ? ? ? ? WATSON-CRICK ? ? ? 
hydrog27 hydrog ? ? A DT 10 N3 ? ? ? 1_555 B DA 1  N1 ? ? A DT 10 B DA 11 1_555 ? ? ? ? ? ? WATSON-CRICK ? ? ? 
hydrog28 hydrog ? ? A DT 10 O4 ? ? ? 1_555 B DA 1  N6 ? ? A DT 10 B DA 11 1_555 ? ? ? ? ? ? WATSON-CRICK ? ? ? 
# 
_struct_conn_type.id          hydrog 
_struct_conn_type.criteria    ? 
_struct_conn_type.reference   ? 
# 
loop_
_pdbx_validate_rmsd_angle.id 
_pdbx_validate_rmsd_angle.PDB_model_num 
_pdbx_validate_rmsd_angle.auth_atom_id_1 
_pdbx_validate_rmsd_angle.auth_asym_id_1 
_pdbx_validate_rmsd_angle.auth_comp_id_1 
_pdbx_validate_rmsd_angle.auth_seq_id_1 
_pdbx_validate_rmsd_angle.PDB_ins_code_1 
_pdbx_validate_rmsd_angle.label_alt_id_1 
_pdbx_validate_rmsd_angle.auth_atom_id_2 
_pdbx_validate_rmsd_angle.auth_asym_id_2 
_pdbx_validate_rmsd_angle.auth_comp_id_2 
_pdbx_validate_rmsd_angle.auth_seq_id_2 
_pdbx_validate_rmsd_angle.PDB_ins_code_2 
_pdbx_validate_rmsd_angle.label_alt_id_2 
_pdbx_validate_rmsd_angle.auth_atom_id_3 
_pdbx_validate_rmsd_angle.auth_asym_id_3 
_pdbx_validate_rmsd_angle.auth_comp_id_3 
_pdbx_validate_rmsd_angle.auth_seq_id_3 
_pdbx_validate_rmsd_angle.PDB_ins_code_3 
_pdbx_validate_rmsd_angle.label_alt_id_3 
_pdbx_validate_rmsd_angle.angle_value 
_pdbx_validate_rmsd_angle.angle_target_value 
_pdbx_validate_rmsd_angle.angle_deviation 
_pdbx_validate_rmsd_angle.angle_standard_deviation 
_pdbx_validate_rmsd_angle.linker_flag 
1  1 C2    A DA 1  ? ? N3    A DA 1  ? ? C4    A DA 1  ? ? 107.58 110.60 -3.02 0.50 N 
2  1 C5    A DA 1  ? ? N7    A DA 1  ? ? C8    A DA 1  ? ? 100.77 103.90 -3.13 0.50 N 
3  1 N1    A DA 1  ? ? C6    A DA 1  ? ? N6    A DA 1  ? ? 123.94 118.60 5.34  0.60 N 
4  1 "O4'" A DG 2  ? ? "C1'" A DG 2  ? ? N9    A DG 2  ? ? 114.46 108.30 6.16  0.30 N 
5  1 "C4'" A DG 3  ? ? "C3'" A DG 3  ? ? "C2'" A DG 3  ? ? 97.99  102.20 -4.21 0.70 N 
6  1 "C5'" A DG 4  ? ? "C4'" A DG 4  ? ? "O4'" A DG 4  ? ? 118.94 109.80 9.14  1.10 N 
7  1 N1    A DG 4  ? ? C6    A DG 4  ? ? O6    A DG 4  ? ? 123.66 119.90 3.76  0.60 N 
8  1 "O4'" A DG 5  ? ? "C1'" A DG 5  ? ? N9    A DG 5  ? ? 110.76 108.30 2.46  0.30 N 
9  1 "C3'" A DG 5  ? ? "O3'" A DG 5  ? ? P     A DC 6  ? ? 127.00 119.70 7.30  1.20 Y 
10 1 "O4'" A DC 6  ? ? "C4'" A DC 6  ? ? "C3'" A DC 6  ? ? 100.66 104.50 -3.84 0.40 N 
11 1 C6    A DC 6  ? ? N1    A DC 6  ? ? C2    A DC 6  ? ? 122.70 120.30 2.40  0.40 N 
12 1 "O4'" A DC 7  ? ? "C1'" A DC 7  ? ? N1    A DC 7  ? ? 112.62 108.30 4.32  0.30 N 
13 1 N1    B DA 11 ? ? C2    B DA 11 ? ? N3    B DA 11 ? ? 132.89 129.30 3.59  0.50 N 
14 1 "O4'" B DG 12 ? ? "C4'" B DG 12 ? ? "C3'" B DG 12 ? ? 101.31 104.50 -3.19 0.40 N 
15 1 "C4'" B DG 12 ? ? "C3'" B DG 12 ? ? "C2'" B DG 12 ? ? 97.23  102.20 -4.97 0.70 N 
16 1 "O4'" B DG 12 ? ? "C1'" B DG 12 ? ? N9    B DG 12 ? ? 101.27 108.00 -6.73 0.70 N 
17 1 "O4'" B DG 13 ? ? "C4'" B DG 13 ? ? "C3'" B DG 13 ? ? 99.05  104.50 -5.45 0.40 N 
18 1 "O4'" B DG 13 ? ? "C1'" B DG 13 ? ? N9    B DG 13 ? ? 110.90 108.30 2.60  0.30 N 
19 1 C6    B DG 13 ? ? N1    B DG 13 ? ? C2    B DG 13 ? ? 129.33 125.10 4.23  0.60 N 
20 1 C2    B DG 13 ? ? N3    B DG 13 ? ? C4    B DG 13 ? ? 106.68 111.90 -5.22 0.50 N 
21 1 N3    B DG 13 ? ? C4    B DG 13 ? ? C5    B DG 13 ? ? 135.26 128.60 6.66  0.50 N 
22 1 N3    B DG 13 ? ? C4    B DG 13 ? ? N9    B DG 13 ? ? 119.11 126.00 -6.89 0.60 N 
23 1 "O4'" B DG 14 ? ? "C4'" B DG 14 ? ? "C3'" B DG 14 ? ? 99.33  104.50 -5.17 0.40 N 
24 1 "C4'" B DG 14 ? ? "C3'" B DG 14 ? ? "C2'" B DG 14 ? ? 95.39  102.20 -6.81 0.70 N 
25 1 "O4'" B DG 15 ? ? "C4'" B DG 15 ? ? "C3'" B DG 15 ? ? 101.66 104.50 -2.84 0.40 N 
26 1 N1    B DG 15 ? ? C6    B DG 15 ? ? O6    B DG 15 ? ? 123.95 119.90 4.05  0.60 N 
27 1 "O4'" B DC 16 ? ? "C4'" B DC 16 ? ? "C3'" B DC 16 ? ? 101.86 104.50 -2.64 0.40 N 
28 1 N3    B DC 16 ? ? C4    B DC 16 ? ? N4    B DC 16 ? ? 113.12 118.00 -4.88 0.70 N 
29 1 "C4'" B DC 17 ? ? "C3'" B DC 17 ? ? "C2'" B DC 17 ? ? 95.37  102.20 -6.83 0.70 N 
30 1 "O4'" B DC 17 ? ? "C1'" B DC 17 ? ? N1    B DC 17 ? ? 111.16 108.30 2.86  0.30 N 
31 1 "O4'" B DC 19 ? ? "C1'" B DC 19 ? ? N1    B DC 19 ? ? 111.76 108.30 3.46  0.30 N 
32 1 C2    B DC 19 ? ? N3    B DC 19 ? ? C4    B DC 19 ? ? 114.89 119.90 -5.01 0.50 N 
33 1 N3    B DC 19 ? ? C4    B DC 19 ? ? C5    B DC 19 ? ? 127.66 121.90 5.76  0.40 N 
# 
loop_
_pdbx_validate_planes.id 
_pdbx_validate_planes.PDB_model_num 
_pdbx_validate_planes.auth_comp_id 
_pdbx_validate_planes.auth_asym_id 
_pdbx_validate_planes.auth_seq_id 
_pdbx_validate_planes.PDB_ins_code 
_pdbx_validate_planes.label_alt_id 
_pdbx_validate_planes.rmsd 
_pdbx_validate_planes.type 
1 1 DA A 1 ? ? 0.112 'SIDE CHAIN' 
2 1 DG A 2 ? ? 0.097 'SIDE CHAIN' 
3 1 DG A 3 ? ? 0.060 'SIDE CHAIN' 
# 
loop_
_chem_comp_atom.comp_id 
_chem_comp_atom.atom_id 
_chem_comp_atom.type_symbol 
_chem_comp_atom.pdbx_aromatic_flag 
_chem_comp_atom.pdbx_stereo_config 
_chem_comp_atom.pdbx_ordinal 
DA  OP3    O N N 1   
DA  P      P N N 2   
DA  OP1    O N N 3   
DA  OP2    O N N 4   
DA  "O5'"  O N N 5   
DA  "C5'"  C N N 6   
DA  "C4'"  C N R 7   
DA  "O4'"  O N N 8   
DA  "C3'"  C N S 9   
DA  "O3'"  O N N 10  
DA  "C2'"  C N N 11  
DA  "C1'"  C N R 12  
DA  N9     N Y N 13  
DA  C8     C Y N 14  
DA  N7     N Y N 15  
DA  C5     C Y N 16  
DA  C6     C Y N 17  
DA  N6     N N N 18  
DA  N1     N Y N 19  
DA  C2     C Y N 20  
DA  N3     N Y N 21  
DA  C4     C Y N 22  
DA  HOP3   H N N 23  
DA  HOP2   H N N 24  
DA  "H5'"  H N N 25  
DA  "H5''" H N N 26  
DA  "H4'"  H N N 27  
DA  "H3'"  H N N 28  
DA  "HO3'" H N N 29  
DA  "H2'"  H N N 30  
DA  "H2''" H N N 31  
DA  "H1'"  H N N 32  
DA  H8     H N N 33  
DA  H61    H N N 34  
DA  H62    H N N 35  
DA  H2     H N N 36  
DC  OP3    O N N 37  
DC  P      P N N 38  
DC  OP1    O N N 39  
DC  OP2    O N N 40  
DC  "O5'"  O N N 41  
DC  "C5'"  C N N 42  
DC  "C4'"  C N R 43  
DC  "O4'"  O N N 44  
DC  "C3'"  C N S 45  
DC  "O3'"  O N N 46  
DC  "C2'"  C N N 47  
DC  "C1'"  C N R 48  
DC  N1     N N N 49  
DC  C2     C N N 50  
DC  O2     O N N 51  
DC  N3     N N N 52  
DC  C4     C N N 53  
DC  N4     N N N 54  
DC  C5     C N N 55  
DC  C6     C N N 56  
DC  HOP3   H N N 57  
DC  HOP2   H N N 58  
DC  "H5'"  H N N 59  
DC  "H5''" H N N 60  
DC  "H4'"  H N N 61  
DC  "H3'"  H N N 62  
DC  "HO3'" H N N 63  
DC  "H2'"  H N N 64  
DC  "H2''" H N N 65  
DC  "H1'"  H N N 66  
DC  H41    H N N 67  
DC  H42    H N N 68  
DC  H5     H N N 69  
DC  H6     H N N 70  
DG  OP3    O N N 71  
DG  P      P N N 72  
DG  OP1    O N N 73  
DG  OP2    O N N 74  
DG  "O5'"  O N N 75  
DG  "C5'"  C N N 76  
DG  "C4'"  C N R 77  
DG  "O4'"  O N N 78  
DG  "C3'"  C N S 79  
DG  "O3'"  O N N 80  
DG  "C2'"  C N N 81  
DG  "C1'"  C N R 82  
DG  N9     N Y N 83  
DG  C8     C Y N 84  
DG  N7     N Y N 85  
DG  C5     C Y N 86  
DG  C6     C N N 87  
DG  O6     O N N 88  
DG  N1     N N N 89  
DG  C2     C N N 90  
DG  N2     N N N 91  
DG  N3     N N N 92  
DG  C4     C Y N 93  
DG  HOP3   H N N 94  
DG  HOP2   H N N 95  
DG  "H5'"  H N N 96  
DG  "H5''" H N N 97  
DG  "H4'"  H N N 98  
DG  "H3'"  H N N 99  
DG  "HO3'" H N N 100 
DG  "H2'"  H N N 101 
DG  "H2''" H N N 102 
DG  "H1'"  H N N 103 
DG  H8     H N N 104 
DG  H1     H N N 105 
DG  H21    H N N 106 
DG  H22    H N N 107 
DT  OP3    O N N 108 
DT  P      P N N 109 
DT  OP1    O N N 110 
DT  OP2    O N N 111 
DT  "O5'"  O N N 112 
DT  "C5'"  C N N 113 
DT  "C4'"  C N R 114 
DT  "O4'"  O N N 115 
DT  "C3'"  C N S 116 
DT  "O3'"  O N N 117 
DT  "C2'"  C N N 118 
DT  "C1'"  C N R 119 
DT  N1     N N N 120 
DT  C2     C N N 121 
DT  O2     O N N 122 
DT  N3     N N N 123 
DT  C4     C N N 124 
DT  O4     O N N 125 
DT  C5     C N N 126 
DT  C7     C N N 127 
DT  C6     C N N 128 
DT  HOP3   H N N 129 
DT  HOP2   H N N 130 
DT  "H5'"  H N N 131 
DT  "H5''" H N N 132 
DT  "H4'"  H N N 133 
DT  "H3'"  H N N 134 
DT  "HO3'" H N N 135 
DT  "H2'"  H N N 136 
DT  "H2''" H N N 137 
DT  "H1'"  H N N 138 
DT  H3     H N N 139 
DT  H71    H N N 140 
DT  H72    H N N 141 
DT  H73    H N N 142 
DT  H6     H N N 143 
HOH O      O N N 144 
HOH H1     H N N 145 
HOH H2     H N N 146 
# 
loop_
_chem_comp_bond.comp_id 
_chem_comp_bond.atom_id_1 
_chem_comp_bond.atom_id_2 
_chem_comp_bond.value_order 
_chem_comp_bond.pdbx_aromatic_flag 
_chem_comp_bond.pdbx_stereo_config 
_chem_comp_bond.pdbx_ordinal 
DA  OP3   P      sing N N 1   
DA  OP3   HOP3   sing N N 2   
DA  P     OP1    doub N N 3   
DA  P     OP2    sing N N 4   
DA  P     "O5'"  sing N N 5   
DA  OP2   HOP2   sing N N 6   
DA  "O5'" "C5'"  sing N N 7   
DA  "C5'" "C4'"  sing N N 8   
DA  "C5'" "H5'"  sing N N 9   
DA  "C5'" "H5''" sing N N 10  
DA  "C4'" "O4'"  sing N N 11  
DA  "C4'" "C3'"  sing N N 12  
DA  "C4'" "H4'"  sing N N 13  
DA  "O4'" "C1'"  sing N N 14  
DA  "C3'" "O3'"  sing N N 15  
DA  "C3'" "C2'"  sing N N 16  
DA  "C3'" "H3'"  sing N N 17  
DA  "O3'" "HO3'" sing N N 18  
DA  "C2'" "C1'"  sing N N 19  
DA  "C2'" "H2'"  sing N N 20  
DA  "C2'" "H2''" sing N N 21  
DA  "C1'" N9     sing N N 22  
DA  "C1'" "H1'"  sing N N 23  
DA  N9    C8     sing Y N 24  
DA  N9    C4     sing Y N 25  
DA  C8    N7     doub Y N 26  
DA  C8    H8     sing N N 27  
DA  N7    C5     sing Y N 28  
DA  C5    C6     sing Y N 29  
DA  C5    C4     doub Y N 30  
DA  C6    N6     sing N N 31  
DA  C6    N1     doub Y N 32  
DA  N6    H61    sing N N 33  
DA  N6    H62    sing N N 34  
DA  N1    C2     sing Y N 35  
DA  C2    N3     doub Y N 36  
DA  C2    H2     sing N N 37  
DA  N3    C4     sing Y N 38  
DC  OP3   P      sing N N 39  
DC  OP3   HOP3   sing N N 40  
DC  P     OP1    doub N N 41  
DC  P     OP2    sing N N 42  
DC  P     "O5'"  sing N N 43  
DC  OP2   HOP2   sing N N 44  
DC  "O5'" "C5'"  sing N N 45  
DC  "C5'" "C4'"  sing N N 46  
DC  "C5'" "H5'"  sing N N 47  
DC  "C5'" "H5''" sing N N 48  
DC  "C4'" "O4'"  sing N N 49  
DC  "C4'" "C3'"  sing N N 50  
DC  "C4'" "H4'"  sing N N 51  
DC  "O4'" "C1'"  sing N N 52  
DC  "C3'" "O3'"  sing N N 53  
DC  "C3'" "C2'"  sing N N 54  
DC  "C3'" "H3'"  sing N N 55  
DC  "O3'" "HO3'" sing N N 56  
DC  "C2'" "C1'"  sing N N 57  
DC  "C2'" "H2'"  sing N N 58  
DC  "C2'" "H2''" sing N N 59  
DC  "C1'" N1     sing N N 60  
DC  "C1'" "H1'"  sing N N 61  
DC  N1    C2     sing N N 62  
DC  N1    C6     sing N N 63  
DC  C2    O2     doub N N 64  
DC  C2    N3     sing N N 65  
DC  N3    C4     doub N N 66  
DC  C4    N4     sing N N 67  
DC  C4    C5     sing N N 68  
DC  N4    H41    sing N N 69  
DC  N4    H42    sing N N 70  
DC  C5    C6     doub N N 71  
DC  C5    H5     sing N N 72  
DC  C6    H6     sing N N 73  
DG  OP3   P      sing N N 74  
DG  OP3   HOP3   sing N N 75  
DG  P     OP1    doub N N 76  
DG  P     OP2    sing N N 77  
DG  P     "O5'"  sing N N 78  
DG  OP2   HOP2   sing N N 79  
DG  "O5'" "C5'"  sing N N 80  
DG  "C5'" "C4'"  sing N N 81  
DG  "C5'" "H5'"  sing N N 82  
DG  "C5'" "H5''" sing N N 83  
DG  "C4'" "O4'"  sing N N 84  
DG  "C4'" "C3'"  sing N N 85  
DG  "C4'" "H4'"  sing N N 86  
DG  "O4'" "C1'"  sing N N 87  
DG  "C3'" "O3'"  sing N N 88  
DG  "C3'" "C2'"  sing N N 89  
DG  "C3'" "H3'"  sing N N 90  
DG  "O3'" "HO3'" sing N N 91  
DG  "C2'" "C1'"  sing N N 92  
DG  "C2'" "H2'"  sing N N 93  
DG  "C2'" "H2''" sing N N 94  
DG  "C1'" N9     sing N N 95  
DG  "C1'" "H1'"  sing N N 96  
DG  N9    C8     sing Y N 97  
DG  N9    C4     sing Y N 98  
DG  C8    N7     doub Y N 99  
DG  C8    H8     sing N N 100 
DG  N7    C5     sing Y N 101 
DG  C5    C6     sing N N 102 
DG  C5    C4     doub Y N 103 
DG  C6    O6     doub N N 104 
DG  C6    N1     sing N N 105 
DG  N1    C2     sing N N 106 
DG  N1    H1     sing N N 107 
DG  C2    N2     sing N N 108 
DG  C2    N3     doub N N 109 
DG  N2    H21    sing N N 110 
DG  N2    H22    sing N N 111 
DG  N3    C4     sing N N 112 
DT  OP3   P      sing N N 113 
DT  OP3   HOP3   sing N N 114 
DT  P     OP1    doub N N 115 
DT  P     OP2    sing N N 116 
DT  P     "O5'"  sing N N 117 
DT  OP2   HOP2   sing N N 118 
DT  "O5'" "C5'"  sing N N 119 
DT  "C5'" "C4'"  sing N N 120 
DT  "C5'" "H5'"  sing N N 121 
DT  "C5'" "H5''" sing N N 122 
DT  "C4'" "O4'"  sing N N 123 
DT  "C4'" "C3'"  sing N N 124 
DT  "C4'" "H4'"  sing N N 125 
DT  "O4'" "C1'"  sing N N 126 
DT  "C3'" "O3'"  sing N N 127 
DT  "C3'" "C2'"  sing N N 128 
DT  "C3'" "H3'"  sing N N 129 
DT  "O3'" "HO3'" sing N N 130 
DT  "C2'" "C1'"  sing N N 131 
DT  "C2'" "H2'"  sing N N 132 
DT  "C2'" "H2''" sing N N 133 
DT  "C1'" N1     sing N N 134 
DT  "C1'" "H1'"  sing N N 135 
DT  N1    C2     sing N N 136 
DT  N1    C6     sing N N 137 
DT  C2    O2     doub N N 138 
DT  C2    N3     sing N N 139 
DT  N3    C4     sing N N 140 
DT  N3    H3     sing N N 141 
DT  C4    O4     doub N N 142 
DT  C4    C5     sing N N 143 
DT  C5    C7     sing N N 144 
DT  C5    C6     doub N N 145 
DT  C7    H71    sing N N 146 
DT  C7    H72    sing N N 147 
DT  C7    H73    sing N N 148 
DT  C6    H6     sing N N 149 
HOH O     H1     sing N N 150 
HOH O     H2     sing N N 151 
# 
_ndb_struct_conf_na.entry_id   440D 
_ndb_struct_conf_na.feature    'a-form double helix' 
# 
loop_
_ndb_struct_na_base_pair.model_number 
_ndb_struct_na_base_pair.i_label_asym_id 
_ndb_struct_na_base_pair.i_label_comp_id 
_ndb_struct_na_base_pair.i_label_seq_id 
_ndb_struct_na_base_pair.i_symmetry 
_ndb_struct_na_base_pair.j_label_asym_id 
_ndb_struct_na_base_pair.j_label_comp_id 
_ndb_struct_na_base_pair.j_label_seq_id 
_ndb_struct_na_base_pair.j_symmetry 
_ndb_struct_na_base_pair.shear 
_ndb_struct_na_base_pair.stretch 
_ndb_struct_na_base_pair.stagger 
_ndb_struct_na_base_pair.buckle 
_ndb_struct_na_base_pair.propeller 
_ndb_struct_na_base_pair.opening 
_ndb_struct_na_base_pair.pair_number 
_ndb_struct_na_base_pair.pair_name 
_ndb_struct_na_base_pair.i_auth_asym_id 
_ndb_struct_na_base_pair.i_auth_seq_id 
_ndb_struct_na_base_pair.i_PDB_ins_code 
_ndb_struct_na_base_pair.j_auth_asym_id 
_ndb_struct_na_base_pair.j_auth_seq_id 
_ndb_struct_na_base_pair.j_PDB_ins_code 
_ndb_struct_na_base_pair.hbond_type_28 
_ndb_struct_na_base_pair.hbond_type_12 
1 A DA 1  1_555 B DT 10 1_555 0.265  -0.160 0.280  -3.404 -3.795  1.636  1  A_DA1:DT20_B  A 1  ? B 20 ? 20 1 
1 A DG 2  1_555 B DC 9  1_555 -0.253 -0.182 0.182  -0.518 -8.061  3.954  2  A_DG2:DC19_B  A 2  ? B 19 ? 19 1 
1 A DG 3  1_555 B DC 8  1_555 -0.370 -0.137 -0.078 -7.916 -15.147 0.779  3  A_DG3:DC18_B  A 3  ? B 18 ? 19 1 
1 A DG 4  1_555 B DC 7  1_555 -0.247 -0.177 -0.103 -9.794 -8.363  -2.563 4  A_DG4:DC17_B  A 4  ? B 17 ? 19 1 
1 A DG 5  1_555 B DC 6  1_555 -0.087 -0.157 -0.256 -4.716 -7.149  -0.789 5  A_DG5:DC16_B  A 5  ? B 16 ? 19 1 
1 A DC 6  1_555 B DG 5  1_555 0.198  -0.063 -0.121 4.914  -8.003  -1.982 6  A_DC6:DG15_B  A 6  ? B 15 ? 19 1 
1 A DC 7  1_555 B DG 4  1_555 0.092  -0.092 0.060  4.764  -7.332  1.095  7  A_DC7:DG14_B  A 7  ? B 14 ? 19 1 
1 A DC 8  1_555 B DG 3  1_555 0.320  -0.193 -0.196 9.414  -14.165 1.152  8  A_DC8:DG13_B  A 8  ? B 13 ? 19 1 
1 A DC 9  1_555 B DG 2  1_555 0.164  -0.134 -0.091 0.078  -8.818  1.788  9  A_DC9:DG12_B  A 9  ? B 12 ? 19 1 
1 A DT 10 1_555 B DA 1  1_555 0.076  -0.106 -0.075 7.519  3.599   -1.927 10 A_DT10:DA11_B A 10 ? B 11 ? 20 1 
# 
loop_
_ndb_struct_na_base_pair_step.model_number 
_ndb_struct_na_base_pair_step.i_label_asym_id_1 
_ndb_struct_na_base_pair_step.i_label_comp_id_1 
_ndb_struct_na_base_pair_step.i_label_seq_id_1 
_ndb_struct_na_base_pair_step.i_symmetry_1 
_ndb_struct_na_base_pair_step.j_label_asym_id_1 
_ndb_struct_na_base_pair_step.j_label_comp_id_1 
_ndb_struct_na_base_pair_step.j_label_seq_id_1 
_ndb_struct_na_base_pair_step.j_symmetry_1 
_ndb_struct_na_base_pair_step.i_label_asym_id_2 
_ndb_struct_na_base_pair_step.i_label_comp_id_2 
_ndb_struct_na_base_pair_step.i_label_seq_id_2 
_ndb_struct_na_base_pair_step.i_symmetry_2 
_ndb_struct_na_base_pair_step.j_label_asym_id_2 
_ndb_struct_na_base_pair_step.j_label_comp_id_2 
_ndb_struct_na_base_pair_step.j_label_seq_id_2 
_ndb_struct_na_base_pair_step.j_symmetry_2 
_ndb_struct_na_base_pair_step.shift 
_ndb_struct_na_base_pair_step.slide 
_ndb_struct_na_base_pair_step.rise 
_ndb_struct_na_base_pair_step.tilt 
_ndb_struct_na_base_pair_step.roll 
_ndb_struct_na_base_pair_step.twist 
_ndb_struct_na_base_pair_step.x_displacement 
_ndb_struct_na_base_pair_step.y_displacement 
_ndb_struct_na_base_pair_step.helical_rise 
_ndb_struct_na_base_pair_step.inclination 
_ndb_struct_na_base_pair_step.tip 
_ndb_struct_na_base_pair_step.helical_twist 
_ndb_struct_na_base_pair_step.step_number 
_ndb_struct_na_base_pair_step.step_name 
_ndb_struct_na_base_pair_step.i_auth_asym_id_1 
_ndb_struct_na_base_pair_step.i_auth_seq_id_1 
_ndb_struct_na_base_pair_step.i_PDB_ins_code_1 
_ndb_struct_na_base_pair_step.j_auth_asym_id_1 
_ndb_struct_na_base_pair_step.j_auth_seq_id_1 
_ndb_struct_na_base_pair_step.j_PDB_ins_code_1 
_ndb_struct_na_base_pair_step.i_auth_asym_id_2 
_ndb_struct_na_base_pair_step.i_auth_seq_id_2 
_ndb_struct_na_base_pair_step.i_PDB_ins_code_2 
_ndb_struct_na_base_pair_step.j_auth_asym_id_2 
_ndb_struct_na_base_pair_step.j_auth_seq_id_2 
_ndb_struct_na_base_pair_step.j_PDB_ins_code_2 
1 A DA 1 1_555 B DT 10 1_555 A DG 2  1_555 B DC 9 1_555 0.494  -1.583 3.160 0.088  2.242  31.373 -3.320 -0.896 3.044 4.140  -0.162 
31.451 1 AA_DA1DG2:DC19DT20_BB  A 1 ? B 20 ? A 2  ? B 19 ? 
1 A DG 2 1_555 B DC 9  1_555 A DG 3  1_555 B DC 8 1_555 0.025  -1.832 3.471 1.015  4.935  28.312 -4.814 0.182  3.112 9.989  -2.054 
28.748 2 AA_DG2DG3:DC18DC19_BB  A 2 ? B 19 ? A 3  ? B 18 ? 
1 A DG 3 1_555 B DC 8  1_555 A DG 4  1_555 B DC 7 1_555 -1.394 -1.390 3.134 -3.904 7.047  37.970 -2.904 1.650  2.962 10.685 5.919  
38.784 3 AA_DG3DG4:DC17DC18_BB  A 3 ? B 18 ? A 4  ? B 17 ? 
1 A DG 4 1_555 B DC 7  1_555 A DG 5  1_555 B DC 6 1_555 0.978  -1.928 3.243 4.676  14.463 24.282 -6.740 -1.064 1.959 30.821 -9.964 
28.586 4 AA_DG4DG5:DC16DC17_BB  A 4 ? B 17 ? A 5  ? B 16 ? 
1 A DG 5 1_555 B DC 6  1_555 A DC 6  1_555 B DG 5 1_555 -0.551 -1.102 3.058 -2.112 13.261 33.628 -3.426 0.626  2.491 21.868 3.484  
36.138 5 AA_DG5DC6:DG15DC16_BB  A 5 ? B 16 ? A 6  ? B 15 ? 
1 A DC 6 1_555 B DG 5  1_555 A DC 7  1_555 B DG 4 1_555 0.700  -1.794 3.265 -2.040 10.071 27.921 -5.398 -1.750 2.429 20.034 4.058  
29.717 6 AA_DC6DC7:DG14DG15_BB  A 6 ? B 15 ? A 7  ? B 14 ? 
1 A DC 7 1_555 B DG 4  1_555 A DC 8  1_555 B DG 3 1_555 -0.401 -2.080 3.086 0.260  6.825  27.344 -5.657 0.877  2.499 14.159 -0.540 
28.168 7 AA_DC7DC8:DG13DG14_BB  A 7 ? B 14 ? A 8  ? B 13 ? 
1 A DC 8 1_555 B DG 3  1_555 A DC 9  1_555 B DG 2 1_555 -0.513 -1.999 3.461 -2.429 10.150 31.429 -5.180 0.502  2.732 18.122 4.336  
33.075 8 AA_DC8DC9:DG12DG13_BB  A 8 ? B 13 ? A 9  ? B 12 ? 
1 A DC 9 1_555 B DG 2  1_555 A DT 10 1_555 B DA 1 1_555 -0.383 -1.648 3.341 0.244  -2.145 29.460 -2.758 0.805  3.446 -4.211 -0.480 
29.538 9 AA_DC9DT10:DA11DG12_BB A 9 ? B 12 ? A 10 ? B 11 ? 
# 
_atom_sites.entry_id                    440D 
_atom_sites.fract_transf_matrix[1][1]   0.00150130 
_atom_sites.fract_transf_matrix[1][2]   0.03591267 
_atom_sites.fract_transf_matrix[1][3]   0.01867518 
_atom_sites.fract_transf_matrix[2][1]   0.01600806 
_atom_sites.fract_transf_matrix[2][2]   0.00657762 
_atom_sites.fract_transf_matrix[2][3]   -0.01393576 
_atom_sites.fract_transf_matrix[3][1]   -0.01480841 
_atom_sites.fract_transf_matrix[3][2]   0.00759951 
_atom_sites.fract_transf_matrix[3][3]   -0.01342353 
_atom_sites.fract_transf_vector[1]      0.119432 
_atom_sites.fract_transf_vector[2]      -0.029377 
_atom_sites.fract_transf_vector[3]      0.230709 
# 
loop_
_atom_type.symbol 
C 
N 
O 
P 
# 
loop_
_atom_site.group_PDB 
_atom_site.id 
_atom_site.type_symbol 
_atom_site.label_atom_id 
_atom_site.label_alt_id 
_atom_site.label_comp_id 
_atom_site.label_asym_id 
_atom_site.label_entity_id 
_atom_site.label_seq_id 
_atom_site.pdbx_PDB_ins_code 
_atom_site.Cartn_x 
_atom_site.Cartn_y 
_atom_site.Cartn_z 
_atom_site.occupancy 
_atom_site.B_iso_or_equiv 
_atom_site.pdbx_formal_charge 
_atom_site.auth_seq_id 
_atom_site.auth_comp_id 
_atom_site.auth_asym_id 
_atom_site.auth_atom_id 
_atom_site.pdbx_PDB_model_num 
ATOM   1   O "O5'" . DA  A 1 1  ? 11.068  -5.214  -5.630  1.00 68.08 ? 1   DA  A "O5'" 1 
ATOM   2   C "C5'" . DA  A 1 1  ? 10.800  -5.409  -7.032  1.00 41.07 ? 1   DA  A "C5'" 1 
ATOM   3   C "C4'" . DA  A 1 1  ? 10.891  -4.125  -7.817  1.00 40.90 ? 1   DA  A "C4'" 1 
ATOM   4   O "O4'" . DA  A 1 1  ? 10.348  -4.378  -9.143  1.00 40.51 ? 1   DA  A "O4'" 1 
ATOM   5   C "C3'" . DA  A 1 1  ? 10.095  -2.918  -7.296  1.00 38.71 ? 1   DA  A "C3'" 1 
ATOM   6   O "O3'" . DA  A 1 1  ? 10.834  -2.163  -6.342  1.00 43.96 ? 1   DA  A "O3'" 1 
ATOM   7   C "C2'" . DA  A 1 1  ? 9.953   -2.139  -8.601  1.00 43.39 ? 1   DA  A "C2'" 1 
ATOM   8   C "C1'" . DA  A 1 1  ? 9.499   -3.299  -9.498  1.00 40.98 ? 1   DA  A "C1'" 1 
ATOM   9   N N9    . DA  A 1 1  ? 8.091   -3.662  -9.248  1.00 41.67 ? 1   DA  A N9    1 
ATOM   10  C C8    . DA  A 1 1  ? 7.513   -4.824  -8.822  1.00 35.07 ? 1   DA  A C8    1 
ATOM   11  N N7    . DA  A 1 1  ? 6.235   -4.983  -9.106  1.00 34.97 ? 1   DA  A N7    1 
ATOM   12  C C5    . DA  A 1 1  ? 5.994   -3.852  -9.846  1.00 37.47 ? 1   DA  A C5    1 
ATOM   13  C C6    . DA  A 1 1  ? 4.828   -3.430  -10.505 1.00 34.85 ? 1   DA  A C6    1 
ATOM   14  N N6    . DA  A 1 1  ? 3.741   -4.217  -10.541 1.00 28.46 ? 1   DA  A N6    1 
ATOM   15  N N1    . DA  A 1 1  ? 4.941   -2.278  -11.181 1.00 32.02 ? 1   DA  A N1    1 
ATOM   16  C C2    . DA  A 1 1  ? 6.076   -1.573  -11.185 1.00 39.89 ? 1   DA  A C2    1 
ATOM   17  N N3    . DA  A 1 1  ? 7.239   -1.863  -10.595 1.00 45.43 ? 1   DA  A N3    1 
ATOM   18  C C4    . DA  A 1 1  ? 7.077   -3.018  -9.923  1.00 43.70 ? 1   DA  A C4    1 
ATOM   19  P P     . DG  A 1 2  ? 10.092  -1.111  -5.372  1.00 42.28 ? 2   DG  A P     1 
ATOM   20  O OP1   . DG  A 1 2  ? 11.117  -0.377  -4.579  1.00 49.62 ? 2   DG  A OP1   1 
ATOM   21  O OP2   . DG  A 1 2  ? 8.921   -1.765  -4.738  1.00 49.76 ? 2   DG  A OP2   1 
ATOM   22  O "O5'" . DG  A 1 2  ? 9.425   -0.047  -6.371  1.00 42.91 ? 2   DG  A "O5'" 1 
ATOM   23  C "C5'" . DG  A 1 2  ? 10.237  0.813   -7.166  1.00 37.70 ? 2   DG  A "C5'" 1 
ATOM   24  C "C4'" . DG  A 1 2  ? 9.268   1.533   -8.105  1.00 35.57 ? 2   DG  A "C4'" 1 
ATOM   25  O "O4'" . DG  A 1 2  ? 8.431   0.583   -8.796  1.00 36.60 ? 2   DG  A "O4'" 1 
ATOM   26  C "C3'" . DG  A 1 2  ? 8.249   2.374   -7.319  1.00 39.22 ? 2   DG  A "C3'" 1 
ATOM   27  O "O3'" . DG  A 1 2  ? 8.799   3.696   -7.105  1.00 36.00 ? 2   DG  A "O3'" 1 
ATOM   28  C "C2'" . DG  A 1 2  ? 7.116   2.478   -8.315  1.00 34.28 ? 2   DG  A "C2'" 1 
ATOM   29  C "C1'" . DG  A 1 2  ? 7.122   1.103   -8.948  1.00 38.33 ? 2   DG  A "C1'" 1 
ATOM   30  N N9    . DG  A 1 2  ? 6.073   0.267   -8.385  1.00 36.74 ? 2   DG  A N9    1 
ATOM   31  C C8    . DG  A 1 2  ? 6.181   -0.842  -7.611  1.00 36.46 ? 2   DG  A C8    1 
ATOM   32  N N7    . DG  A 1 2  ? 5.107   -1.584  -7.580  1.00 30.11 ? 2   DG  A N7    1 
ATOM   33  C C5    . DG  A 1 2  ? 4.171   -0.870  -8.324  1.00 25.20 ? 2   DG  A C5    1 
ATOM   34  C C6    . DG  A 1 2  ? 2.863   -1.260  -8.767  1.00 19.54 ? 2   DG  A C6    1 
ATOM   35  O O6    . DG  A 1 2  ? 2.147   -2.226  -8.394  1.00 22.19 ? 2   DG  A O6    1 
ATOM   36  N N1    . DG  A 1 2  ? 2.278   -0.271  -9.566  1.00 22.78 ? 2   DG  A N1    1 
ATOM   37  C C2    . DG  A 1 2  ? 2.944   0.838   -9.984  1.00 24.60 ? 2   DG  A C2    1 
ATOM   38  N N2    . DG  A 1 2  ? 2.249   1.639   -10.774 1.00 21.48 ? 2   DG  A N2    1 
ATOM   39  N N3    . DG  A 1 2  ? 4.199   1.128   -9.677  1.00 31.42 ? 2   DG  A N3    1 
ATOM   40  C C4    . DG  A 1 2  ? 4.746   0.264   -8.820  1.00 30.52 ? 2   DG  A C4    1 
ATOM   41  P P     . DG  A 1 3  ? 7.971   4.633   -6.077  1.00 36.17 ? 3   DG  A P     1 
ATOM   42  O OP1   . DG  A 1 3  ? 8.758   5.880   -5.884  1.00 38.44 ? 3   DG  A OP1   1 
ATOM   43  O OP2   . DG  A 1 3  ? 7.521   3.816   -4.927  1.00 43.50 ? 3   DG  A OP2   1 
ATOM   44  O "O5'" . DG  A 1 3  ? 6.690   5.013   -6.929  1.00 36.91 ? 3   DG  A "O5'" 1 
ATOM   45  C "C5'" . DG  A 1 3  ? 5.485   5.427   -6.277  1.00 29.42 ? 3   DG  A "C5'" 1 
ATOM   46  C "C4'" . DG  A 1 3  ? 4.373   5.466   -7.298  1.00 21.20 ? 3   DG  A "C4'" 1 
ATOM   47  O "O4'" . DG  A 1 3  ? 4.211   4.160   -7.883  1.00 22.27 ? 3   DG  A "O4'" 1 
ATOM   48  C "C3'" . DG  A 1 3  ? 2.997   5.733   -6.645  1.00 21.67 ? 3   DG  A "C3'" 1 
ATOM   49  O "O3'" . DG  A 1 3  ? 2.870   7.162   -6.558  1.00 29.68 ? 3   DG  A "O3'" 1 
ATOM   50  C "C2'" . DG  A 1 3  ? 2.126   5.226   -7.776  1.00 20.55 ? 3   DG  A "C2'" 1 
ATOM   51  C "C1'" . DG  A 1 3  ? 2.866   3.972   -8.166  1.00 19.45 ? 3   DG  A "C1'" 1 
ATOM   52  N N9    . DG  A 1 3  ? 2.409   2.852   -7.351  1.00 21.51 ? 3   DG  A N9    1 
ATOM   53  C C8    . DG  A 1 3  ? 3.122   2.048   -6.531  1.00 25.27 ? 3   DG  A C8    1 
ATOM   54  N N7    . DG  A 1 3  ? 2.459   0.980   -6.146  1.00 24.62 ? 3   DG  A N7    1 
ATOM   55  C C5    . DG  A 1 3  ? 1.224   1.138   -6.780  1.00 21.44 ? 3   DG  A C5    1 
ATOM   56  C C6    . DG  A 1 3  ? 0.077   0.286   -6.743  1.00 18.06 ? 3   DG  A C6    1 
ATOM   57  O O6    . DG  A 1 3  ? -0.114  -0.786  -6.130  1.00 20.18 ? 3   DG  A O6    1 
ATOM   58  N N1    . DG  A 1 3  ? -0.937  0.869   -7.497  1.00 18.71 ? 3   DG  A N1    1 
ATOM   59  C C2    . DG  A 1 3  ? -0.897  2.049   -8.192  1.00 17.34 ? 3   DG  A C2    1 
ATOM   60  N N2    . DG  A 1 3  ? -2.018  2.370   -8.843  1.00 14.86 ? 3   DG  A N2    1 
ATOM   61  N N3    . DG  A 1 3  ? 0.170   2.816   -8.262  1.00 15.97 ? 3   DG  A N3    1 
ATOM   62  C C4    . DG  A 1 3  ? 1.161   2.309   -7.498  1.00 20.02 ? 3   DG  A C4    1 
ATOM   63  P P     . DG  A 1 4  ? 1.749   7.859   -5.655  1.00 29.46 ? 4   DG  A P     1 
ATOM   64  O OP1   . DG  A 1 4  ? 1.889   9.334   -5.767  1.00 40.82 ? 4   DG  A OP1   1 
ATOM   65  O OP2   . DG  A 1 4  ? 1.744   7.234   -4.321  1.00 37.60 ? 4   DG  A OP2   1 
ATOM   66  O "O5'" . DG  A 1 4  ? 0.349   7.543   -6.322  1.00 30.44 ? 4   DG  A "O5'" 1 
ATOM   67  C "C5'" . DG  A 1 4  ? -0.283  8.563   -7.132  1.00 20.76 ? 4   DG  A "C5'" 1 
ATOM   68  C "C4'" . DG  A 1 4  ? -1.717  8.168   -7.341  1.00 18.65 ? 4   DG  A "C4'" 1 
ATOM   69  O "O4'" . DG  A 1 4  ? -2.007  6.897   -7.949  1.00 18.88 ? 4   DG  A "O4'" 1 
ATOM   70  C "C3'" . DG  A 1 4  ? -2.496  8.120   -6.001  1.00 22.88 ? 4   DG  A "C3'" 1 
ATOM   71  O "O3'" . DG  A 1 4  ? -2.850  9.480   -5.683  1.00 26.42 ? 4   DG  A "O3'" 1 
ATOM   72  C "C2'" . DG  A 1 4  ? -3.758  7.399   -6.491  1.00 18.65 ? 4   DG  A "C2'" 1 
ATOM   73  C "C1'" . DG  A 1 4  ? -3.159  6.298   -7.364  1.00 19.41 ? 4   DG  A "C1'" 1 
ATOM   74  N N9    . DG  A 1 4  ? -2.686  5.135   -6.614  1.00 19.22 ? 4   DG  A N9    1 
ATOM   75  C C8    . DG  A 1 4  ? -1.430  4.946   -6.061  1.00 17.03 ? 4   DG  A C8    1 
ATOM   76  N N7    . DG  A 1 4  ? -1.281  3.773   -5.463  1.00 17.65 ? 4   DG  A N7    1 
ATOM   77  C C5    . DG  A 1 4  ? -2.545  3.214   -5.575  1.00 15.92 ? 4   DG  A C5    1 
ATOM   78  C C6    . DG  A 1 4  ? -3.027  1.959   -5.126  1.00 15.19 ? 4   DG  A C6    1 
ATOM   79  O O6    . DG  A 1 4  ? -2.373  1.088   -4.515  1.00 19.92 ? 4   DG  A O6    1 
ATOM   80  N N1    . DG  A 1 4  ? -4.389  1.840   -5.425  1.00 17.20 ? 4   DG  A N1    1 
ATOM   81  C C2    . DG  A 1 4  ? -5.183  2.722   -6.079  1.00 17.24 ? 4   DG  A C2    1 
ATOM   82  N N2    . DG  A 1 4  ? -6.467  2.408   -6.291  1.00 19.28 ? 4   DG  A N2    1 
ATOM   83  N N3    . DG  A 1 4  ? -4.741  3.878   -6.504  1.00 17.59 ? 4   DG  A N3    1 
ATOM   84  C C4    . DG  A 1 4  ? -3.435  4.057   -6.212  1.00 15.58 ? 4   DG  A C4    1 
ATOM   85  P P     . DG  A 1 5  ? -3.055  9.854   -4.107  1.00 25.93 ? 5   DG  A P     1 
ATOM   86  O OP1   . DG  A 1 5  ? -3.405  11.285  -4.092  1.00 30.18 ? 5   DG  A OP1   1 
ATOM   87  O OP2   . DG  A 1 5  ? -1.989  9.290   -3.267  1.00 26.67 ? 5   DG  A OP2   1 
ATOM   88  O "O5'" . DG  A 1 5  ? -4.402  9.026   -3.811  1.00 29.19 ? 5   DG  A "O5'" 1 
ATOM   89  C "C5'" . DG  A 1 5  ? -4.641  8.400   -2.531  1.00 30.96 ? 5   DG  A "C5'" 1 
ATOM   90  C "C4'" . DG  A 1 5  ? -5.792  7.421   -2.618  1.00 24.54 ? 5   DG  A "C4'" 1 
ATOM   91  O "O4'" . DG  A 1 5  ? -5.473  6.314   -3.480  1.00 23.09 ? 5   DG  A "O4'" 1 
ATOM   92  C "C3'" . DG  A 1 5  ? -6.076  6.719   -1.266  1.00 27.62 ? 5   DG  A "C3'" 1 
ATOM   93  O "O3'" . DG  A 1 5  ? -6.883  7.626   -0.533  1.00 30.75 ? 5   DG  A "O3'" 1 
ATOM   94  C "C2'" . DG  A 1 5  ? -6.931  5.566   -1.780  1.00 21.96 ? 5   DG  A "C2'" 1 
ATOM   95  C "C1'" . DG  A 1 5  ? -6.026  5.102   -2.935  1.00 22.17 ? 5   DG  A "C1'" 1 
ATOM   96  N N9    . DG  A 1 5  ? -4.961  4.228   -2.425  1.00 20.49 ? 5   DG  A N9    1 
ATOM   97  C C8    . DG  A 1 5  ? -3.627  4.485   -2.324  1.00 19.12 ? 5   DG  A C8    1 
ATOM   98  N N7    . DG  A 1 5  ? -2.888  3.422   -2.066  1.00 17.97 ? 5   DG  A N7    1 
ATOM   99  C C5    . DG  A 1 5  ? -3.837  2.410   -1.888  1.00 17.41 ? 5   DG  A C5    1 
ATOM   100 C C6    . DG  A 1 5  ? -3.649  1.044   -1.570  1.00 15.49 ? 5   DG  A C6    1 
ATOM   101 O O6    . DG  A 1 5  ? -2.583  0.439   -1.261  1.00 20.30 ? 5   DG  A O6    1 
ATOM   102 N N1    . DG  A 1 5  ? -4.867  0.382   -1.504  1.00 17.40 ? 5   DG  A N1    1 
ATOM   103 C C2    . DG  A 1 5  ? -6.070  0.966   -1.759  1.00 17.51 ? 5   DG  A C2    1 
ATOM   104 N N2    . DG  A 1 5  ? -7.152  0.195   -1.685  1.00 20.94 ? 5   DG  A N2    1 
ATOM   105 N N3    . DG  A 1 5  ? -6.265  2.239   -2.074  1.00 19.55 ? 5   DG  A N3    1 
ATOM   106 C C4    . DG  A 1 5  ? -5.103  2.905   -2.084  1.00 17.01 ? 5   DG  A C4    1 
ATOM   107 P P     . DC  A 1 6  ? -6.826  7.909   1.035   1.00 31.20 ? 6   DC  A P     1 
ATOM   108 O OP1   . DC  A 1 6  ? -7.598  9.186   1.166   1.00 37.67 ? 6   DC  A OP1   1 
ATOM   109 O OP2   . DC  A 1 6  ? -5.449  7.809   1.544   1.00 36.17 ? 6   DC  A OP2   1 
ATOM   110 O "O5'" . DC  A 1 6  ? -7.678  6.722   1.639   1.00 30.92 ? 6   DC  A "O5'" 1 
ATOM   111 C "C5'" . DC  A 1 6  ? -9.098  6.614   1.367   1.00 29.52 ? 6   DC  A "C5'" 1 
ATOM   112 C "C4'" . DC  A 1 6  ? -9.581  5.277   1.913   1.00 28.10 ? 6   DC  A "C4'" 1 
ATOM   113 O "O4'" . DC  A 1 6  ? -8.959  4.280   1.086   1.00 28.49 ? 6   DC  A "O4'" 1 
ATOM   114 C "C3'" . DC  A 1 6  ? -9.002  4.912   3.280   1.00 25.80 ? 6   DC  A "C3'" 1 
ATOM   115 O "O3'" . DC  A 1 6  ? -9.832  5.476   4.295   1.00 29.06 ? 6   DC  A "O3'" 1 
ATOM   116 C "C2'" . DC  A 1 6  ? -9.181  3.396   3.277   1.00 22.86 ? 6   DC  A "C2'" 1 
ATOM   117 C "C1'" . DC  A 1 6  ? -8.719  3.108   1.861   1.00 25.64 ? 6   DC  A "C1'" 1 
ATOM   118 N N1    . DC  A 1 6  ? -7.272  2.844   1.776   1.00 29.84 ? 6   DC  A N1    1 
ATOM   119 C C2    . DC  A 1 6  ? -6.864  1.514   1.961   1.00 27.94 ? 6   DC  A C2    1 
ATOM   120 O O2    . DC  A 1 6  ? -7.734  0.671   2.238   1.00 25.45 ? 6   DC  A O2    1 
ATOM   121 N N3    . DC  A 1 6  ? -5.554  1.213   1.884   1.00 27.13 ? 6   DC  A N3    1 
ATOM   122 C C4    . DC  A 1 6  ? -4.709  2.183   1.506   1.00 27.38 ? 6   DC  A C4    1 
ATOM   123 N N4    . DC  A 1 6  ? -3.410  1.867   1.410   1.00 26.72 ? 6   DC  A N4    1 
ATOM   124 C C5    . DC  A 1 6  ? -5.103  3.544   1.305   1.00 25.38 ? 6   DC  A C5    1 
ATOM   125 C C6    . DC  A 1 6  ? -6.388  3.862   1.530   1.00 24.31 ? 6   DC  A C6    1 
ATOM   126 P P     . DC  A 1 7  ? -9.109  5.933   5.678   1.00 36.70 ? 7   DC  A P     1 
ATOM   127 O OP1   . DC  A 1 7  ? -10.144 6.583   6.482   1.00 51.49 ? 7   DC  A OP1   1 
ATOM   128 O OP2   . DC  A 1 7  ? -7.817  6.563   5.372   1.00 46.78 ? 7   DC  A OP2   1 
ATOM   129 O "O5'" . DC  A 1 7  ? -8.700  4.503   6.270   1.00 32.75 ? 7   DC  A "O5'" 1 
ATOM   130 C "C5'" . DC  A 1 7  ? -9.645  3.532   6.701   1.00 27.28 ? 7   DC  A "C5'" 1 
ATOM   131 C "C4'" . DC  A 1 7  ? -9.065  2.201   7.060   1.00 26.97 ? 7   DC  A "C4'" 1 
ATOM   132 O "O4'" . DC  A 1 7  ? -8.419  1.600   5.919   1.00 26.79 ? 7   DC  A "O4'" 1 
ATOM   133 C "C3'" . DC  A 1 7  ? -7.946  2.198   8.120   1.00 26.41 ? 7   DC  A "C3'" 1 
ATOM   134 O "O3'" . DC  A 1 7  ? -8.453  2.248   9.456   1.00 32.29 ? 7   DC  A "O3'" 1 
ATOM   135 C "C2'" . DC  A 1 7  ? -7.346  0.820   7.874   1.00 24.42 ? 7   DC  A "C2'" 1 
ATOM   136 C "C1'" . DC  A 1 7  ? -7.343  0.786   6.362   1.00 25.74 ? 7   DC  A "C1'" 1 
ATOM   137 N N1    . DC  A 1 7  ? -6.067  1.144   5.733   1.00 25.80 ? 7   DC  A N1    1 
ATOM   138 C C2    . DC  A 1 7  ? -5.051  0.194   5.747   1.00 24.15 ? 7   DC  A C2    1 
ATOM   139 O O2    . DC  A 1 7  ? -5.245  -0.955  6.207   1.00 27.59 ? 7   DC  A O2    1 
ATOM   140 N N3    . DC  A 1 7  ? -3.827  0.504   5.260   1.00 27.89 ? 7   DC  A N3    1 
ATOM   141 C C4    . DC  A 1 7  ? -3.599  1.696   4.737   1.00 25.99 ? 7   DC  A C4    1 
ATOM   142 N N4    . DC  A 1 7  ? -2.356  1.929   4.320   1.00 34.34 ? 7   DC  A N4    1 
ATOM   143 C C5    . DC  A 1 7  ? -4.598  2.714   4.759   1.00 31.43 ? 7   DC  A C5    1 
ATOM   144 C C6    . DC  A 1 7  ? -5.796  2.390   5.267   1.00 27.15 ? 7   DC  A C6    1 
ATOM   145 P P     . DC  A 1 8  ? -7.464  2.778   10.635  1.00 31.44 ? 8   DC  A P     1 
ATOM   146 O OP1   . DC  A 1 8  ? -8.309  2.993   11.818  1.00 43.24 ? 8   DC  A OP1   1 
ATOM   147 O OP2   . DC  A 1 8  ? -6.604  3.831   10.053  1.00 40.96 ? 8   DC  A OP2   1 
ATOM   148 O "O5'" . DC  A 1 8  ? -6.532  1.535   10.907  1.00 27.29 ? 8   DC  A "O5'" 1 
ATOM   149 C "C5'" . DC  A 1 8  ? -6.997  0.329   11.525  1.00 23.45 ? 8   DC  A "C5'" 1 
ATOM   150 C "C4'" . DC  A 1 8  ? -5.967  -0.738  11.378  1.00 17.16 ? 8   DC  A "C4'" 1 
ATOM   151 O "O4'" . DC  A 1 8  ? -5.498  -0.901  10.015  1.00 19.87 ? 8   DC  A "O4'" 1 
ATOM   152 C "C3'" . DC  A 1 8  ? -4.712  -0.637  12.228  1.00 15.52 ? 8   DC  A "C3'" 1 
ATOM   153 O "O3'" . DC  A 1 8  ? -4.936  -0.804  13.618  1.00 19.84 ? 8   DC  A "O3'" 1 
ATOM   154 C "C2'" . DC  A 1 8  ? -3.837  -1.642  11.532  1.00 17.18 ? 8   DC  A "C2'" 1 
ATOM   155 C "C1'" . DC  A 1 8  ? -4.178  -1.456  10.066  1.00 19.10 ? 8   DC  A "C1'" 1 
ATOM   156 N N1    . DC  A 1 8  ? -3.281  -0.530  9.346   1.00 17.52 ? 8   DC  A N1    1 
ATOM   157 C C2    . DC  A 1 8  ? -2.022  -1.035  8.975   1.00 16.77 ? 8   DC  A C2    1 
ATOM   158 O O2    . DC  A 1 8  ? -1.736  -2.178  9.316   1.00 14.84 ? 8   DC  A O2    1 
ATOM   159 N N3    . DC  A 1 8  ? -1.205  -0.267  8.231   1.00 16.50 ? 8   DC  A N3    1 
ATOM   160 C C4    . DC  A 1 8  ? -1.562  0.988   7.942   1.00 18.44 ? 8   DC  A C4    1 
ATOM   161 N N4    . DC  A 1 8  ? -0.673  1.685   7.223   1.00 17.99 ? 8   DC  A N4    1 
ATOM   162 C C5    . DC  A 1 8  ? -2.822  1.537   8.307   1.00 18.67 ? 8   DC  A C5    1 
ATOM   163 C C6    . DC  A 1 8  ? -3.664  0.731   9.012   1.00 18.57 ? 8   DC  A C6    1 
ATOM   164 P P     . DC  A 1 9  ? -4.012  -0.150  14.769  1.00 23.78 ? 9   DC  A P     1 
ATOM   165 O OP1   . DC  A 1 9  ? -4.546  -0.525  16.098  1.00 30.80 ? 9   DC  A OP1   1 
ATOM   166 O OP2   . DC  A 1 9  ? -3.712  1.258   14.474  1.00 29.59 ? 9   DC  A OP2   1 
ATOM   167 O "O5'" . DC  A 1 9  ? -2.629  -0.923  14.577  1.00 19.50 ? 9   DC  A "O5'" 1 
ATOM   168 C "C5'" . DC  A 1 9  ? -2.488  -2.296  14.961  1.00 19.48 ? 9   DC  A "C5'" 1 
ATOM   169 C "C4'" . DC  A 1 9  ? -1.079  -2.720  14.673  1.00 19.02 ? 9   DC  A "C4'" 1 
ATOM   170 O "O4'" . DC  A 1 9  ? -0.752  -2.670  13.262  1.00 17.23 ? 9   DC  A "O4'" 1 
ATOM   171 C "C3'" . DC  A 1 9  ? -0.016  -1.826  15.320  1.00 20.72 ? 9   DC  A "C3'" 1 
ATOM   172 O "O3'" . DC  A 1 9  ? 0.086   -2.212  16.711  1.00 26.41 ? 9   DC  A "O3'" 1 
ATOM   173 C "C2'" . DC  A 1 9  ? 1.221   -2.282  14.568  1.00 18.36 ? 9   DC  A "C2'" 1 
ATOM   174 C "C1'" . DC  A 1 9  ? 0.665   -2.445  13.134  1.00 16.82 ? 9   DC  A "C1'" 1 
ATOM   175 N N1    . DC  A 1 9  ? 0.804   -1.193  12.372  1.00 17.67 ? 9   DC  A N1    1 
ATOM   176 C C2    . DC  A 1 9  ? 2.051   -0.966  11.769  1.00 16.61 ? 9   DC  A C2    1 
ATOM   177 O O2    . DC  A 1 9  ? 2.970   -1.759  11.995  1.00 21.31 ? 9   DC  A O2    1 
ATOM   178 N N3    . DC  A 1 9  ? 2.161   0.103   10.955  1.00 18.65 ? 9   DC  A N3    1 
ATOM   179 C C4    . DC  A 1 9  ? 1.132   0.907   10.711  1.00 17.41 ? 9   DC  A C4    1 
ATOM   180 N N4    . DC  A 1 9  ? 1.322   2.019   9.991   1.00 19.37 ? 9   DC  A N4    1 
ATOM   181 C C5    . DC  A 1 9  ? -0.112  0.744   11.393  1.00 16.34 ? 9   DC  A C5    1 
ATOM   182 C C6    . DC  A 1 9  ? -0.231  -0.353  12.153  1.00 17.80 ? 9   DC  A C6    1 
ATOM   183 P P     . DT  A 1 10 ? 0.850   -1.204  17.694  1.00 26.36 ? 10  DT  A P     1 
ATOM   184 O OP1   . DT  A 1 10 ? 0.805   -1.808  19.045  1.00 32.87 ? 10  DT  A OP1   1 
ATOM   185 O OP2   . DT  A 1 10 ? 0.351   0.172   17.455  1.00 32.79 ? 10  DT  A OP2   1 
ATOM   186 O "O5'" . DT  A 1 10 ? 2.338   -1.193  17.083  1.00 21.99 ? 10  DT  A "O5'" 1 
ATOM   187 C "C5'" . DT  A 1 10 ? 3.188   -2.339  17.236  1.00 20.19 ? 10  DT  A "C5'" 1 
ATOM   188 C "C4'" . DT  A 1 10 ? 4.627   -2.027  16.905  1.00 18.06 ? 10  DT  A "C4'" 1 
ATOM   189 O "O4'" . DT  A 1 10 ? 4.693   -1.711  15.501  1.00 19.67 ? 10  DT  A "O4'" 1 
ATOM   190 C "C3'" . DT  A 1 10 ? 5.236   -0.822  17.617  1.00 17.75 ? 10  DT  A "C3'" 1 
ATOM   191 O "O3'" . DT  A 1 10 ? 5.711   -1.039  18.945  1.00 19.59 ? 10  DT  A "O3'" 1 
ATOM   192 C "C2'" . DT  A 1 10 ? 6.352   -0.473  16.639  1.00 18.96 ? 10  DT  A "C2'" 1 
ATOM   193 C "C1'" . DT  A 1 10 ? 5.716   -0.757  15.279  1.00 15.70 ? 10  DT  A "C1'" 1 
ATOM   194 N N1    . DT  A 1 10 ? 5.102   0.381   14.580  1.00 19.14 ? 10  DT  A N1    1 
ATOM   195 C C2    . DT  A 1 10 ? 5.904   1.013   13.669  1.00 19.46 ? 10  DT  A C2    1 
ATOM   196 O O2    . DT  A 1 10 ? 7.086   0.672   13.500  1.00 17.75 ? 10  DT  A O2    1 
ATOM   197 N N3    . DT  A 1 10 ? 5.262   2.016   12.995  1.00 20.72 ? 10  DT  A N3    1 
ATOM   198 C C4    . DT  A 1 10 ? 3.972   2.478   13.168  1.00 20.00 ? 10  DT  A C4    1 
ATOM   199 O O4    . DT  A 1 10 ? 3.472   3.357   12.451  1.00 21.40 ? 10  DT  A O4    1 
ATOM   200 C C5    . DT  A 1 10 ? 3.184   1.708   14.095  1.00 18.79 ? 10  DT  A C5    1 
ATOM   201 C C7    . DT  A 1 10 ? 1.781   2.152   14.358  1.00 17.46 ? 10  DT  A C7    1 
ATOM   202 C C6    . DT  A 1 10 ? 3.796   0.759   14.800  1.00 18.82 ? 10  DT  A C6    1 
ATOM   203 O "O5'" . DA  B 1 1  ? 9.698   8.058   5.869   1.00 42.90 ? 11  DA  B "O5'" 1 
ATOM   204 C "C5'" . DA  B 1 1  ? 11.006  7.582   5.572   1.00 33.45 ? 11  DA  B "C5'" 1 
ATOM   205 C "C4'" . DA  B 1 1  ? 11.456  6.478   6.479   1.00 29.75 ? 11  DA  B "C4'" 1 
ATOM   206 O "O4'" . DA  B 1 1  ? 11.224  6.752   7.869   1.00 29.25 ? 11  DA  B "O4'" 1 
ATOM   207 C "C3'" . DA  B 1 1  ? 10.807  5.109   6.233   1.00 26.58 ? 11  DA  B "C3'" 1 
ATOM   208 O "O3'" . DA  B 1 1  ? 11.558  4.503   5.175   1.00 26.98 ? 11  DA  B "O3'" 1 
ATOM   209 C "C2'" . DA  B 1 1  ? 11.162  4.431   7.539   1.00 26.78 ? 11  DA  B "C2'" 1 
ATOM   210 C "C1'" . DA  B 1 1  ? 10.872  5.553   8.538   1.00 24.19 ? 11  DA  B "C1'" 1 
ATOM   211 N N9    . DA  B 1 1  ? 9.445   5.636   8.853   1.00 23.29 ? 11  DA  B N9    1 
ATOM   212 C C8    . DA  B 1 1  ? 8.547   6.595   8.501   1.00 25.56 ? 11  DA  B C8    1 
ATOM   213 N N7    . DA  B 1 1  ? 7.346   6.398   9.003   1.00 24.72 ? 11  DA  B N7    1 
ATOM   214 C C5    . DA  B 1 1  ? 7.479   5.253   9.762   1.00 21.17 ? 11  DA  B C5    1 
ATOM   215 C C6    . DA  B 1 1  ? 6.551   4.564   10.569  1.00 21.94 ? 11  DA  B C6    1 
ATOM   216 N N6    . DA  B 1 1  ? 5.269   4.910   10.701  1.00 22.77 ? 11  DA  B N6    1 
ATOM   217 N N1    . DA  B 1 1  ? 6.984   3.417   11.161  1.00 17.27 ? 11  DA  B N1    1 
ATOM   218 C C2    . DA  B 1 1  ? 8.281   3.073   10.942  1.00 16.98 ? 11  DA  B C2    1 
ATOM   219 N N3    . DA  B 1 1  ? 9.261   3.629   10.224  1.00 19.35 ? 11  DA  B N3    1 
ATOM   220 C C4    . DA  B 1 1  ? 8.750   4.720   9.609   1.00 20.27 ? 11  DA  B C4    1 
ATOM   221 P P     . DG  B 1 2  ? 10.771  3.450   4.227   1.00 27.55 ? 12  DG  B P     1 
ATOM   222 O OP1   . DG  B 1 2  ? 11.787  3.129   3.182   1.00 29.17 ? 12  DG  B OP1   1 
ATOM   223 O OP2   . DG  B 1 2  ? 9.435   4.021   3.978   1.00 32.99 ? 12  DG  B OP2   1 
ATOM   224 O "O5'" . DG  B 1 2  ? 10.546  2.158   5.133   1.00 25.23 ? 12  DG  B "O5'" 1 
ATOM   225 C "C5'" . DG  B 1 2  ? 11.682  1.510   5.736   1.00 24.25 ? 12  DG  B "C5'" 1 
ATOM   226 C "C4'" . DG  B 1 2  ? 11.191  0.546   6.769   1.00 23.86 ? 12  DG  B "C4'" 1 
ATOM   227 O "O4'" . DG  B 1 2  ? 10.555  1.275   7.861   1.00 21.40 ? 12  DG  B "O4'" 1 
ATOM   228 C "C3'" . DG  B 1 2  ? 10.049  -0.397  6.327   1.00 25.92 ? 12  DG  B "C3'" 1 
ATOM   229 O "O3'" . DG  B 1 2  ? 10.637  -1.462  5.553   1.00 26.33 ? 12  DG  B "O3'" 1 
ATOM   230 C "C2'" . DG  B 1 2  ? 9.675   -0.908  7.714   1.00 26.34 ? 12  DG  B "C2'" 1 
ATOM   231 C "C1'" . DG  B 1 2  ? 9.606   0.422   8.474   1.00 22.99 ? 12  DG  B "C1'" 1 
ATOM   232 N N9    . DG  B 1 2  ? 8.364   1.164   8.246   1.00 19.67 ? 12  DG  B N9    1 
ATOM   233 C C8    . DG  B 1 2  ? 8.077   2.186   7.371   1.00 22.38 ? 12  DG  B C8    1 
ATOM   234 N N7    . DG  B 1 2  ? 6.791   2.542   7.428   1.00 19.94 ? 12  DG  B N7    1 
ATOM   235 C C5    . DG  B 1 2  ? 6.242   1.731   8.414   1.00 18.95 ? 12  DG  B C5    1 
ATOM   236 C C6    . DG  B 1 2  ? 4.899   1.589   8.891   1.00 19.66 ? 12  DG  B C6    1 
ATOM   237 O O6    . DG  B 1 2  ? 3.853   2.211   8.575   1.00 18.53 ? 12  DG  B O6    1 
ATOM   238 N N1    . DG  B 1 2  ? 4.783   0.578   9.874   1.00 17.85 ? 12  DG  B N1    1 
ATOM   239 C C2    . DG  B 1 2  ? 5.819   -0.201  10.316  1.00 17.31 ? 12  DG  B C2    1 
ATOM   240 N N2    . DG  B 1 2  ? 5.497   -1.085  11.259  1.00 18.03 ? 12  DG  B N2    1 
ATOM   241 N N3    . DG  B 1 2  ? 7.049   -0.076  9.872   1.00 17.01 ? 12  DG  B N3    1 
ATOM   242 C C4    . DG  B 1 2  ? 7.165   0.812   8.860   1.00 16.50 ? 12  DG  B C4    1 
ATOM   243 P P     . DG  B 1 3  ? 9.705   -2.270  4.550   1.00 29.37 ? 13  DG  B P     1 
ATOM   244 O OP1   . DG  B 1 3  ? 10.423  -3.398  3.906   1.00 34.47 ? 13  DG  B OP1   1 
ATOM   245 O OP2   . DG  B 1 3  ? 8.945   -1.294  3.753   1.00 34.96 ? 13  DG  B OP2   1 
ATOM   246 O "O5'" . DG  B 1 3  ? 8.611   -2.995  5.463   1.00 30.94 ? 13  DG  B "O5'" 1 
ATOM   247 C "C5'" . DG  B 1 3  ? 9.041   -4.074  6.337   1.00 26.96 ? 13  DG  B "C5'" 1 
ATOM   248 C "C4'" . DG  B 1 3  ? 7.822   -4.519  7.122   1.00 24.75 ? 13  DG  B "C4'" 1 
ATOM   249 O "O4'" . DG  B 1 3  ? 7.270   -3.450  7.940   1.00 22.70 ? 13  DG  B "O4'" 1 
ATOM   250 C "C3'" . DG  B 1 3  ? 6.592   -4.798  6.221   1.00 24.59 ? 13  DG  B "C3'" 1 
ATOM   251 O "O3'" . DG  B 1 3  ? 6.707   -6.111  5.661   1.00 26.31 ? 13  DG  B "O3'" 1 
ATOM   252 C "C2'" . DG  B 1 3  ? 5.505   -4.838  7.289   1.00 18.83 ? 13  DG  B "C2'" 1 
ATOM   253 C "C1'" . DG  B 1 3  ? 5.872   -3.610  8.117   1.00 19.25 ? 13  DG  B "C1'" 1 
ATOM   254 N N9    . DG  B 1 3  ? 5.151   -2.447  7.626   1.00 17.02 ? 13  DG  B N9    1 
ATOM   255 C C8    . DG  B 1 3  ? 5.597   -1.528  6.700   1.00 17.24 ? 13  DG  B C8    1 
ATOM   256 N N7    . DG  B 1 3  ? 4.733   -0.583  6.434   1.00 19.38 ? 13  DG  B N7    1 
ATOM   257 C C5    . DG  B 1 3  ? 3.580   -1.037  7.058   1.00 17.10 ? 13  DG  B C5    1 
ATOM   258 C C6    . DG  B 1 3  ? 2.250   -0.506  7.131   1.00 15.73 ? 13  DG  B C6    1 
ATOM   259 O O6    . DG  B 1 3  ? 1.770   0.489   6.595   1.00 18.12 ? 13  DG  B O6    1 
ATOM   260 N N1    . DG  B 1 3  ? 1.482   -1.306  7.980   1.00 16.01 ? 13  DG  B N1    1 
ATOM   261 C C2    . DG  B 1 3  ? 1.847   -2.411  8.689   1.00 18.71 ? 13  DG  B C2    1 
ATOM   262 N N2    . DG  B 1 3  ? 0.953   -2.980  9.415   1.00 27.21 ? 13  DG  B N2    1 
ATOM   263 N N3    . DG  B 1 3  ? 3.107   -2.859  8.740   1.00 18.19 ? 13  DG  B N3    1 
ATOM   264 C C4    . DG  B 1 3  ? 3.801   -2.173  7.802   1.00 13.95 ? 13  DG  B C4    1 
ATOM   265 P P     . DG  B 1 4  ? 5.901   -6.501  4.331   1.00 29.07 ? 14  DG  B P     1 
ATOM   266 O OP1   . DG  B 1 4  ? 6.310   -7.879  4.007   1.00 39.83 ? 14  DG  B OP1   1 
ATOM   267 O OP2   . DG  B 1 4  ? 6.035   -5.365  3.393   1.00 32.87 ? 14  DG  B OP2   1 
ATOM   268 O "O5'" . DG  B 1 4  ? 4.389   -6.567  4.780   1.00 27.13 ? 14  DG  B "O5'" 1 
ATOM   269 C "C5'" . DG  B 1 4  ? 3.955   -7.632  5.645   1.00 28.32 ? 14  DG  B "C5'" 1 
ATOM   270 C "C4'" . DG  B 1 4  ? 2.504   -7.337  5.962   1.00 25.98 ? 14  DG  B "C4'" 1 
ATOM   271 O "O4'" . DG  B 1 4  ? 2.419   -5.978  6.529   1.00 30.01 ? 14  DG  B "O4'" 1 
ATOM   272 C "C3'" . DG  B 1 4  ? 1.585   -7.152  4.729   1.00 25.26 ? 14  DG  B "C3'" 1 
ATOM   273 O "O3'" . DG  B 1 4  ? 1.256   -8.418  4.165   1.00 24.73 ? 14  DG  B "O3'" 1 
ATOM   274 C "C2'" . DG  B 1 4  ? 0.401   -6.606  5.514   1.00 29.39 ? 14  DG  B "C2'" 1 
ATOM   275 C "C1'" . DG  B 1 4  ? 1.081   -5.535  6.346   1.00 27.53 ? 14  DG  B "C1'" 1 
ATOM   276 N N9    . DG  B 1 4  ? 1.111   -4.227  5.706   1.00 28.54 ? 14  DG  B N9    1 
ATOM   277 C C8    . DG  B 1 4  ? 2.116   -3.558  5.075   1.00 31.13 ? 14  DG  B C8    1 
ATOM   278 N N7    . DG  B 1 4  ? 1.758   -2.408  4.564   1.00 32.41 ? 14  DG  B N7    1 
ATOM   279 C C5    . DG  B 1 4  ? 0.432   -2.270  4.969   1.00 28.15 ? 14  DG  B C5    1 
ATOM   280 C C6    . DG  B 1 4  ? -0.505  -1.210  4.737   1.00 29.13 ? 14  DG  B C6    1 
ATOM   281 O O6    . DG  B 1 4  ? -0.339  -0.097  4.186   1.00 31.35 ? 14  DG  B O6    1 
ATOM   282 N N1    . DG  B 1 4  ? -1.722  -1.546  5.324   1.00 26.16 ? 14  DG  B N1    1 
ATOM   283 C C2    . DG  B 1 4  ? -2.003  -2.681  6.013   1.00 31.37 ? 14  DG  B C2    1 
ATOM   284 N N2    . DG  B 1 4  ? -3.231  -2.818  6.507   1.00 24.73 ? 14  DG  B N2    1 
ATOM   285 N N3    . DG  B 1 4  ? -1.144  -3.649  6.266   1.00 27.80 ? 14  DG  B N3    1 
ATOM   286 C C4    . DG  B 1 4  ? 0.033   -3.365  5.688   1.00 29.77 ? 14  DG  B C4    1 
ATOM   287 P P     . DG  B 1 5  ? 0.640   -8.550  2.674   1.00 23.83 ? 15  DG  B P     1 
ATOM   288 O OP1   . DG  B 1 5  ? 0.740   -9.984  2.332   1.00 27.18 ? 15  DG  B OP1   1 
ATOM   289 O OP2   . DG  B 1 5  ? 1.229   -7.449  1.892   1.00 28.80 ? 15  DG  B OP2   1 
ATOM   290 O "O5'" . DG  B 1 5  ? -0.902  -8.212  2.837   1.00 20.15 ? 15  DG  B "O5'" 1 
ATOM   291 C "C5'" . DG  B 1 5  ? -1.701  -9.130  3.599   1.00 22.53 ? 15  DG  B "C5'" 1 
ATOM   292 C "C4'" . DG  B 1 5  ? -3.076  -8.524  3.731   1.00 22.40 ? 15  DG  B "C4'" 1 
ATOM   293 O "O4'" . DG  B 1 5  ? -2.943  -7.215  4.352   1.00 23.56 ? 15  DG  B "O4'" 1 
ATOM   294 C "C3'" . DG  B 1 5  ? -3.662  -8.158  2.358   1.00 22.07 ? 15  DG  B "C3'" 1 
ATOM   295 O "O3'" . DG  B 1 5  ? -4.259  -9.331  1.801   1.00 22.94 ? 15  DG  B "O3'" 1 
ATOM   296 C "C2'" . DG  B 1 5  ? -4.703  -7.138  2.772   1.00 19.54 ? 15  DG  B "C2'" 1 
ATOM   297 C "C1'" . DG  B 1 5  ? -3.971  -6.368  3.851   1.00 18.12 ? 15  DG  B "C1'" 1 
ATOM   298 N N9    . DG  B 1 5  ? -3.326  -5.133  3.403   1.00 20.25 ? 15  DG  B N9    1 
ATOM   299 C C8    . DG  B 1 5  ? -2.027  -5.019  2.968   1.00 21.97 ? 15  DG  B C8    1 
ATOM   300 N N7    . DG  B 1 5  ? -1.770  -3.811  2.514   1.00 19.86 ? 15  DG  B N7    1 
ATOM   301 C C5    . DG  B 1 5  ? -2.991  -3.139  2.640   1.00 22.30 ? 15  DG  B C5    1 
ATOM   302 C C6    . DG  B 1 5  ? -3.320  -1.796  2.256   1.00 18.51 ? 15  DG  B C6    1 
ATOM   303 O O6    . DG  B 1 5  ? -2.534  -0.925  1.839   1.00 20.62 ? 15  DG  B O6    1 
ATOM   304 N N1    . DG  B 1 5  ? -4.682  -1.568  2.504   1.00 20.00 ? 15  DG  B N1    1 
ATOM   305 C C2    . DG  B 1 5  ? -5.590  -2.457  3.022   1.00 18.61 ? 15  DG  B C2    1 
ATOM   306 N N2    . DG  B 1 5  ? -6.852  -2.003  3.179   1.00 20.90 ? 15  DG  B N2    1 
ATOM   307 N N3    . DG  B 1 5  ? -5.271  -3.690  3.376   1.00 20.91 ? 15  DG  B N3    1 
ATOM   308 C C4    . DG  B 1 5  ? -3.972  -3.943  3.138   1.00 19.79 ? 15  DG  B C4    1 
ATOM   309 P P     . DC  B 1 6  ? -4.225  -9.483  0.214   1.00 23.44 ? 16  DC  B P     1 
ATOM   310 O OP1   . DC  B 1 6  ? -4.735  -10.845 -0.033  1.00 28.95 ? 16  DC  B OP1   1 
ATOM   311 O OP2   . DC  B 1 6  ? -2.912  -9.039  -0.326  1.00 25.85 ? 16  DC  B OP2   1 
ATOM   312 O "O5'" . DC  B 1 6  ? -5.270  -8.388  -0.317  1.00 22.15 ? 16  DC  B "O5'" 1 
ATOM   313 C "C5'" . DC  B 1 6  ? -6.668  -8.641  -0.067  1.00 20.30 ? 16  DC  B "C5'" 1 
ATOM   314 C "C4'" . DC  B 1 6  ? -7.476  -7.426  -0.407  1.00 20.14 ? 16  DC  B "C4'" 1 
ATOM   315 O "O4'" . DC  B 1 6  ? -7.079  -6.295  0.415   1.00 22.83 ? 16  DC  B "O4'" 1 
ATOM   316 C "C3'" . DC  B 1 6  ? -7.211  -6.889  -1.835  1.00 20.60 ? 16  DC  B "C3'" 1 
ATOM   317 O "O3'" . DC  B 1 6  ? -8.092  -7.647  -2.681  1.00 22.91 ? 16  DC  B "O3'" 1 
ATOM   318 C "C2'" . DC  B 1 6  ? -7.781  -5.493  -1.697  1.00 18.35 ? 16  DC  B "C2'" 1 
ATOM   319 C "C1'" . DC  B 1 6  ? -7.232  -5.099  -0.339  1.00 19.11 ? 16  DC  B "C1'" 1 
ATOM   320 N N1    . DC  B 1 6  ? -5.918  -4.445  -0.454  1.00 18.63 ? 16  DC  B N1    1 
ATOM   321 C C2    . DC  B 1 6  ? -5.984  -3.054  -0.649  1.00 16.10 ? 16  DC  B C2    1 
ATOM   322 O O2    . DC  B 1 6  ? -7.073  -2.483  -0.702  1.00 19.03 ? 16  DC  B O2    1 
ATOM   323 N N3    . DC  B 1 6  ? -4.825  -2.386  -0.738  1.00 16.13 ? 16  DC  B N3    1 
ATOM   324 C C4    . DC  B 1 6  ? -3.664  -3.075  -0.755  1.00 16.83 ? 16  DC  B C4    1 
ATOM   325 N N4    . DC  B 1 6  ? -2.589  -2.289  -0.832  1.00 17.58 ? 16  DC  B N4    1 
ATOM   326 C C5    . DC  B 1 6  ? -3.569  -4.464  -0.487  1.00 17.70 ? 16  DC  B C5    1 
ATOM   327 C C6    . DC  B 1 6  ? -4.751  -5.123  -0.443  1.00 17.82 ? 16  DC  B C6    1 
ATOM   328 P P     . DC  B 1 7  ? -7.706  -7.701  -4.256  1.00 22.78 ? 17  DC  B P     1 
ATOM   329 O OP1   . DC  B 1 7  ? -8.571  -8.722  -4.879  1.00 26.56 ? 17  DC  B OP1   1 
ATOM   330 O OP2   . DC  B 1 7  ? -6.224  -7.764  -4.316  1.00 25.66 ? 17  DC  B OP2   1 
ATOM   331 O "O5'" . DC  B 1 7  ? -8.083  -6.253  -4.773  1.00 21.49 ? 17  DC  B "O5'" 1 
ATOM   332 C "C5'" . DC  B 1 7  ? -9.488  -5.919  -4.839  1.00 19.08 ? 17  DC  B "C5'" 1 
ATOM   333 C "C4'" . DC  B 1 7  ? -9.689  -4.503  -5.271  1.00 20.75 ? 17  DC  B "C4'" 1 
ATOM   334 O "O4'" . DC  B 1 7  ? -9.151  -3.611  -4.262  1.00 18.43 ? 17  DC  B "O4'" 1 
ATOM   335 C "C3'" . DC  B 1 7  ? -8.955  -4.108  -6.570  1.00 21.44 ? 17  DC  B "C3'" 1 
ATOM   336 O "O3'" . DC  B 1 7  ? -9.740  -4.566  -7.701  1.00 22.88 ? 17  DC  B "O3'" 1 
ATOM   337 C "C2'" . DC  B 1 7  ? -9.111  -2.597  -6.370  1.00 21.38 ? 17  DC  B "C2'" 1 
ATOM   338 C "C1'" . DC  B 1 7  ? -8.653  -2.452  -4.923  1.00 19.28 ? 17  DC  B "C1'" 1 
ATOM   339 N N1    . DC  B 1 7  ? -7.194  -2.341  -4.773  1.00 18.76 ? 17  DC  B N1    1 
ATOM   340 C C2    . DC  B 1 7  ? -6.693  -1.031  -4.949  1.00 17.78 ? 17  DC  B C2    1 
ATOM   341 O O2    . DC  B 1 7  ? -7.467  -0.146  -5.329  1.00 16.56 ? 17  DC  B O2    1 
ATOM   342 N N3    . DC  B 1 7  ? -5.397  -0.809  -4.716  1.00 15.14 ? 17  DC  B N3    1 
ATOM   343 C C4    . DC  B 1 7  ? -4.609  -1.808  -4.305  1.00 15.60 ? 17  DC  B C4    1 
ATOM   344 N N4    . DC  B 1 7  ? -3.343  -1.476  -4.032  1.00 17.29 ? 17  DC  B N4    1 
ATOM   345 C C5    . DC  B 1 7  ? -5.083  -3.141  -4.093  1.00 16.56 ? 17  DC  B C5    1 
ATOM   346 C C6    . DC  B 1 7  ? -6.388  -3.350  -4.365  1.00 15.49 ? 17  DC  B C6    1 
ATOM   347 P P     . DC  B 1 8  ? -8.963  -5.034  -9.016  1.00 24.38 ? 18  DC  B P     1 
ATOM   348 O OP1   . DC  B 1 8  ? -9.944  -5.533  -10.026 1.00 33.44 ? 18  DC  B OP1   1 
ATOM   349 O OP2   . DC  B 1 8  ? -7.850  -5.944  -8.625  1.00 29.62 ? 18  DC  B OP2   1 
ATOM   350 O "O5'" . DC  B 1 8  ? -8.282  -3.701  -9.596  1.00 19.81 ? 18  DC  B "O5'" 1 
ATOM   351 C "C5'" . DC  B 1 8  ? -9.148  -2.678  -10.128 1.00 18.77 ? 18  DC  B "C5'" 1 
ATOM   352 C "C4'" . DC  B 1 8  ? -8.379  -1.401  -10.200 1.00 18.17 ? 18  DC  B "C4'" 1 
ATOM   353 O "O4'" . DC  B 1 8  ? -7.790  -1.060  -8.931  1.00 21.51 ? 18  DC  B "O4'" 1 
ATOM   354 C "C3'" . DC  B 1 8  ? -7.188  -1.474  -11.166 1.00 18.90 ? 18  DC  B "C3'" 1 
ATOM   355 O "O3'" . DC  B 1 8  ? -7.660  -1.273  -12.521 1.00 20.78 ? 18  DC  B "O3'" 1 
ATOM   356 C "C2'" . DC  B 1 8  ? -6.422  -0.259  -10.692 1.00 18.89 ? 18  DC  B "C2'" 1 
ATOM   357 C "C1'" . DC  B 1 8  ? -6.602  -0.343  -9.198  1.00 18.51 ? 18  DC  B "C1'" 1 
ATOM   358 N N1    . DC  B 1 8  ? -5.516  -1.061  -8.511  1.00 20.11 ? 18  DC  B N1    1 
ATOM   359 C C2    . DC  B 1 8  ? -4.371  -0.287  -8.237  1.00 18.27 ? 18  DC  B C2    1 
ATOM   360 O O2    . DC  B 1 8  ? -4.434  0.904   -8.556  1.00 19.94 ? 18  DC  B O2    1 
ATOM   361 N N3    . DC  B 1 8  ? -3.305  -0.857  -7.634  1.00 16.97 ? 18  DC  B N3    1 
ATOM   362 C C4    . DC  B 1 8  ? -3.350  -2.156  -7.334  1.00 17.95 ? 18  DC  B C4    1 
ATOM   363 N N4    . DC  B 1 8  ? -2.234  -2.670  -6.808  1.00 17.15 ? 18  DC  B N4    1 
ATOM   364 C C5    . DC  B 1 8  ? -4.468  -2.974  -7.635  1.00 19.59 ? 18  DC  B C5    1 
ATOM   365 C C6    . DC  B 1 8  ? -5.551  -2.390  -8.195  1.00 17.12 ? 18  DC  B C6    1 
ATOM   366 P P     . DC  B 1 9  ? -6.711  -1.729  -13.744 1.00 23.09 ? 19  DC  B P     1 
ATOM   367 O OP1   . DC  B 1 9  ? -7.574  -1.591  -14.948 1.00 27.25 ? 19  DC  B OP1   1 
ATOM   368 O OP2   . DC  B 1 9  ? -6.045  -3.001  -13.367 1.00 24.73 ? 19  DC  B OP2   1 
ATOM   369 O "O5'" . DC  B 1 9  ? -5.478  -0.719  -13.831 1.00 18.79 ? 19  DC  B "O5'" 1 
ATOM   370 C "C5'" . DC  B 1 9  ? -5.699  0.678   -14.137 1.00 18.91 ? 19  DC  B "C5'" 1 
ATOM   371 C "C4'" . DC  B 1 9  ? -4.484  1.524   -13.834 1.00 18.32 ? 19  DC  B "C4'" 1 
ATOM   372 O "O4'" . DC  B 1 9  ? -4.087  1.313   -12.461 1.00 16.87 ? 19  DC  B "O4'" 1 
ATOM   373 C "C3'" . DC  B 1 9  ? -3.230  1.122   -14.609 1.00 17.58 ? 19  DC  B "C3'" 1 
ATOM   374 O "O3'" . DC  B 1 9  ? -3.235  1.707   -15.894 1.00 19.06 ? 19  DC  B "O3'" 1 
ATOM   375 C "C2'" . DC  B 1 9  ? -2.158  1.749   -13.750 1.00 16.95 ? 19  DC  B "C2'" 1 
ATOM   376 C "C1'" . DC  B 1 9  ? -2.679  1.374   -12.368 1.00 17.22 ? 19  DC  B "C1'" 1 
ATOM   377 N N1    . DC  B 1 9  ? -2.126  0.181   -11.716 1.00 17.58 ? 19  DC  B N1    1 
ATOM   378 C C2    . DC  B 1 9  ? -0.808  0.291   -11.215 1.00 14.82 ? 19  DC  B C2    1 
ATOM   379 O O2    . DC  B 1 9  ? -0.219  1.358   -11.451 1.00 17.62 ? 19  DC  B O2    1 
ATOM   380 N N3    . DC  B 1 9  ? -0.260  -0.708  -10.492 1.00 16.93 ? 19  DC  B N3    1 
ATOM   381 C C4    . DC  B 1 9  ? -1.016  -1.815  -10.393 1.00 19.52 ? 19  DC  B C4    1 
ATOM   382 N N4    . DC  B 1 9  ? -0.479  -2.816  -9.675  1.00 21.58 ? 19  DC  B N4    1 
ATOM   383 C C5    . DC  B 1 9  ? -2.365  -1.996  -10.837 1.00 19.61 ? 19  DC  B C5    1 
ATOM   384 C C6    . DC  B 1 9  ? -2.865  -0.963  -11.527 1.00 16.00 ? 19  DC  B C6    1 
ATOM   385 P P     . DT  B 1 10 ? -2.260  1.169   -17.048 1.00 20.79 ? 20  DT  B P     1 
ATOM   386 O OP1   . DT  B 1 10 ? -2.607  1.943   -18.260 1.00 25.86 ? 20  DT  B OP1   1 
ATOM   387 O OP2   . DT  B 1 10 ? -2.179  -0.287  -17.053 1.00 24.57 ? 20  DT  B OP2   1 
ATOM   388 O "O5'" . DT  B 1 10 ? -0.822  1.610   -16.545 1.00 19.25 ? 20  DT  B "O5'" 1 
ATOM   389 C "C5'" . DT  B 1 10 ? -0.393  2.970   -16.610 1.00 20.53 ? 20  DT  B "C5'" 1 
ATOM   390 C "C4'" . DT  B 1 10 ? 1.082   2.988   -16.325 1.00 19.47 ? 20  DT  B "C4'" 1 
ATOM   391 O "O4'" . DT  B 1 10 ? 1.319   2.584   -14.956 1.00 18.68 ? 20  DT  B "O4'" 1 
ATOM   392 C "C3'" . DT  B 1 10 ? 1.933   2.079   -17.203 1.00 19.65 ? 20  DT  B "C3'" 1 
ATOM   393 O "O3'" . DT  B 1 10 ? 2.368   2.798   -18.385 1.00 21.11 ? 20  DT  B "O3'" 1 
ATOM   394 C "C2'" . DT  B 1 10 ? 3.118   1.798   -16.301 1.00 21.33 ? 20  DT  B "C2'" 1 
ATOM   395 C "C1'" . DT  B 1 10 ? 2.540   1.883   -14.906 1.00 20.53 ? 20  DT  B "C1'" 1 
ATOM   396 N N1    . DT  B 1 10 ? 2.302   0.586   -14.256 1.00 20.89 ? 20  DT  B N1    1 
ATOM   397 C C2    . DT  B 1 10 ? 3.317   0.104   -13.503 1.00 21.46 ? 20  DT  B C2    1 
ATOM   398 O O2    . DT  B 1 10 ? 4.367   0.660   -13.310 1.00 23.49 ? 20  DT  B O2    1 
ATOM   399 N N3    . DT  B 1 10 ? 3.088   -1.150  -12.999 1.00 25.13 ? 20  DT  B N3    1 
ATOM   400 C C4    . DT  B 1 10 ? 1.885   -1.809  -13.028 1.00 21.94 ? 20  DT  B C4    1 
ATOM   401 O O4    . DT  B 1 10 ? 1.850   -2.903  -12.482 1.00 21.32 ? 20  DT  B O4    1 
ATOM   402 C C5    . DT  B 1 10 ? 0.877   -1.256  -13.891 1.00 18.39 ? 20  DT  B C5    1 
ATOM   403 C C7    . DT  B 1 10 ? -0.375  -2.044  -14.175 1.00 24.53 ? 20  DT  B C7    1 
ATOM   404 C C6    . DT  B 1 10 ? 1.113   -0.085  -14.472 1.00 18.82 ? 20  DT  B C6    1 
HETATM 405 O O     . HOH C 2 .  ? 3.306   -1.381  20.414  1.00 33.10 ? 101 HOH A O     1 
HETATM 406 O O     . HOH C 2 .  ? -11.945 2.263   0.707   1.00 49.31 ? 102 HOH A O     1 
HETATM 407 O O     . HOH C 2 .  ? -0.007  -0.366  -3.389  1.00 26.78 ? 103 HOH A O     1 
HETATM 408 O O     . HOH C 2 .  ? -10.787 4.253   -1.401  1.00 25.87 ? 104 HOH A O     1 
HETATM 409 O O     . HOH C 2 .  ? 0.147   -4.887  19.105  1.00 47.24 ? 105 HOH A O     1 
HETATM 410 O O     . HOH C 2 .  ? -1.422  4.562   7.032   1.00 37.87 ? 108 HOH A O     1 
HETATM 411 O O     . HOH C 2 .  ? -1.269  3.691   0.647   1.00 44.12 ? 109 HOH A O     1 
HETATM 412 O O     . HOH C 2 .  ? -5.274  12.238  -2.192  1.00 36.54 ? 111 HOH A O     1 
HETATM 413 O O     . HOH C 2 .  ? -2.979  2.918   12.346  1.00 40.47 ? 119 HOH A O     1 
HETATM 414 O O     . HOH C 2 .  ? -4.255  5.123   7.763   1.00 48.99 ? 120 HOH A O     1 
HETATM 415 O O     . HOH C 2 .  ? -9.957  -0.193  0.955   1.00 30.56 ? 123 HOH A O     1 
HETATM 416 O O     . HOH C 2 .  ? -8.724  3.259   -2.992  1.00 28.82 ? 124 HOH A O     1 
HETATM 417 O O     . HOH C 2 .  ? -0.791  4.090   10.461  1.00 23.80 ? 126 HOH A O     1 
HETATM 418 O O     . HOH C 2 .  ? -1.265  2.519   17.012  1.00 47.59 ? 132 HOH A O     1 
HETATM 419 O O     . HOH C 2 .  ? 1.625   5.019   12.408  1.00 22.64 ? 133 HOH A O     1 
HETATM 420 O O     . HOH C 2 .  ? 4.563   -3.680  13.399  1.00 26.85 ? 135 HOH A O     1 
HETATM 421 O O     . HOH C 2 .  ? 4.965   7.630   -10.505 1.00 29.73 ? 136 HOH A O     1 
HETATM 422 O O     . HOH C 2 .  ? 5.575   5.315   -10.141 1.00 34.28 ? 138 HOH A O     1 
HETATM 423 O O     . HOH C 2 .  ? -2.582  13.154  -5.717  1.00 33.81 ? 139 HOH A O     1 
HETATM 424 O O     . HOH C 2 .  ? -5.486  11.810  2.834   1.00 51.06 ? 140 HOH A O     1 
HETATM 425 O O     . HOH C 2 .  ? 14.836  2.419   -3.196  1.00 51.13 ? 143 HOH A O     1 
HETATM 426 O O     . HOH C 2 .  ? 7.034   -0.412  -3.437  1.00 42.98 ? 147 HOH A O     1 
HETATM 427 O O     . HOH C 2 .  ? 0.100   1.538   -0.256  1.00 41.99 ? 150 HOH A O     1 
HETATM 428 O O     . HOH C 2 .  ? -0.998  6.966   -2.639  1.00 34.74 ? 153 HOH A O     1 
HETATM 429 O O     . HOH C 2 .  ? 0.739   2.634   -3.476  1.00 37.48 ? 155 HOH A O     1 
HETATM 430 O O     . HOH C 2 .  ? 3.531   3.140   -3.579  1.00 39.50 ? 158 HOH A O     1 
HETATM 431 O O     . HOH C 2 .  ? 3.064   -0.706  -3.865  1.00 50.59 ? 161 HOH A O     1 
HETATM 432 O O     . HOH C 2 .  ? 1.065   -2.869  -5.128  1.00 51.61 ? 163 HOH A O     1 
HETATM 433 O O     . HOH C 2 .  ? -3.280  5.957   0.267   1.00 53.00 ? 164 HOH A O     1 
HETATM 434 O O     . HOH C 2 .  ? -10.428 5.451   11.451  1.00 49.44 ? 167 HOH A O     1 
HETATM 435 O O     . HOH C 2 .  ? 0.687   10.588  -3.518  1.00 43.57 ? 169 HOH A O     1 
HETATM 436 O O     . HOH C 2 .  ? -0.056  11.903  3.040   1.00 49.75 ? 171 HOH A O     1 
HETATM 437 O O     . HOH C 2 .  ? 2.058   7.158   11.704  1.00 57.18 ? 181 HOH A O     1 
HETATM 438 O O     . HOH C 2 .  ? 13.728  -2.241  -5.076  1.00 57.35 ? 182 HOH A O     1 
HETATM 439 O O     . HOH C 2 .  ? 13.777  0.676   -5.316  1.00 55.36 ? 183 HOH A O     1 
HETATM 440 O O     . HOH C 2 .  ? 4.819   -5.506  15.932  1.00 42.34 ? 184 HOH A O     1 
HETATM 441 O O     . HOH C 2 .  ? 6.024   2.009   -4.649  1.00 35.47 ? 185 HOH A O     1 
HETATM 442 O O     . HOH C 2 .  ? -11.281 6.912   -0.978  1.00 46.04 ? 188 HOH A O     1 
HETATM 443 O O     . HOH C 2 .  ? 9.889   3.272   -3.325  1.00 57.22 ? 189 HOH A O     1 
HETATM 444 O O     . HOH C 2 .  ? 8.197   8.173   -6.887  1.00 44.60 ? 192 HOH A O     1 
HETATM 445 O O     . HOH C 2 .  ? 4.868   -4.218  -6.078  0.50 34.77 ? 193 HOH A O     1 
HETATM 446 O O     . HOH C 2 .  ? 3.009   6.430   -1.505  0.50 38.17 ? 194 HOH A O     1 
HETATM 447 O O     . HOH C 2 .  ? 5.154   -1.059  -2.038  0.50 40.65 ? 195 HOH A O     1 
HETATM 448 O O     . HOH C 2 .  ? 3.492   10.619  -3.933  0.50 40.33 ? 196 HOH A O     1 
HETATM 449 O O     . HOH C 2 .  ? 2.319   -7.077  18.731  0.50 36.12 ? 199 HOH A O     1 
HETATM 450 O O     . HOH C 2 .  ? -2.980  -1.087  18.471  0.50 34.67 ? 200 HOH A O     1 
HETATM 451 O O     . HOH C 2 .  ? -11.758 3.321   11.188  0.50 30.45 ? 203 HOH A O     1 
HETATM 452 O O     . HOH C 2 .  ? -3.855  4.291   18.000  0.50 31.99 ? 204 HOH A O     1 
HETATM 453 O O     . HOH C 2 .  ? -1.918  6.730   2.706   0.50 42.41 ? 211 HOH A O     1 
HETATM 454 O O     . HOH C 2 .  ? -6.065  3.379   14.610  0.50 32.56 ? 215 HOH A O     1 
HETATM 455 O O     . HOH C 2 .  ? -12.666 3.353   9.282   0.50 34.07 ? 218 HOH A O     1 
HETATM 456 O O     . HOH C 2 .  ? -8.939  7.167   13.353  0.50 41.52 ? 219 HOH A O     1 
HETATM 457 O O     . HOH C 2 .  ? -4.261  10.686  1.250   0.50 34.59 ? 220 HOH A O     1 
HETATM 458 O O     . HOH C 2 .  ? 7.037   -4.162  -4.570  0.50 31.22 ? 222 HOH A O     1 
HETATM 459 O O     . HOH C 2 .  ? -12.761 4.047   5.452   0.50 42.75 ? 224 HOH A O     1 
HETATM 460 O O     . HOH C 2 .  ? -2.448  10.293  -0.523  0.50 47.42 ? 225 HOH A O     1 
HETATM 461 O O     . HOH C 2 .  ? 14.231  -0.958  -1.821  0.50 34.72 ? 227 HOH A O     1 
HETATM 462 O O     . HOH C 2 .  ? -7.032  10.315  4.257   0.50 50.28 ? 228 HOH A O     1 
HETATM 463 O O     . HOH C 2 .  ? 2.052   -6.533  -9.756  0.50 47.54 ? 229 HOH A O     1 
HETATM 464 O O     . HOH D 2 .  ? -12.773 -3.383  -8.816  1.00 46.26 ? 106 HOH B O     1 
HETATM 465 O O     . HOH D 2 .  ? -0.157  -0.526  1.207   1.00 35.08 ? 107 HOH B O     1 
HETATM 466 O O     . HOH D 2 .  ? 3.431   -4.963  10.035  1.00 31.89 ? 110 HOH B O     1 
HETATM 467 O O     . HOH D 2 .  ? 1.597   2.078   4.243   1.00 38.64 ? 112 HOH B O     1 
HETATM 468 O O     . HOH D 2 .  ? -2.372  -7.477  -2.456  1.00 45.03 ? 113 HOH B O     1 
HETATM 469 O O     . HOH D 2 .  ? 7.212   1.814   3.400   1.00 51.79 ? 114 HOH B O     1 
HETATM 470 O O     . HOH D 2 .  ? -5.600  -6.108  -7.024  1.00 30.85 ? 115 HOH B O     1 
HETATM 471 O O     . HOH D 2 .  ? -3.834  4.202   -18.956 1.00 37.45 ? 116 HOH B O     1 
HETATM 472 O O     . HOH D 2 .  ? 2.870   3.627   6.568   1.00 43.11 ? 117 HOH B O     1 
HETATM 473 O O     . HOH D 2 .  ? 5.021   4.148   5.867   1.00 37.39 ? 118 HOH B O     1 
HETATM 474 O O     . HOH D 2 .  ? 4.463   1.456   4.508   1.00 29.47 ? 121 HOH B O     1 
HETATM 475 O O     . HOH D 2 .  ? -1.427  -3.966  -3.918  1.00 30.85 ? 122 HOH B O     1 
HETATM 476 O O     . HOH D 2 .  ? -4.140  -6.603  -3.618  1.00 36.82 ? 125 HOH B O     1 
HETATM 477 O O     . HOH D 2 .  ? -9.673  0.962   -4.342  1.00 27.13 ? 127 HOH B O     1 
HETATM 478 O O     . HOH D 2 .  ? -9.465  -2.234  -0.629  1.00 30.68 ? 128 HOH B O     1 
HETATM 479 O O     . HOH D 2 .  ? 0.725   -3.246  1.617   1.00 26.00 ? 129 HOH B O     1 
HETATM 480 O O     . HOH D 2 .  ? 0.603   -5.100  -12.538 1.00 25.71 ? 130 HOH B O     1 
HETATM 481 O O     . HOH D 2 .  ? 3.614   5.259   -18.122 1.00 30.02 ? 131 HOH B O     1 
HETATM 482 O O     . HOH D 2 .  ? 5.761   2.768   -11.934 1.00 29.31 ? 134 HOH B O     1 
HETATM 483 O O     . HOH D 2 .  ? 2.432   -5.177  1.897   1.00 40.87 ? 137 HOH B O     1 
HETATM 484 O O     . HOH D 2 .  ? 7.159   -9.646  6.816   1.00 42.44 ? 141 HOH B O     1 
HETATM 485 O O     . HOH D 2 .  ? -2.274  1.432   -20.971 1.00 49.81 ? 142 HOH B O     1 
HETATM 486 O O     . HOH D 2 .  ? 12.236  1.287   1.885   1.00 36.12 ? 144 HOH B O     1 
HETATM 487 O O     . HOH D 2 .  ? 0.218   -3.759  -0.662  1.00 48.64 ? 145 HOH B O     1 
HETATM 488 O O     . HOH D 2 .  ? -11.279 -0.780  -2.487  1.00 47.36 ? 146 HOH B O     1 
HETATM 489 O O     . HOH D 2 .  ? 14.588  3.794   3.537   1.00 42.37 ? 148 HOH B O     1 
HETATM 490 O O     . HOH D 2 .  ? -7.605  -3.461  -16.805 1.00 42.78 ? 149 HOH B O     1 
HETATM 491 O O     . HOH D 2 .  ? 10.636  -0.771  1.567   1.00 52.67 ? 151 HOH B O     1 
HETATM 492 O O     . HOH D 2 .  ? 0.546   3.195   -20.309 1.00 35.00 ? 152 HOH B O     1 
HETATM 493 O O     . HOH D 2 .  ? 3.195   -0.816  3.225   1.00 53.22 ? 154 HOH B O     1 
HETATM 494 O O     . HOH D 2 .  ? -3.712  -2.616  -17.278 1.00 35.25 ? 156 HOH B O     1 
HETATM 495 O O     . HOH D 2 .  ? 5.844   -2.378  2.808   1.00 39.67 ? 157 HOH B O     1 
HETATM 496 O O     . HOH D 2 .  ? 8.183   -8.833  0.340   1.00 54.08 ? 159 HOH B O     1 
HETATM 497 O O     . HOH D 2 .  ? -10.995 -7.964  -1.098  1.00 43.20 ? 160 HOH B O     1 
HETATM 498 O O     . HOH D 2 .  ? 2.361   -12.392 1.906   1.00 39.41 ? 162 HOH B O     1 
HETATM 499 O O     . HOH D 2 .  ? -2.122  -5.476  -9.808  1.00 42.30 ? 165 HOH B O     1 
HETATM 500 O O     . HOH D 2 .  ? -0.980  -11.254 0.367   1.00 39.51 ? 166 HOH B O     1 
HETATM 501 O O     . HOH D 2 .  ? -12.251 -7.592  -7.468  1.00 51.99 ? 168 HOH B O     1 
HETATM 502 O O     . HOH D 2 .  ? 0.065   -6.450  -6.677  1.00 52.49 ? 170 HOH B O     1 
HETATM 503 O O     . HOH D 2 .  ? -9.838  -0.154  -14.856 1.00 34.64 ? 172 HOH B O     1 
HETATM 504 O O     . HOH D 2 .  ? 6.548   5.830   5.543   1.00 43.31 ? 173 HOH B O     1 
HETATM 505 O O     . HOH D 2 .  ? -2.310  -5.762  7.025   1.00 44.15 ? 174 HOH B O     1 
HETATM 506 O O     . HOH D 2 .  ? 12.129  -5.733  4.785   1.00 38.55 ? 175 HOH B O     1 
HETATM 507 O O     . HOH D 2 .  ? -6.922  6.959   -23.061 1.00 48.66 ? 176 HOH B O     1 
HETATM 508 O O     . HOH D 2 .  ? 5.237   7.865   9.008   1.00 59.51 ? 177 HOH B O     1 
HETATM 509 O O     . HOH D 2 .  ? -7.254  -7.977  -11.853 1.00 62.41 ? 178 HOH B O     1 
HETATM 510 O O     . HOH D 2 .  ? -4.502  -9.890  -4.302  1.00 57.82 ? 179 HOH B O     1 
HETATM 511 O O     . HOH D 2 .  ? -4.548  -4.457  -11.378 1.00 51.69 ? 180 HOH B O     1 
HETATM 512 O O     . HOH D 2 .  ? -2.425  -5.385  -6.217  1.00 44.20 ? 186 HOH B O     1 
HETATM 513 O O     . HOH D 2 .  ? -0.719  -6.990  -0.079  1.00 47.21 ? 187 HOH B O     1 
HETATM 514 O O     . HOH D 2 .  ? 1.172   4.488   3.122   1.00 47.97 ? 190 HOH B O     1 
HETATM 515 O O     . HOH D 2 .  ? 1.526   7.763   4.553   1.00 54.92 ? 191 HOH B O     1 
HETATM 516 O O     . HOH D 2 .  ? 5.115   -5.575  11.666  0.50 42.37 ? 197 HOH B O     1 
HETATM 517 O O     . HOH D 2 .  ? 2.977   -1.482  1.038   0.50 31.06 ? 198 HOH B O     1 
HETATM 518 O O     . HOH D 2 .  ? 10.450  10.322  8.084   0.50 35.46 ? 201 HOH B O     1 
HETATM 519 O O     . HOH D 2 .  ? 9.379   -5.583  2.345   0.50 40.12 ? 202 HOH B O     1 
HETATM 520 O O     . HOH D 2 .  ? 7.664   -2.816  0.000   0.50 38.47 ? 205 HOH B O     1 
HETATM 521 O O     . HOH D 2 .  ? -6.468  -11.549 -3.027  0.50 34.75 ? 206 HOH B O     1 
HETATM 522 O O     . HOH D 2 .  ? 14.332  5.090   -0.409  0.50 42.06 ? 207 HOH B O     1 
HETATM 523 O O     . HOH D 2 .  ? -12.144 -0.657  -4.612  0.50 38.60 ? 208 HOH B O     1 
HETATM 524 O O     . HOH D 2 .  ? 12.442  -3.939  2.103   0.50 54.31 ? 209 HOH B O     1 
HETATM 525 O O     . HOH D 2 .  ? -2.437  -13.053 0.359   0.50 37.37 ? 210 HOH B O     1 
HETATM 526 O O     . HOH D 2 .  ? -6.436  -11.417 -6.604  0.50 50.13 ? 212 HOH B O     1 
HETATM 527 O O     . HOH D 2 .  ? -11.085 -0.177  -18.060 0.50 48.38 ? 213 HOH B O     1 
HETATM 528 O O     . HOH D 2 .  ? 15.862  4.111   0.321   0.50 40.81 ? 214 HOH B O     1 
HETATM 529 O O     . HOH D 2 .  ? -2.109  -8.199  -11.988 0.50 34.86 ? 216 HOH B O     1 
HETATM 530 O O     . HOH D 2 .  ? 11.996  4.989   0.485   0.50 34.42 ? 217 HOH B O     1 
HETATM 531 O O     . HOH D 2 .  ? -0.952  -9.810  -4.887  0.50 33.92 ? 221 HOH B O     1 
HETATM 532 O O     . HOH D 2 .  ? 9.813   8.074   1.977   0.50 43.78 ? 223 HOH B O     1 
HETATM 533 O O     . HOH D 2 .  ? 12.129  -6.375  1.096   0.50 39.98 ? 226 HOH B O     1 
HETATM 534 O O     . HOH D 2 .  ? 3.349   -8.438  0.119   0.50 38.45 ? 230 HOH B O     1 
HETATM 535 O O     . HOH D 2 .  ? 8.556   -9.410  2.531   0.50 36.09 ? 231 HOH B O     1 
HETATM 536 O O     . HOH D 2 .  ? 2.505   -11.354 4.553   0.50 53.44 ? 232 HOH B O     1 
HETATM 537 O O     . HOH D 2 .  ? -5.150  -6.747  -12.728 0.50 39.58 ? 233 HOH B O     1 
HETATM 538 O O     . HOH D 2 .  ? -3.973  5.514   -21.932 0.50 47.18 ? 234 HOH B O     1 
HETATM 539 O O     . HOH D 2 .  ? 3.792   0.679   1.584   0.50 42.61 ? 235 HOH B O     1 
# 
loop_
_atom_site_anisotrop.id 
_atom_site_anisotrop.type_symbol 
_atom_site_anisotrop.pdbx_label_atom_id 
_atom_site_anisotrop.pdbx_label_alt_id 
_atom_site_anisotrop.pdbx_label_comp_id 
_atom_site_anisotrop.pdbx_label_asym_id 
_atom_site_anisotrop.pdbx_label_seq_id 
_atom_site_anisotrop.pdbx_PDB_ins_code 
_atom_site_anisotrop.U[1][1] 
_atom_site_anisotrop.U[2][2] 
_atom_site_anisotrop.U[3][3] 
_atom_site_anisotrop.U[1][2] 
_atom_site_anisotrop.U[1][3] 
_atom_site_anisotrop.U[2][3] 
_atom_site_anisotrop.pdbx_auth_seq_id 
_atom_site_anisotrop.pdbx_auth_comp_id 
_atom_site_anisotrop.pdbx_auth_asym_id 
_atom_site_anisotrop.pdbx_auth_atom_id 
1   O "O5'" . DA A 1  ? 0.9062 1.1826 0.4980  -0.1332 0.0998  0.0624  1  DA A "O5'" 
2   C "C5'" . DA A 1  ? 0.5369 0.4389 0.5846  0.0568  0.0408  -0.1013 1  DA A "C5'" 
3   C "C4'" . DA A 1  ? 0.4753 0.5005 0.5783  -0.0287 -0.0301 -0.0580 1  DA A "C4'" 
4   O "O4'" . DA A 1  ? 0.4229 0.5273 0.5891  -0.0794 -0.0210 -0.0772 1  DA A "O4'" 
5   C "C3'" . DA A 1  ? 0.5163 0.3904 0.5643  -0.0739 -0.0149 -0.0056 1  DA A "C3'" 
6   O "O3'" . DA A 1  ? 0.6697 0.4708 0.5298  -0.1536 -0.0057 -0.0248 1  DA A "O3'" 
7   C "C2'" . DA A 1  ? 0.6120 0.4849 0.5518  -0.0703 -0.0190 0.0139  1  DA A "C2'" 
8   C "C1'" . DA A 1  ? 0.4953 0.5093 0.5524  -0.1065 -0.0115 0.0289  1  DA A "C1'" 
9   N N9    . DA A 1  ? 0.4566 0.5737 0.5528  -0.0401 -0.0620 0.1518  1  DA A N9    
10  C C8    . DA A 1  ? 0.3858 0.6295 0.3170  -0.0201 0.0091  0.1501  1  DA A C8    
11  N N7    . DA A 1  ? 0.3419 0.5171 0.4698  0.0735  0.0344  0.1155  1  DA A N7    
12  C C5    . DA A 1  ? 0.4228 0.5698 0.4312  0.0187  0.0030  0.1600  1  DA A C5    
13  C C6    . DA A 1  ? 0.5010 0.5658 0.2574  -0.0391 -0.0639 0.1349  1  DA A C6    
14  N N6    . DA A 1  ? 0.5068 0.3999 0.1746  0.0104  -0.0349 -0.0105 1  DA A N6    
15  N N1    . DA A 1  ? 0.5020 0.5474 0.1671  -0.0658 -0.0549 0.0860  1  DA A N1    
16  C C2    . DA A 1  ? 0.5444 0.5860 0.3854  -0.1121 -0.1490 0.1318  1  DA A C2    
17  N N3    . DA A 1  ? 0.5923 0.6733 0.4604  -0.1750 -0.2257 0.2151  1  DA A N3    
18  C C4    . DA A 1  ? 0.5521 0.5887 0.5195  -0.0881 -0.1583 0.1716  1  DA A C4    
19  P P     . DG A 2  ? 0.8185 0.4776 0.3105  -0.1118 0.0237  0.0930  2  DG A P     
20  O OP1   . DG A 2  ? 0.6501 0.4988 0.7365  0.1744  -0.1100 -0.1790 2  DG A OP1   
21  O OP2   . DG A 2  ? 0.7447 0.7092 0.4366  -0.0174 0.0386  0.3036  2  DG A OP2   
22  O "O5'" . DG A 2  ? 0.7431 0.4693 0.4182  -0.1323 0.0193  0.1375  2  DG A "O5'" 
23  C "C5'" . DG A 2  ? 0.5225 0.3749 0.5350  -0.1362 -0.1103 0.1545  2  DG A "C5'" 
24  C "C4'" . DG A 2  ? 0.4924 0.3664 0.4927  -0.1065 -0.0810 0.1156  2  DG A "C4'" 
25  O "O4'" . DG A 2  ? 0.5640 0.2940 0.5328  -0.0838 -0.1383 0.1319  2  DG A "O4'" 
26  C "C3'" . DG A 2  ? 0.4976 0.5019 0.4907  -0.0905 -0.1084 0.0248  2  DG A "C3'" 
27  O "O3'" . DG A 2  ? 0.3377 0.5464 0.4836  -0.0890 -0.0337 -0.0495 2  DG A "O3'" 
28  C "C2'" . DG A 2  ? 0.4802 0.3486 0.4737  -0.1201 -0.0940 0.0456  2  DG A "C2'" 
29  C "C1'" . DG A 2  ? 0.5703 0.2735 0.6124  -0.0879 -0.2047 0.0975  2  DG A "C1'" 
30  N N9    . DG A 2  ? 0.5106 0.2835 0.6017  -0.0608 -0.2732 0.1634  2  DG A N9    
31  C C8    . DG A 2  ? 0.5877 0.2746 0.5232  -0.1060 -0.3412 0.1268  2  DG A C8    
32  N N7    . DG A 2  ? 0.5710 0.2199 0.3530  -0.0794 -0.2824 0.0311  2  DG A N7    
33  C C5    . DG A 2  ? 0.5266 0.1668 0.2640  -0.0417 -0.2038 -0.0270 2  DG A C5    
34  C C6    . DG A 2  ? 0.3822 0.1871 0.1730  0.0193  -0.0363 0.0018  2  DG A C6    
35  O O6    . DG A 2  ? 0.3784 0.2222 0.2428  0.0379  0.0506  0.0443  2  DG A O6    
36  N N1    . DG A 2  ? 0.4135 0.2252 0.2269  0.0173  -0.0538 0.0474  2  DG A N1    
37  C C2    . DG A 2  ? 0.5057 0.1628 0.2664  -0.0597 -0.2219 0.0053  2  DG A C2    
38  N N2    . DG A 2  ? 0.3806 0.2312 0.2044  0.0057  -0.0539 0.0444  2  DG A N2    
39  N N3    . DG A 2  ? 0.5765 0.3692 0.2480  -0.1622 -0.3055 0.1168  2  DG A N3    
40  C C4    . DG A 2  ? 0.6016 0.2729 0.2852  -0.1580 -0.3480 0.0600  2  DG A C4    
41  P P     . DG A 3  ? 0.3636 0.6287 0.3822  -0.0683 -0.0655 -0.0511 3  DG A P     
42  O OP1   . DG A 3  ? 0.3555 0.7021 0.4029  -0.1098 0.0106  -0.1656 3  DG A OP1   
43  O OP2   . DG A 3  ? 0.3360 0.8231 0.4937  -0.0348 -0.0159 0.0882  3  DG A OP2   
44  O "O5'" . DG A 3  ? 0.3269 0.5906 0.4850  -0.0736 -0.0605 -0.0026 3  DG A "O5'" 
45  C "C5'" . DG A 3  ? 0.3389 0.4603 0.3186  -0.1362 -0.0781 -0.0361 3  DG A "C5'" 
46  C "C4'" . DG A 3  ? 0.3215 0.2803 0.2036  -0.0897 -0.0111 -0.0038 3  DG A "C4'" 
47  O "O4'" . DG A 3  ? 0.2655 0.2738 0.3066  -0.0709 -0.0472 -0.0135 3  DG A "O4'" 
48  C "C3'" . DG A 3  ? 0.3138 0.2395 0.2702  -0.1292 0.0143  0.0028  3  DG A "C3'" 
49  O "O3'" . DG A 3  ? 0.3587 0.2518 0.5170  -0.0869 -0.0480 -0.1020 3  DG A "O3'" 
50  C "C2'" . DG A 3  ? 0.2971 0.2407 0.2430  -0.0554 0.0388  -0.0583 3  DG A "C2'" 
51  C "C1'" . DG A 3  ? 0.2463 0.2086 0.2840  -0.0358 -0.0256 0.0130  3  DG A "C1'" 
52  N N9    . DG A 3  ? 0.2782 0.2821 0.2570  -0.0672 -0.0695 0.0652  3  DG A N9    
53  C C8    . DG A 3  ? 0.3063 0.2337 0.4201  -0.0590 -0.1220 0.0734  3  DG A C8    
54  N N7    . DG A 3  ? 0.2950 0.2635 0.3770  -0.0469 -0.0803 0.0893  3  DG A N7    
55  C C5    . DG A 3  ? 0.2985 0.2296 0.2864  -0.0597 -0.0709 0.0382  3  DG A C5    
56  C C6    . DG A 3  ? 0.2902 0.2424 0.1537  -0.0622 0.0101  -0.0042 3  DG A C6    
57  O O6    . DG A 3  ? 0.2915 0.1630 0.3121  -0.0035 0.0400  -0.0181 3  DG A O6    
58  N N1    . DG A 3  ? 0.2378 0.2514 0.2219  -0.0656 0.0335  0.0299  3  DG A N1    
59  C C2    . DG A 3  ? 0.2289 0.2415 0.1884  -0.0586 0.0434  0.0116  3  DG A C2    
60  N N2    . DG A 3  ? 0.2350 0.1298 0.1996  -0.0749 0.0287  -0.0361 3  DG A N2    
61  N N3    . DG A 3  ? 0.2323 0.2492 0.1253  -0.0661 0.0142  0.0225  3  DG A N3    
62  C C4    . DG A 3  ? 0.2382 0.2146 0.3079  -0.0197 -0.0147 0.0424  3  DG A C4    
63  P P     . DG A 4  ? 0.3727 0.3707 0.3761  -0.0249 -0.1293 -0.1280 4  DG A P     
64  O OP1   . DG A 4  ? 0.5555 0.3565 0.6389  -0.0568 0.0695  -0.2344 4  DG A OP1   
65  O OP2   . DG A 4  ? 0.4321 0.6667 0.3296  -0.1473 -0.2167 -0.1059 4  DG A OP2   
66  O "O5'" . DG A 4  ? 0.3556 0.4756 0.3254  -0.0179 -0.1479 -0.0538 4  DG A "O5'" 
67  C "C5'" . DG A 4  ? 0.3655 0.2180 0.2052  -0.2915 -0.1643 -0.0704 4  DG A "C5'" 
68  C "C4'" . DG A 4  ? 0.3368 0.2424 0.1295  -0.2402 -0.1968 -0.0301 4  DG A "C4'" 
69  O "O4'" . DG A 4  ? 0.2035 0.2010 0.3128  -0.2146 -0.1172 -0.0729 4  DG A "O4'" 
70  C "C3'" . DG A 4  ? 0.4375 0.1745 0.2573  -0.1493 -0.0482 0.0092  4  DG A "C3'" 
71  O "O3'" . DG A 4  ? 0.4814 0.1770 0.3452  -0.1467 -0.0583 -0.0083 4  DG A "O3'" 
72  C "C2'" . DG A 4  ? 0.3869 0.1211 0.2008  -0.0881 -0.0536 0.0451  4  DG A "C2'" 
73  C "C1'" . DG A 4  ? 0.1769 0.1486 0.4122  -0.1063 -0.0520 -0.0302 4  DG A "C1'" 
74  N N9    . DG A 4  ? 0.2384 0.2278 0.2641  -0.0174 0.0217  -0.0198 4  DG A N9    
75  C C8    . DG A 4  ? 0.2258 0.2262 0.1951  -0.0025 0.0462  -0.0723 4  DG A C8    
76  N N7    . DG A 4  ? 0.2420 0.2276 0.2012  -0.0064 -0.0102 -0.0830 4  DG A N7    
77  C C5    . DG A 4  ? 0.2068 0.2211 0.1769  0.0183  0.0466  -0.0403 4  DG A C5    
78  C C6    . DG A 4  ? 0.2661 0.2181 0.0929  -0.0033 0.0045  -0.0538 4  DG A C6    
79  O O6    . DG A 4  ? 0.2405 0.3225 0.1938  -0.0124 0.0471  0.0801  4  DG A O6    
80  N N1    . DG A 4  ? 0.2480 0.2355 0.1701  -0.0123 0.0246  -0.0227 4  DG A N1    
81  C C2    . DG A 4  ? 0.2146 0.1975 0.2431  0.0217  0.0553  -0.0510 4  DG A C2    
82  N N2    . DG A 4  ? 0.2217 0.2343 0.2765  0.0056  0.0508  0.0092  4  DG A N2    
83  N N3    . DG A 4  ? 0.1907 0.1835 0.2941  0.0394  0.0564  -0.0519 4  DG A N3    
84  C C4    . DG A 4  ? 0.2034 0.2203 0.1680  0.0186  0.0631  -0.0248 4  DG A C4    
85  P P     . DG A 5  ? 0.3808 0.2305 0.3737  -0.0382 -0.0306 -0.0381 5  DG A P     
86  O OP1   . DG A 5  ? 0.4794 0.2199 0.4474  -0.0399 -0.0626 -0.0438 5  DG A OP1   
87  O OP2   . DG A 5  ? 0.4212 0.2492 0.3427  0.0164  -0.0652 -0.1566 5  DG A OP2   
88  O "O5'" . DG A 5  ? 0.4567 0.3255 0.3268  -0.1552 -0.0660 -0.0469 5  DG A "O5'" 
89  C "C5'" . DG A 5  ? 0.5217 0.2945 0.3601  -0.0852 0.0169  -0.0360 5  DG A "C5'" 
90  C "C4'" . DG A 5  ? 0.4636 0.2283 0.2404  -0.0195 0.0347  -0.0657 5  DG A "C4'" 
91  O "O4'" . DG A 5  ? 0.4339 0.1988 0.2446  0.0297  0.0800  -0.0125 5  DG A "O4'" 
92  C "C3'" . DG A 5  ? 0.5001 0.2960 0.2532  -0.0089 0.0875  -0.0578 5  DG A "C3'" 
93  O "O3'" . DG A 5  ? 0.5064 0.3640 0.2980  -0.0115 0.0973  -0.1110 5  DG A "O3'" 
94  C "C2'" . DG A 5  ? 0.3749 0.2530 0.2066  0.0541  0.0431  0.0056  5  DG A "C2'" 
95  C "C1'" . DG A 5  ? 0.3603 0.2006 0.2815  0.0330  0.0765  -0.0209 5  DG A "C1'" 
96  N N9    . DG A 5  ? 0.3240 0.1521 0.3021  -0.0201 0.0475  -0.0332 5  DG A N9    
97  C C8    . DG A 5  ? 0.3322 0.2033 0.1908  -0.0605 0.0645  0.0455  5  DG A C8    
98  N N7    . DG A 5  ? 0.2938 0.1951 0.1939  -0.0542 0.0527  -0.0412 5  DG A N7    
99  C C5    . DG A 5  ? 0.2987 0.1698 0.1929  -0.0450 -0.0060 -0.0239 5  DG A C5    
100 C C6    . DG A 5  ? 0.3253 0.1829 0.0805  -0.0399 -0.0074 -0.0230 5  DG A C6    
101 O O6    . DG A 5  ? 0.3421 0.2205 0.2085  -0.0011 -0.0044 -0.0063 5  DG A O6    
102 N N1    . DG A 5  ? 0.3324 0.1895 0.1391  -0.0423 0.0316  0.0263  5  DG A N1    
103 C C2    . DG A 5  ? 0.3052 0.1747 0.1852  -0.0172 0.1296  -0.0376 5  DG A C2    
104 N N2    . DG A 5  ? 0.3142 0.2030 0.2784  -0.0291 0.1117  0.0324  5  DG A N2    
105 N N3    . DG A 5  ? 0.2712 0.1775 0.2939  -0.0103 0.1402  -0.0266 5  DG A N3    
106 C C4    . DG A 5  ? 0.2869 0.1997 0.1595  -0.0390 0.0568  0.0127  5  DG A C4    
107 P P     . DC A 6  ? 0.6197 0.2751 0.2905  0.0331  0.0916  -0.0893 6  DC A P     
108 O OP1   . DC A 6  ? 0.8634 0.2803 0.2878  0.1093  0.1767  -0.0125 6  DC A OP1   
109 O OP2   . DC A 6  ? 0.6335 0.4439 0.2969  -0.0377 0.0546  -0.0768 6  DC A OP2   
110 O "O5'" . DC A 6  ? 0.5965 0.2807 0.2974  0.0388  0.0228  -0.0306 6  DC A "O5'" 
111 C "C5'" . DC A 6  ? 0.5765 0.2203 0.3246  0.0879  0.0571  -0.0285 6  DC A "C5'" 
112 C "C4'" . DC A 6  ? 0.5372 0.2051 0.3255  0.1099  0.0385  -0.0180 6  DC A "C4'" 
113 O "O4'" . DC A 6  ? 0.5777 0.2207 0.2842  0.1232  0.0372  -0.0036 6  DC A "O4'" 
114 C "C3'" . DC A 6  ? 0.4622 0.2113 0.3068  0.1000  0.0568  -0.0406 6  DC A "C3'" 
115 O "O3'" . DC A 6  ? 0.5167 0.2466 0.3406  0.1220  0.1182  -0.0082 6  DC A "O3'" 
116 C "C2'" . DC A 6  ? 0.4010 0.2243 0.2432  0.0610  -0.0358 -0.0420 6  DC A "C2'" 
117 C "C1'" . DC A 6  ? 0.4915 0.2235 0.2592  0.1304  -0.0096 -0.0302 6  DC A "C1'" 
118 N N1    . DC A 6  ? 0.4966 0.2461 0.3910  0.1290  0.0518  -0.0653 6  DC A N1    
119 C C2    . DC A 6  ? 0.4805 0.2577 0.3234  0.1442  0.0283  -0.0636 6  DC A C2    
120 O O2    . DC A 6  ? 0.4646 0.2463 0.2561  0.1527  -0.0375 -0.0325 6  DC A O2    
121 N N3    . DC A 6  ? 0.4730 0.3177 0.2401  0.1460  0.0009  -0.0653 6  DC A N3    
122 C C4    . DC A 6  ? 0.4816 0.3443 0.2145  0.1525  0.0530  -0.0623 6  DC A C4    
123 N N4    . DC A 6  ? 0.4705 0.3869 0.1578  0.1443  0.0151  -0.1295 6  DC A N4    
124 C C5    . DC A 6  ? 0.5286 0.3292 0.1065  0.1487  0.1506  -0.0793 6  DC A C5    
125 C C6    . DC A 6  ? 0.5257 0.2667 0.1314  0.1350  0.1460  -0.0820 6  DC A C6    
126 P P     . DC A 7  ? 0.7969 0.3147 0.2829  0.0312  0.1438  -0.0320 7  DC A P     
127 O OP1   . DC A 7  ? 1.1928 0.4685 0.2950  0.3018  0.2573  0.0286  7  DC A OP1   
128 O OP2   . DC A 7  ? 0.9834 0.4257 0.3683  -0.2512 0.0605  -0.1140 7  DC A OP2   
129 O "O5'" . DC A 7  ? 0.7040 0.3450 0.1955  0.0483  0.1145  -0.0357 7  DC A "O5'" 
130 C "C5'" . DC A 7  ? 0.4594 0.3325 0.2445  0.1598  -0.0123 0.0641  7  DC A "C5'" 
131 C "C4'" . DC A 7  ? 0.3862 0.3521 0.2863  0.1560  -0.0879 0.0613  7  DC A "C4'" 
132 O "O4'" . DC A 7  ? 0.4316 0.3108 0.2756  0.1569  -0.1275 0.0281  7  DC A "O4'" 
133 C "C3'" . DC A 7  ? 0.3555 0.3558 0.2923  0.1432  -0.0775 -0.0311 7  DC A "C3'" 
134 O "O3'" . DC A 7  ? 0.6189 0.3441 0.2637  0.2670  -0.0636 -0.0062 7  DC A "O3'" 
135 C "C2'" . DC A 7  ? 0.3331 0.3697 0.2252  0.1548  -0.1158 -0.0387 7  DC A "C2'" 
136 C "C1'" . DC A 7  ? 0.4245 0.3271 0.2264  0.1606  -0.1247 0.0060  7  DC A "C1'" 
137 N N1    . DC A 7  ? 0.4113 0.4192 0.1496  0.1330  -0.1695 0.0196  7  DC A N1    
138 C C2    . DC A 7  ? 0.3541 0.4649 0.0984  0.1169  -0.1914 0.0971  7  DC A C2    
139 O O2    . DC A 7  ? 0.5143 0.3737 0.1605  0.1490  -0.0182 -0.0160 7  DC A O2    
140 N N3    . DC A 7  ? 0.4471 0.4763 0.1361  0.0936  -0.0441 -0.0543 7  DC A N3    
141 C C4    . DC A 7  ? 0.4079 0.4518 0.1278  0.0496  -0.0350 -0.1079 7  DC A C4    
142 N N4    . DC A 7  ? 0.4279 0.6129 0.2639  0.0127  0.0135  -0.1143 7  DC A N4    
143 C C5    . DC A 7  ? 0.4951 0.4837 0.2156  0.1112  -0.0059 -0.0346 7  DC A C5    
144 C C6    . DC A 7  ? 0.4571 0.4158 0.1589  0.1575  -0.0501 -0.0005 7  DC A C6    
145 P P     . DC A 8  ? 0.6189 0.3356 0.2402  0.2368  -0.0361 0.0096  8  DC A P     
146 O OP1   . DC A 8  ? 0.8432 0.5225 0.2771  0.3703  0.0249  -0.0828 8  DC A OP1   
147 O OP2   . DC A 8  ? 1.1269 0.2032 0.2260  0.0504  -0.0660 -0.0590 8  DC A OP2   
148 O "O5'" . DC A 8  ? 0.5842 0.3291 0.1238  0.2003  0.0176  0.0792  8  DC A "O5'" 
149 C "C5'" . DC A 8  ? 0.3489 0.4043 0.1376  0.1867  0.0270  0.1131  8  DC A "C5'" 
150 C "C4'" . DC A 8  ? 0.2050 0.2447 0.2025  0.0235  0.0170  0.0351  8  DC A "C4'" 
151 O "O4'" . DC A 8  ? 0.2235 0.3312 0.2003  0.0341  0.0249  0.0301  8  DC A "O4'" 
152 C "C3'" . DC A 8  ? 0.2204 0.1584 0.2109  -0.0007 0.0070  0.0559  8  DC A "C3'" 
153 O "O3'" . DC A 8  ? 0.2127 0.3391 0.2021  -0.0483 0.0110  0.0699  8  DC A "O3'" 
154 C "C2'" . DC A 8  ? 0.1987 0.1690 0.2851  0.0050  0.0113  0.0396  8  DC A "C2'" 
155 C "C1'" . DC A 8  ? 0.2178 0.2451 0.2627  0.0139  0.0327  -0.0050 8  DC A "C1'" 
156 N N1    . DC A 8  ? 0.1897 0.2578 0.2183  0.0040  -0.0385 0.0194  8  DC A N1    
157 C C2    . DC A 8  ? 0.1963 0.2050 0.2360  -0.0235 -0.0132 -0.0039 8  DC A C2    
158 O O2    . DC A 8  ? 0.1892 0.2120 0.1628  -0.0170 -0.0099 0.0003  8  DC A O2    
159 N N3    . DC A 8  ? 0.2267 0.2257 0.1743  -0.0002 -0.0198 0.0308  8  DC A N3    
160 C C4    . DC A 8  ? 0.2447 0.2207 0.2352  0.0093  -0.0224 0.0267  8  DC A C4    
161 N N4    . DC A 8  ? 0.2482 0.1671 0.2681  0.0219  -0.0162 0.0140  8  DC A N4    
162 C C5    . DC A 8  ? 0.2500 0.2155 0.2440  0.0006  -0.0231 -0.0183 8  DC A C5    
163 C C6    . DC A 8  ? 0.2394 0.2089 0.2573  -0.0066 -0.0187 -0.0385 8  DC A C6    
164 P P     . DC A 9  ? 0.2732 0.3857 0.2445  -0.0100 0.0175  -0.0594 9  DC A P     
165 O OP1   . DC A 9  ? 0.3525 0.5988 0.2191  -0.0417 0.0507  -0.1252 9  DC A OP1   
166 O OP2   . DC A 9  ? 0.3918 0.3199 0.4128  0.0305  0.0220  -0.1390 9  DC A OP2   
167 O "O5'" . DC A 9  ? 0.2197 0.2812 0.2401  -0.0676 -0.0031 0.0253  9  DC A "O5'" 
168 C "C5'" . DC A 9  ? 0.2638 0.2868 0.1894  -0.0938 0.0705  0.0544  9  DC A "C5'" 
169 C "C4'" . DC A 9  ? 0.2618 0.2682 0.1929  -0.0567 0.0012  0.0223  9  DC A "C4'" 
170 O "O4'" . DC A 9  ? 0.2250 0.2282 0.2016  -0.0356 0.0209  -0.0235 9  DC A "O4'" 
171 C "C3'" . DC A 9  ? 0.2613 0.2899 0.2361  -0.0183 0.0079  -0.0819 9  DC A "C3'" 
172 O "O3'" . DC A 9  ? 0.2843 0.4953 0.2240  -0.1294 0.0144  -0.0689 9  DC A "O3'" 
173 C "C2'" . DC A 9  ? 0.2483 0.2319 0.2175  -0.0214 0.0003  -0.0379 9  DC A "C2'" 
174 C "C1'" . DC A 9  ? 0.2285 0.1898 0.2207  -0.0524 0.0060  -0.0424 9  DC A "C1'" 
175 N N1    . DC A 9  ? 0.2313 0.2232 0.2167  -0.0220 0.0503  -0.0199 9  DC A N1    
176 C C2    . DC A 9  ? 0.2321 0.3706 0.0285  -0.0205 0.0045  0.0016  9  DC A C2    
177 O O2    . DC A 9  ? 0.1906 0.3158 0.3031  -0.0548 0.0261  0.0638  9  DC A O2    
178 N N3    . DC A 9  ? 0.2194 0.4103 0.0790  -0.0245 -0.0132 0.0533  9  DC A N3    
179 C C4    . DC A 9  ? 0.1873 0.2852 0.1890  -0.0818 -0.0517 -0.0213 9  DC A C4    
180 N N4    . DC A 9  ? 0.1936 0.3281 0.2142  -0.0339 0.0097  0.0175  9  DC A N4    
181 C C5    . DC A 9  ? 0.1972 0.1866 0.2371  -0.0878 -0.0352 -0.0363 9  DC A C5    
182 C C6    . DC A 9  ? 0.2015 0.2195 0.2555  -0.0672 -0.0291 -0.0087 9  DC A C6    
183 P P     . DT A 10 ? 0.2178 0.5087 0.2749  -0.0066 -0.0129 -0.1578 10 DT A P     
184 O OP1   . DT A 10 ? 0.2113 0.7810 0.2565  -0.0597 -0.0186 -0.1167 10 DT A OP1   
185 O OP2   . DT A 10 ? 0.3067 0.5562 0.3830  0.1329  -0.0557 -0.2649 10 DT A OP2   
186 O "O5'" . DT A 10 ? 0.2144 0.3098 0.3112  -0.0029 -0.0014 -0.1062 10 DT A "O5'" 
187 C "C5'" . DT A 10 ? 0.2356 0.2295 0.3021  -0.0592 0.0769  0.0182  10 DT A "C5'" 
188 C "C4'" . DT A 10 ? 0.1981 0.2949 0.1934  -0.0220 0.0129  -0.0210 10 DT A "C4'" 
189 O "O4'" . DT A 10 ? 0.2648 0.2775 0.2049  -0.0899 0.0388  -0.0126 10 DT A "O4'" 
190 C "C3'" . DT A 10 ? 0.2357 0.2495 0.1893  -0.0461 -0.0179 0.0437  10 DT A "C3'" 
191 O "O3'" . DT A 10 ? 0.2992 0.2488 0.1964  -0.0203 -0.0362 0.0053  10 DT A "O3'" 
192 C "C2'" . DT A 10 ? 0.2081 0.3102 0.2021  -0.0298 0.0081  -0.0379 10 DT A "C2'" 
193 C "C1'" . DT A 10 ? 0.2007 0.1938 0.2019  -0.0324 0.0198  -0.0662 10 DT A "C1'" 
194 N N1    . DT A 10 ? 0.2014 0.2391 0.2868  -0.0601 -0.0498 -0.0158 10 DT A N1    
195 C C2    . DT A 10 ? 0.2243 0.2478 0.2675  -0.0064 -0.0323 0.0021  10 DT A C2    
196 O O2    . DT A 10 ? 0.2422 0.2578 0.1745  0.0160  -0.0192 -0.0535 10 DT A O2    
197 N N3    . DT A 10 ? 0.2612 0.2047 0.3215  -0.0096 -0.0542 -0.0103 10 DT A N3    
198 C C4    . DT A 10 ? 0.2084 0.2124 0.3391  -0.0544 -0.1153 -0.0045 10 DT A C4    
199 O O4    . DT A 10 ? 0.2758 0.2922 0.2452  0.0167  -0.0773 -0.0153 10 DT A O4    
200 C C5    . DT A 10 ? 0.2221 0.3202 0.1718  -0.0505 -0.1346 -0.0364 10 DT A C5    
201 C C7    . DT A 10 ? 0.2455 0.1444 0.2735  -0.0578 -0.0991 -0.0114 10 DT A C7    
202 C C6    . DT A 10 ? 0.1827 0.3107 0.2218  -0.0479 -0.0959 -0.0080 10 DT A C6    
203 O "O5'" . DA B 1  ? 0.4821 0.7217 0.4261  0.0243  -0.1503 0.1307  11 DA B "O5'" 
204 C "C5'" . DA B 1  ? 0.5757 0.3912 0.3041  -0.0897 0.1370  0.1371  11 DA B "C5'" 
205 C "C4'" . DA B 1  ? 0.4673 0.3474 0.3158  -0.0350 0.1087  0.0626  11 DA B "C4'" 
206 O "O4'" . DA B 1  ? 0.4718 0.3537 0.2856  -0.1332 0.0487  0.0890  11 DA B "O4'" 
207 C "C3'" . DA B 1  ? 0.3656 0.3147 0.3295  0.0402  0.0479  0.0493  11 DA B "C3'" 
208 O "O3'" . DA B 1  ? 0.3675 0.3557 0.3019  -0.0333 0.0796  0.0548  11 DA B "O3'" 
209 C "C2'" . DA B 1  ? 0.3633 0.3482 0.3059  0.0083  0.0819  0.0689  11 DA B "C2'" 
210 C "C1'" . DA B 1  ? 0.3110 0.2861 0.3219  -0.0227 0.0488  0.0842  11 DA B "C1'" 
211 N N9    . DA B 1  ? 0.3084 0.2937 0.2828  0.0118  0.0336  0.0965  11 DA B N9    
212 C C8    . DA B 1  ? 0.3891 0.2545 0.3278  0.0576  0.0783  0.0774  11 DA B C8    
213 N N7    . DA B 1  ? 0.3684 0.2595 0.3112  0.0777  0.0584  0.0557  11 DA B N7    
214 C C5    . DA B 1  ? 0.2706 0.1623 0.3714  -0.0067 0.0112  0.0113  11 DA B C5    
215 C C6    . DA B 1  ? 0.2546 0.1919 0.3874  0.0049  0.0274  0.0097  11 DA B C6    
216 N N6    . DA B 1  ? 0.2732 0.2692 0.3226  0.0587  0.0261  -0.0040 11 DA B N6    
217 N N1    . DA B 1  ? 0.2311 0.2110 0.2143  0.0085  0.0203  -0.0163 11 DA B N1    
218 C C2    . DA B 1  ? 0.2082 0.1439 0.2931  -0.0430 0.0090  -0.0421 11 DA B C2    
219 N N3    . DA B 1  ? 0.2600 0.1428 0.3323  -0.0047 0.0707  -0.0007 11 DA B N3    
220 C C4    . DA B 1  ? 0.2400 0.1729 0.3569  -0.0332 -0.0075 0.0186  11 DA B C4    
221 P P     . DG B 2  ? 0.3674 0.4263 0.2532  -0.0386 0.0708  0.0490  12 DG B P     
222 O OP1   . DG B 2  ? 0.3693 0.5146 0.2243  -0.0854 0.0726  0.0513  12 DG B OP1   
223 O OP2   . DG B 2  ? 0.3572 0.4910 0.4052  -0.0440 0.0507  0.0879  12 DG B OP2   
224 O "O5'" . DG B 2  ? 0.3411 0.4025 0.2150  -0.0804 0.0783  0.0057  12 DG B "O5'" 
225 C "C5'" . DG B 2  ? 0.3842 0.3066 0.2307  -0.0430 0.0892  -0.0208 12 DG B "C5'" 
226 C "C4'" . DG B 2  ? 0.2977 0.3321 0.2766  -0.0724 0.0838  -0.0029 12 DG B "C4'" 
227 O "O4'" . DG B 2  ? 0.2195 0.3678 0.2258  -0.0511 0.0313  0.0147  12 DG B "O4'" 
228 C "C3'" . DG B 2  ? 0.2566 0.3683 0.3598  -0.0473 0.0944  -0.0687 12 DG B "C3'" 
229 O "O3'" . DG B 2  ? 0.3276 0.3213 0.3514  -0.0363 0.1006  -0.0387 12 DG B "O3'" 
230 C "C2'" . DG B 2  ? 0.1961 0.4017 0.4030  -0.0809 0.1396  -0.0539 12 DG B "C2'" 
231 C "C1'" . DG B 2  ? 0.2125 0.3741 0.2870  -0.0617 0.0544  0.0000  12 DG B "C1'" 
232 N N9    . DG B 2  ? 0.2190 0.3322 0.1964  -0.0848 0.0176  0.0032  12 DG B N9    
233 C C8    . DG B 2  ? 0.2947 0.3517 0.2043  -0.0860 0.0363  0.0256  12 DG B C8    
234 N N7    . DG B 2  ? 0.3101 0.2974 0.1501  -0.0607 0.0013  -0.0045 12 DG B N7    
235 C C5    . DG B 2  ? 0.2236 0.2924 0.2041  -0.0688 -0.0189 0.0176  12 DG B C5    
236 C C6    . DG B 2  ? 0.1962 0.2580 0.2928  -0.0783 -0.0557 0.0483  12 DG B C6    
237 O O6    . DG B 2  ? 0.2666 0.2353 0.2019  0.0213  0.0079  -0.0385 12 DG B O6    
238 N N1    . DG B 2  ? 0.1996 0.2254 0.2533  -0.0499 -0.0020 0.0077  12 DG B N1    
239 C C2    . DG B 2  ? 0.1718 0.1601 0.3260  -0.0931 -0.0113 0.0262  12 DG B C2    
240 N N2    . DG B 2  ? 0.2118 0.1929 0.2804  -0.0858 -0.0029 0.0183  12 DG B N2    
241 N N3    . DG B 2  ? 0.1760 0.2645 0.2058  -0.0802 -0.0186 0.0027  12 DG B N3    
242 C C4    . DG B 2  ? 0.1597 0.2717 0.1955  -0.1277 -0.0659 -0.0019 12 DG B C4    
243 P P     . DG B 3  ? 0.4052 0.3967 0.3138  -0.0329 0.0771  -0.0618 13 DG B P     
244 O OP1   . DG B 3  ? 0.4048 0.4608 0.4441  -0.0259 0.0685  -0.1524 13 DG B OP1   
245 O OP2   . DG B 3  ? 0.6770 0.4255 0.2257  0.0331  0.0042  -0.0938 13 DG B OP2   
246 O "O5'" . DG B 3  ? 0.3742 0.3254 0.4761  -0.0645 0.0907  -0.0595 13 DG B "O5'" 
247 C "C5'" . DG B 3  ? 0.2672 0.2955 0.4617  -0.0432 0.1450  -0.0824 13 DG B "C5'" 
248 C "C4'" . DG B 3  ? 0.2035 0.3448 0.3920  -0.0405 0.0841  -0.1011 13 DG B "C4'" 
249 O "O4'" . DG B 3  ? 0.2103 0.3648 0.2875  -0.0131 0.0313  -0.0850 13 DG B "O4'" 
250 C "C3'" . DG B 3  ? 0.2779 0.3328 0.3237  -0.0548 0.0596  -0.0973 13 DG B "C3'" 
251 O "O3'" . DG B 3  ? 0.2700 0.3605 0.3693  0.0092  0.0366  -0.1212 13 DG B "O3'" 
252 C "C2'" . DG B 3  ? 0.1714 0.2072 0.3370  0.0483  0.0132  -0.0025 13 DG B "C2'" 
253 C "C1'" . DG B 3  ? 0.1956 0.2754 0.2602  0.0111  0.0177  -0.0201 13 DG B "C1'" 
254 N N9    . DG B 3  ? 0.2633 0.2256 0.1577  0.0308  0.0885  -0.0525 13 DG B N9    
255 C C8    . DG B 3  ? 0.2220 0.3870 0.0462  -0.0275 -0.0038 -0.0093 13 DG B C8    
256 N N7    . DG B 3  ? 0.2341 0.3172 0.1850  -0.0692 -0.0434 0.0255  13 DG B N7    
257 C C5    . DG B 3  ? 0.2139 0.2408 0.1952  -0.0518 -0.0386 -0.0046 13 DG B C5    
258 C C6    . DG B 3  ? 0.2607 0.2003 0.1365  -0.0182 -0.0003 0.0188  13 DG B C6    
259 O O6    . DG B 3  ? 0.2845 0.2181 0.1859  -0.0282 -0.0589 0.0238  13 DG B O6    
260 N N1    . DG B 3  ? 0.2799 0.3148 0.0137  -0.0382 0.0002  -0.0005 13 DG B N1    
261 C C2    . DG B 3  ? 0.2808 0.5120 -0.0817 0.0316  0.1182  0.1258  13 DG B C2    
262 N N2    . DG B 3  ? 0.4994 0.4306 0.1040  0.0090  0.3737  0.0107  13 DG B N2    
263 N N3    . DG B 3  ? 0.2985 0.3710 0.0216  0.0279  0.0587  -0.0039 13 DG B N3    
264 C C4    . DG B 3  ? 0.2710 0.3121 -0.0531 0.0918  0.0910  -0.0478 13 DG B C4    
265 P P     . DG B 4  ? 0.3098 0.3696 0.4250  0.0366  -0.0086 -0.1804 14 DG B P     
266 O OP1   . DG B 4  ? 0.2969 0.4126 0.8040  0.0261  -0.0253 -0.3359 14 DG B OP1   
267 O OP2   . DG B 4  ? 0.4133 0.4969 0.3388  -0.1099 -0.0325 -0.1557 14 DG B OP2   
268 O "O5'" . DG B 4  ? 0.2899 0.2535 0.4874  0.0546  -0.0463 -0.0674 14 DG B "O5'" 
269 C "C5'" . DG B 4  ? 0.2557 0.2658 0.5547  0.0705  -0.0930 -0.0141 14 DG B "C5'" 
270 C "C4'" . DG B 4  ? 0.2585 0.2869 0.4416  0.0439  -0.0843 -0.0917 14 DG B "C4'" 
271 O "O4'" . DG B 4  ? 0.3511 0.3122 0.4770  0.1064  -0.1698 -0.1272 14 DG B "O4'" 
272 C "C3'" . DG B 4  ? 0.2590 0.2298 0.4713  0.0474  -0.1082 -0.0982 14 DG B "C3'" 
273 O "O3'" . DG B 4  ? 0.2636 0.2323 0.4437  0.0527  -0.0727 -0.1030 14 DG B "O3'" 
274 C "C2'" . DG B 4  ? 0.3186 0.3395 0.4585  0.1254  -0.1406 -0.1757 14 DG B "C2'" 
275 C "C1'" . DG B 4  ? 0.3786 0.3072 0.3602  0.1284  -0.2117 -0.0954 14 DG B "C1'" 
276 N N9    . DG B 4  ? 0.5015 0.3202 0.2625  0.1199  -0.1891 -0.0986 14 DG B N9    
277 C C8    . DG B 4  ? 0.5020 0.3921 0.2887  0.1230  -0.1865 -0.0456 14 DG B C8    
278 N N7    . DG B 4  ? 0.5412 0.2720 0.4182  0.1088  -0.1064 -0.1160 14 DG B N7    
279 C C5    . DG B 4  ? 0.5618 0.2413 0.2663  0.1188  -0.1022 -0.1496 14 DG B C5    
280 C C6    . DG B 4  ? 0.6184 0.3293 0.1591  0.1852  -0.0518 -0.0657 14 DG B C6    
281 O O6    . DG B 4  ? 0.6806 0.3890 0.1217  0.1878  -0.0724 -0.0073 14 DG B O6    
282 N N1    . DG B 4  ? 0.6291 0.3887 -0.0237 0.2316  -0.0643 -0.0424 14 DG B N1    
283 C C2    . DG B 4  ? 0.5963 0.2923 0.3033  0.1887  -0.0361 -0.0474 14 DG B C2    
284 N N2    . DG B 4  ? 0.5141 0.4960 -0.0705 0.1665  -0.2212 0.0159  14 DG B N2    
285 N N3    . DG B 4  ? 0.5275 0.2904 0.2384  0.1303  -0.1657 -0.0728 14 DG B N3    
286 C C4    . DG B 4  ? 0.5470 0.2602 0.3237  0.1353  -0.1192 -0.0992 14 DG B C4    
287 P P     . DG B 5  ? 0.2888 0.2371 0.3797  -0.0197 -0.0007 -0.0818 15 DG B P     
288 O OP1   . DG B 5  ? 0.2646 0.2592 0.5090  -0.0668 0.0371  -0.1552 15 DG B OP1   
289 O OP2   . DG B 5  ? 0.3942 0.2570 0.4431  0.0081  0.1698  -0.0920 15 DG B OP2   
290 O "O5'" . DG B 5  ? 0.2924 0.2533 0.2198  -0.0080 -0.0291 -0.0105 15 DG B "O5'" 
291 C "C5'" . DG B 5  ? 0.3632 0.3054 0.1874  0.0537  0.0759  0.0251  15 DG B "C5'" 
292 C "C4'" . DG B 5  ? 0.3695 0.2998 0.1818  0.0499  0.0809  -0.0265 15 DG B "C4'" 
293 O "O4'" . DG B 5  ? 0.4138 0.2658 0.2157  0.0818  -0.0332 0.0127  15 DG B "O4'" 
294 C "C3'" . DG B 5  ? 0.3708 0.2119 0.2559  -0.0175 -0.0013 -0.0001 15 DG B "C3'" 
295 O "O3'" . DG B 5  ? 0.3890 0.1933 0.2896  -0.0164 0.0180  -0.0083 15 DG B "O3'" 
296 C "C2'" . DG B 5  ? 0.3575 0.2343 0.1506  -0.0380 0.0156  -0.0314 15 DG B "C2'" 
297 C "C1'" . DG B 5  ? 0.3080 0.2441 0.1363  -0.0149 -0.0377 0.0306  15 DG B "C1'" 
298 N N9    . DG B 5  ? 0.2796 0.2462 0.2437  -0.0363 -0.0509 0.0372  15 DG B N9    
299 C C8    . DG B 5  ? 0.2905 0.3038 0.2405  0.0055  -0.0308 0.1171  15 DG B C8    
300 N N7    . DG B 5  ? 0.2866 0.2656 0.2024  -0.0241 -0.0381 0.0498  15 DG B N7    
301 C C5    . DG B 5  ? 0.3012 0.2489 0.2973  -0.0212 -0.0195 0.0554  15 DG B C5    
302 C C6    . DG B 5  ? 0.3478 0.2447 0.1108  0.0041  0.0363  0.0149  15 DG B C6    
303 O O6    . DG B 5  ? 0.3422 0.2265 0.2147  -0.0255 -0.0049 0.0002  15 DG B O6    
304 N N1    . DG B 5  ? 0.3473 0.2298 0.1830  0.0045  0.0323  -0.0394 15 DG B N1    
305 C C2    . DG B 5  ? 0.2919 0.2416 0.1737  -0.0148 -0.0260 -0.0605 15 DG B C2    
306 N N2    . DG B 5  ? 0.2969 0.3212 0.1758  0.0154  -0.0330 -0.0975 15 DG B N2    
307 N N3    . DG B 5  ? 0.3342 0.2423 0.2179  -0.0012 0.0532  -0.0301 15 DG B N3    
308 C C4    . DG B 5  ? 0.3288 0.2533 0.1699  0.0072  0.0425  0.0389  15 DG B C4    
309 P P     . DC B 6  ? 0.3008 0.2840 0.3057  -0.0356 -0.0062 -0.0557 16 DC B P     
310 O OP1   . DC B 6  ? 0.5001 0.2662 0.3338  -0.0651 0.0628  -0.0731 16 DC B OP1   
311 O OP2   . DC B 6  ? 0.3204 0.2738 0.3880  0.0326  0.0922  -0.0474 16 DC B OP2   
312 O "O5'" . DC B 6  ? 0.2911 0.2963 0.2543  -0.0239 -0.0159 -0.0871 16 DC B "O5'" 
313 C "C5'" . DC B 6  ? 0.3189 0.2184 0.2340  -0.0132 0.0416  0.0227  16 DC B "C5'" 
314 C "C4'" . DC B 6  ? 0.3424 0.2072 0.2159  0.0086  -0.0092 -0.0712 16 DC B "C4'" 
315 O "O4'" . DC B 6  ? 0.4523 0.1953 0.2200  -0.1049 -0.0177 -0.0169 16 DC B "O4'" 
316 C "C3'" . DC B 6  ? 0.3365 0.2213 0.2251  0.0409  -0.0573 -0.0258 16 DC B "C3'" 
317 O "O3'" . DC B 6  ? 0.4102 0.2150 0.2453  0.0316  -0.0876 -0.0417 16 DC B "O3'" 
318 C "C2'" . DC B 6  ? 0.2398 0.2258 0.2315  0.0130  -0.0062 -0.0532 16 DC B "C2'" 
319 C "C1'" . DC B 6  ? 0.3192 0.2207 0.1861  -0.0692 0.0251  -0.0090 16 DC B "C1'" 
320 N N1    . DC B 6  ? 0.2849 0.2030 0.2197  -0.0411 -0.0225 0.0189  16 DC B N1    
321 C C2    . DC B 6  ? 0.2378 0.2108 0.1632  -0.0183 0.0643  0.0237  16 DC B C2    
322 O O2    . DC B 6  ? 0.2436 0.2589 0.2205  0.0005  -0.0274 -0.0108 16 DC B O2    
323 N N3    . DC B 6  ? 0.2429 0.1731 0.1971  -0.0108 0.1249  -0.0711 16 DC B N3    
324 C C4    . DC B 6  ? 0.2444 0.2002 0.1949  0.0049  0.0756  -0.0561 16 DC B C4    
325 N N4    . DC B 6  ? 0.2294 0.2495 0.1892  0.0060  0.0775  -0.0161 16 DC B N4    
326 C C5    . DC B 6  ? 0.2833 0.2267 0.1625  0.0058  -0.0683 0.0044  16 DC B C5    
327 C C6    . DC B 6  ? 0.3120 0.2190 0.1460  -0.0146 -0.0696 0.0772  16 DC B C6    
328 P P     . DC B 7  ? 0.3439 0.2689 0.2528  -0.0741 -0.0793 -0.0338 17 DC B P     
329 O OP1   . DC B 7  ? 0.4409 0.2977 0.2704  -0.1047 -0.1368 -0.0337 17 DC B OP1   
330 O OP2   . DC B 7  ? 0.3433 0.3076 0.3242  -0.0022 -0.0959 -0.0858 17 DC B OP2   
331 O "O5'" . DC B 7  ? 0.2452 0.2872 0.2843  -0.0752 -0.0141 0.0111  17 DC B "O5'" 
332 C "C5'" . DC B 7  ? 0.2264 0.2834 0.2153  -0.1420 -0.0799 0.0110  17 DC B "C5'" 
333 C "C4'" . DC B 7  ? 0.3006 0.3001 0.1876  -0.0539 -0.0445 -0.0021 17 DC B "C4'" 
334 O "O4'" . DC B 7  ? 0.2213 0.2646 0.2143  -0.0484 0.0123  -0.0256 17 DC B "O4'" 
335 C "C3'" . DC B 7  ? 0.3348 0.2948 0.1851  -0.1023 -0.0535 0.0120  17 DC B "C3'" 
336 O "O3'" . DC B 7  ? 0.3820 0.3007 0.1866  -0.1141 -0.0458 -0.0146 17 DC B "O3'" 
337 C "C2'" . DC B 7  ? 0.3201 0.3102 0.1822  -0.1054 -0.0121 -0.0380 17 DC B "C2'" 
338 C "C1'" . DC B 7  ? 0.2407 0.3163 0.1755  -0.0697 -0.0095 0.0009  17 DC B "C1'" 
339 N N1    . DC B 7  ? 0.2358 0.2414 0.2355  -0.0438 -0.0130 0.0670  17 DC B N1    
340 C C2    . DC B 7  ? 0.1992 0.2000 0.2762  -0.0008 -0.0143 0.0091  17 DC B C2    
341 O O2    . DC B 7  ? 0.2002 0.2203 0.2085  0.0099  -0.0086 0.0001  17 DC B O2    
342 N N3    . DC B 7  ? 0.1844 0.1767 0.2140  0.0102  0.0215  -0.0353 17 DC B N3    
343 C C4    . DC B 7  ? 0.2087 0.2019 0.1822  0.0067  -0.0248 -0.0337 17 DC B C4    
344 N N4    . DC B 7  ? 0.2045 0.2716 0.1810  0.0087  -0.0255 -0.0482 17 DC B N4    
345 C C5    . DC B 7  ? 0.3077 0.2113 0.1102  -0.0181 -0.0963 0.0146  17 DC B C5    
346 C C6    . DC B 7  ? 0.3208 0.2008 0.0669  -0.0577 -0.0904 0.0129  17 DC B C6    
347 P P     . DC B 8  ? 0.4592 0.2877 0.1792  -0.0827 -0.0375 0.0050  18 DC B P     
348 O OP1   . DC B 8  ? 0.8126 0.2336 0.2243  -0.1687 -0.1709 -0.0144 18 DC B OP1   
349 O OP2   . DC B 8  ? 0.6546 0.2129 0.2579  0.0310  0.0023  0.0058  18 DC B OP2   
350 O "O5'" . DC B 8  ? 0.3251 0.2118 0.2157  0.0239  -0.0019 -0.0116 18 DC B "O5'" 
351 C "C5'" . DC B 8  ? 0.1663 0.1884 0.3584  0.0196  0.0084  -0.0756 18 DC B "C5'" 
352 C "C4'" . DC B 8  ? 0.2383 0.2115 0.2406  -0.0032 -0.0164 0.0036  18 DC B "C4'" 
353 O "O4'" . DC B 8  ? 0.2728 0.2864 0.2579  -0.0829 -0.0154 -0.0201 18 DC B "O4'" 
354 C "C3'" . DC B 8  ? 0.1905 0.2696 0.2580  -0.0207 -0.0394 -0.0273 18 DC B "C3'" 
355 O "O3'" . DC B 8  ? 0.2294 0.3129 0.2473  -0.0186 -0.0124 0.0232  18 DC B "O3'" 
356 C "C2'" . DC B 8  ? 0.2668 0.1756 0.2753  -0.0065 0.0204  -0.0246 18 DC B "C2'" 
357 C "C1'" . DC B 8  ? 0.2672 0.1672 0.2688  -0.0307 0.0135  -0.0330 18 DC B "C1'" 
358 N N1    . DC B 8  ? 0.2504 0.2251 0.2887  -0.0304 0.0407  0.0249  18 DC B N1    
359 C C2    . DC B 8  ? 0.2385 0.2342 0.2213  -0.0240 0.0580  -0.0058 18 DC B C2    
360 O O2    . DC B 8  ? 0.2879 0.2352 0.2347  -0.0550 -0.0356 0.0062  18 DC B O2    
361 N N3    . DC B 8  ? 0.2826 0.2054 0.1567  -0.0024 0.0306  -0.0701 18 DC B N3    
362 C C4    . DC B 8  ? 0.1746 0.1991 0.3085  0.0281  0.1185  -0.0675 18 DC B C4    
363 N N4    . DC B 8  ? 0.1958 0.1925 0.2633  -0.0395 0.0749  -0.0145 18 DC B N4    
364 C C5    . DC B 8  ? 0.1415 0.2216 0.3811  0.0224  0.1138  -0.0169 18 DC B C5    
365 C C6    . DC B 8  ? 0.1706 0.2298 0.2501  0.0029  0.1300  0.0285  18 DC B C6    
366 P P     . DC B 9  ? 0.3452 0.2651 0.2669  -0.0690 0.0273  -0.0308 19 DC B P     
367 O OP1   . DC B 9  ? 0.3217 0.4499 0.2639  -0.1094 0.0309  -0.0398 19 DC B OP1   
368 O OP2   . DC B 9  ? 0.4176 0.2155 0.3067  -0.0654 0.0736  -0.0647 19 DC B OP2   
369 O "O5'" . DC B 9  ? 0.2808 0.2082 0.2250  -0.0124 0.0400  -0.0392 19 DC B "O5'" 
370 C "C5'" . DC B 9  ? 0.1825 0.2068 0.3292  0.0070  -0.0108 -0.0736 19 DC B "C5'" 
371 C "C4'" . DC B 9  ? 0.2275 0.2371 0.2314  -0.0365 0.0050  -0.0795 19 DC B "C4'" 
372 O "O4'" . DC B 9  ? 0.2372 0.1668 0.2368  -0.0206 0.0153  -0.0482 19 DC B "O4'" 
373 C "C3'" . DC B 9  ? 0.2064 0.2366 0.2251  -0.0245 -0.0006 -0.0223 19 DC B "C3'" 
374 O "O3'" . DC B 9  ? 0.2612 0.2274 0.2358  -0.0090 0.0163  -0.0081 19 DC B "O3'" 
375 C "C2'" . DC B 9  ? 0.2247 0.1654 0.2539  -0.0300 0.0024  -0.0265 19 DC B "C2'" 
376 C "C1'" . DC B 9  ? 0.2349 0.1941 0.2253  0.0200  0.0088  -0.0636 19 DC B "C1'" 
377 N N1    . DC B 9  ? 0.2796 0.1955 0.1930  -0.0095 -0.0282 -0.0556 19 DC B N1    
378 C C2    . DC B 9  ? 0.2539 0.2636 0.0455  -0.0378 0.0372  0.0518  19 DC B C2    
379 O O2    . DC B 9  ? 0.2692 0.1964 0.2038  -0.0189 0.0021  -0.0063 19 DC B O2    
380 N N3    . DC B 9  ? 0.3041 0.1887 0.1506  0.0291  0.0183  -0.0094 19 DC B N3    
381 C C4    . DC B 9  ? 0.4083 0.2203 0.1129  -0.0299 -0.0879 0.0217  19 DC B C4    
382 N N4    . DC B 9  ? 0.3920 0.2682 0.1599  -0.0040 0.0061  0.0970  19 DC B N4    
383 C C5    . DC B 9  ? 0.3776 0.2529 0.1146  -0.0368 -0.0352 -0.0066 19 DC B C5    
384 C C6    . DC B 9  ? 0.2217 0.2191 0.1671  0.0147  0.0502  -0.0434 19 DC B C6    
385 P P     . DT B 10 ? 0.2928 0.2656 0.2315  0.0349  0.0197  -0.0023 20 DT B P     
386 O OP1   . DT B 10 ? 0.3045 0.4432 0.2347  0.0648  0.0175  0.0484  20 DT B OP1   
387 O OP2   . DT B 10 ? 0.4530 0.2642 0.2163  -0.0066 0.0074  -0.0888 20 DT B OP2   
388 O "O5'" . DT B 10 ? 0.2803 0.2418 0.2093  0.0283  0.0354  0.0168  20 DT B "O5'" 
389 C "C5'" . DT B 10 ? 0.2745 0.2174 0.2879  0.0611  0.0140  0.0363  20 DT B "C5'" 
390 C "C4'" . DT B 10 ? 0.2584 0.2251 0.2564  0.0451  0.0610  0.0247  20 DT B "C4'" 
391 O "O4'" . DT B 10 ? 0.2343 0.2422 0.2333  -0.0018 0.0351  -0.0200 20 DT B "O4'" 
392 C "C3'" . DT B 10 ? 0.2730 0.2246 0.2490  0.0102  0.0595  -0.0237 20 DT B "C3'" 
393 O "O3'" . DT B 10 ? 0.2893 0.3027 0.2101  -0.0201 0.0303  -0.0402 20 DT B "O3'" 
394 C "C2'" . DT B 10 ? 0.2862 0.2252 0.2991  0.0702  0.0738  0.0350  20 DT B "C2'" 
395 C "C1'" . DT B 10 ? 0.2619 0.2468 0.2714  0.0136  0.0374  0.0478  20 DT B "C1'" 
396 N N1    . DT B 10 ? 0.3922 0.2057 0.1958  -0.0407 -0.0429 -0.0092 20 DT B N1    
397 C C2    . DT B 10 ? 0.4556 0.1942 0.1656  -0.0272 -0.0858 -0.0385 20 DT B C2    
398 O O2    . DT B 10 ? 0.3894 0.1951 0.3082  0.0062  -0.0673 0.0589  20 DT B O2    
399 N N3    . DT B 10 ? 0.4339 0.2027 0.3182  -0.0415 -0.1343 -0.0007 20 DT B N3    
400 C C4    . DT B 10 ? 0.3007 0.1149 0.4181  0.0954  0.0288  -0.0666 20 DT B C4    
401 O O4    . DT B 10 ? 0.3345 0.1445 0.3307  0.0508  0.0126  -0.0681 20 DT B O4    
402 C C5    . DT B 10 ? 0.3270 0.1123 0.2594  0.0213  0.0071  -0.1075 20 DT B C5    
403 C C7    . DT B 10 ? 0.4529 0.3012 0.1777  -0.1391 -0.0012 -0.1135 20 DT B C7    
404 C C6    . DT B 10 ? 0.3194 0.1085 0.2873  0.0413  0.0315  -0.0944 20 DT B C6    
# 
